data_8IDH
# 
_entry.id   8IDH 
# 
_audit_conform.dict_name       mmcif_pdbx.dic 
_audit_conform.dict_version    5.398 
_audit_conform.dict_location   http://mmcif.pdb.org/dictionaries/ascii/mmcif_pdbx.dic 
# 
loop_
_database_2.database_id 
_database_2.database_code 
_database_2.pdbx_database_accession 
_database_2.pdbx_DOI 
PDB   8IDH         pdb_00008idh 10.2210/pdb8idh/pdb 
WWPDB D_1300035422 ?            ?                   
# 
loop_
_pdbx_audit_revision_history.ordinal 
_pdbx_audit_revision_history.data_content_type 
_pdbx_audit_revision_history.major_revision 
_pdbx_audit_revision_history.minor_revision 
_pdbx_audit_revision_history.revision_date 
1 'Structure model' 1 0 2023-10-04 
2 'Structure model' 1 1 2024-11-20 
# 
_pdbx_audit_revision_details.ordinal             1 
_pdbx_audit_revision_details.revision_ordinal    1 
_pdbx_audit_revision_details.data_content_type   'Structure model' 
_pdbx_audit_revision_details.provider            repository 
_pdbx_audit_revision_details.type                'Initial release' 
_pdbx_audit_revision_details.description         ? 
_pdbx_audit_revision_details.details             ? 
# 
_pdbx_audit_revision_group.ordinal             1 
_pdbx_audit_revision_group.revision_ordinal    2 
_pdbx_audit_revision_group.data_content_type   'Structure model' 
_pdbx_audit_revision_group.group               'Structure summary' 
# 
loop_
_pdbx_audit_revision_category.ordinal 
_pdbx_audit_revision_category.revision_ordinal 
_pdbx_audit_revision_category.data_content_type 
_pdbx_audit_revision_category.category 
1 2 'Structure model' pdbx_entry_details        
2 2 'Structure model' pdbx_modification_feature 
# 
_pdbx_audit_revision_item.ordinal             1 
_pdbx_audit_revision_item.revision_ordinal    2 
_pdbx_audit_revision_item.data_content_type   'Structure model' 
_pdbx_audit_revision_item.item                '_pdbx_entry_details.has_protein_modification' 
# 
_pdbx_database_status.status_code                     REL 
_pdbx_database_status.status_code_sf                  REL 
_pdbx_database_status.status_code_mr                  ? 
_pdbx_database_status.entry_id                        8IDH 
_pdbx_database_status.recvd_initial_deposition_date   2023-02-13 
_pdbx_database_status.SG_entry                        N 
_pdbx_database_status.deposit_site                    PDBJ 
_pdbx_database_status.process_site                    PDBJ 
_pdbx_database_status.status_code_cs                  ? 
_pdbx_database_status.status_code_nmr_data            ? 
_pdbx_database_status.methods_development_category    ? 
_pdbx_database_status.pdb_format_compatible           Y 
# 
loop_
_pdbx_contact_author.id 
_pdbx_contact_author.email 
_pdbx_contact_author.name_first 
_pdbx_contact_author.name_last 
_pdbx_contact_author.name_mi 
_pdbx_contact_author.role 
_pdbx_contact_author.identifier_ORCID 
4 chenxuetao3@163.com Xuetao Chen ? 'principal investigator/group leader' 0000-0003-4137-3949 
5 caody@simm.ac.cn    DANYAN CAO  ? 'principal investigator/group leader' 0000-0002-7716-1000 
# 
loop_
_audit_author.name 
_audit_author.pdbx_ordinal 
_audit_author.identifier_ORCID 
'Cao, D.'    1 ? 
'Zhiyan, D.' 2 ? 
'Xiong, B.'  3 ? 
# 
_citation.abstract                  ? 
_citation.abstract_id_CAS           ? 
_citation.book_id_ISBN              ? 
_citation.book_publisher            ? 
_citation.book_publisher_city       ? 
_citation.book_title                ? 
_citation.coordinate_linkage        ? 
_citation.country                   US 
_citation.database_id_Medline       ? 
_citation.details                   ? 
_citation.id                        primary 
_citation.journal_abbrev            J.Med.Chem. 
_citation.journal_id_ASTM           JMCMAR 
_citation.journal_id_CSD            0151 
_citation.journal_id_ISSN           0022-2623 
_citation.journal_full              ? 
_citation.journal_issue             ? 
_citation.journal_volume            66 
_citation.language                  ? 
_citation.page_first                8725 
_citation.page_last                 8744 
_citation.title                     
;Discovery of 1 H -Imidazo[4,5- b ]pyridine Derivatives as Potent and Selective BET Inhibitors for the Management of Neuropathic Pain.
;
_citation.year                      2023 
_citation.database_id_CSD           ? 
_citation.pdbx_database_id_DOI      10.1021/acs.jmedchem.3c00372 
_citation.pdbx_database_id_PubMed   37382379 
_citation.pdbx_database_id_patent   ? 
_citation.unpublished_flag          ? 
# 
loop_
_citation_author.citation_id 
_citation_author.name 
_citation_author.ordinal 
_citation_author.identifier_ORCID 
primary 'Chen, X.'  1  0000-0003-4137-3949 
primary 'Cao, D.'   2  ?                   
primary 'Liu, C.'   3  ?                   
primary 'Meng, F.'  4  ?                   
primary 'Zhang, Z.' 5  ?                   
primary 'Xu, R.'    6  ?                   
primary 'Tong, Y.'  7  ?                   
primary 'Xin, Y.'   8  ?                   
primary 'Zhang, W.' 9  ?                   
primary 'Kang, W.'  10 ?                   
primary 'Bao, Q.'   11 ?                   
primary 'Shen, J.'  12 ?                   
primary 'Xiong, B.' 13 0000-0001-9776-8136 
primary 'You, Q.'   14 0000-0002-8587-0122 
primary 'Jiang, Z.' 15 0000-0002-1671-1582 
# 
loop_
_entity.id 
_entity.type 
_entity.src_method 
_entity.pdbx_description 
_entity.formula_weight 
_entity.pdbx_number_of_molecules 
_entity.pdbx_ec 
_entity.pdbx_mutation 
_entity.pdbx_fragment 
_entity.details 
1 polymer     man 'Bromodomain-containing protein 4'                                                   13259.451 1  ? ? ? ? 
2 non-polymer syn '7-[2-fluoranyl-3-(1,3,5-trimethylpyrazol-4-yl)phenyl]-1~{H}-imidazo[4,5-b]pyridine' 321.352   1  ? ? ? ? 
3 water       nat water                                                                                18.015    86 ? ? ? ? 
# 
_entity_name_com.entity_id   1 
_entity_name_com.name        'Protein HUNK1' 
# 
_entity_poly.entity_id                      1 
_entity_poly.type                           'polypeptide(L)' 
_entity_poly.nstd_linkage                   no 
_entity_poly.nstd_monomer                   yes 
_entity_poly.pdbx_seq_one_letter_code       
;KVSEQLK(CME)CSGILKEMFAKKHAAYAWPFYKPVDVEALGLHDY(CME)DIIKHPMDMSTIKSKLEAREYRDAQEFGA
DVRLMFSNCYKYNPPDHEVVAMARKLQDVFEMRFAKMPDE
;
_entity_poly.pdbx_seq_one_letter_code_can   
;KVSEQLKCCSGILKEMFAKKHAAYAWPFYKPVDVEALGLHDYCDIIKHPMDMSTIKSKLEAREYRDAQEFGADVRLMFSN
CYKYNPPDHEVVAMARKLQDVFEMRFAKMPDE
;
_entity_poly.pdbx_strand_id                 A 
_entity_poly.pdbx_target_identifier         ? 
# 
loop_
_pdbx_entity_nonpoly.entity_id 
_pdbx_entity_nonpoly.name 
_pdbx_entity_nonpoly.comp_id 
2 '7-[2-fluoranyl-3-(1,3,5-trimethylpyrazol-4-yl)phenyl]-1~{H}-imidazo[4,5-b]pyridine' OWO 
3 water                                                                                HOH 
# 
loop_
_entity_poly_seq.entity_id 
_entity_poly_seq.num 
_entity_poly_seq.mon_id 
_entity_poly_seq.hetero 
1 1   LYS n 
1 2   VAL n 
1 3   SER n 
1 4   GLU n 
1 5   GLN n 
1 6   LEU n 
1 7   LYS n 
1 8   CME n 
1 9   CYS n 
1 10  SER n 
1 11  GLY n 
1 12  ILE n 
1 13  LEU n 
1 14  LYS n 
1 15  GLU n 
1 16  MET n 
1 17  PHE n 
1 18  ALA n 
1 19  LYS n 
1 20  LYS n 
1 21  HIS n 
1 22  ALA n 
1 23  ALA n 
1 24  TYR n 
1 25  ALA n 
1 26  TRP n 
1 27  PRO n 
1 28  PHE n 
1 29  TYR n 
1 30  LYS n 
1 31  PRO n 
1 32  VAL n 
1 33  ASP n 
1 34  VAL n 
1 35  GLU n 
1 36  ALA n 
1 37  LEU n 
1 38  GLY n 
1 39  LEU n 
1 40  HIS n 
1 41  ASP n 
1 42  TYR n 
1 43  CME n 
1 44  ASP n 
1 45  ILE n 
1 46  ILE n 
1 47  LYS n 
1 48  HIS n 
1 49  PRO n 
1 50  MET n 
1 51  ASP n 
1 52  MET n 
1 53  SER n 
1 54  THR n 
1 55  ILE n 
1 56  LYS n 
1 57  SER n 
1 58  LYS n 
1 59  LEU n 
1 60  GLU n 
1 61  ALA n 
1 62  ARG n 
1 63  GLU n 
1 64  TYR n 
1 65  ARG n 
1 66  ASP n 
1 67  ALA n 
1 68  GLN n 
1 69  GLU n 
1 70  PHE n 
1 71  GLY n 
1 72  ALA n 
1 73  ASP n 
1 74  VAL n 
1 75  ARG n 
1 76  LEU n 
1 77  MET n 
1 78  PHE n 
1 79  SER n 
1 80  ASN n 
1 81  CYS n 
1 82  TYR n 
1 83  LYS n 
1 84  TYR n 
1 85  ASN n 
1 86  PRO n 
1 87  PRO n 
1 88  ASP n 
1 89  HIS n 
1 90  GLU n 
1 91  VAL n 
1 92  VAL n 
1 93  ALA n 
1 94  MET n 
1 95  ALA n 
1 96  ARG n 
1 97  LYS n 
1 98  LEU n 
1 99  GLN n 
1 100 ASP n 
1 101 VAL n 
1 102 PHE n 
1 103 GLU n 
1 104 MET n 
1 105 ARG n 
1 106 PHE n 
1 107 ALA n 
1 108 LYS n 
1 109 MET n 
1 110 PRO n 
1 111 ASP n 
1 112 GLU n 
# 
_entity_src_gen.entity_id                          1 
_entity_src_gen.pdbx_src_id                        1 
_entity_src_gen.pdbx_alt_source_flag               sample 
_entity_src_gen.pdbx_seq_type                      'Biological sequence' 
_entity_src_gen.pdbx_beg_seq_num                   1 
_entity_src_gen.pdbx_end_seq_num                   112 
_entity_src_gen.gene_src_common_name               human 
_entity_src_gen.gene_src_genus                     ? 
_entity_src_gen.pdbx_gene_src_gene                 'BRD4, HUNK1' 
_entity_src_gen.gene_src_species                   ? 
_entity_src_gen.gene_src_strain                    ? 
_entity_src_gen.gene_src_tissue                    ? 
_entity_src_gen.gene_src_tissue_fraction           ? 
_entity_src_gen.gene_src_details                   ? 
_entity_src_gen.pdbx_gene_src_fragment             ? 
_entity_src_gen.pdbx_gene_src_scientific_name      'Homo sapiens' 
_entity_src_gen.pdbx_gene_src_ncbi_taxonomy_id     9606 
_entity_src_gen.pdbx_gene_src_variant              ? 
_entity_src_gen.pdbx_gene_src_cell_line            ? 
_entity_src_gen.pdbx_gene_src_atcc                 ? 
_entity_src_gen.pdbx_gene_src_organ                ? 
_entity_src_gen.pdbx_gene_src_organelle            ? 
_entity_src_gen.pdbx_gene_src_cell                 ? 
_entity_src_gen.pdbx_gene_src_cellular_location    ? 
_entity_src_gen.host_org_common_name               ? 
_entity_src_gen.pdbx_host_org_scientific_name      'Escherichia coli' 
_entity_src_gen.pdbx_host_org_ncbi_taxonomy_id     562 
_entity_src_gen.host_org_genus                     ? 
_entity_src_gen.pdbx_host_org_gene                 ? 
_entity_src_gen.pdbx_host_org_organ                ? 
_entity_src_gen.host_org_species                   ? 
_entity_src_gen.pdbx_host_org_tissue               ? 
_entity_src_gen.pdbx_host_org_tissue_fraction      ? 
_entity_src_gen.pdbx_host_org_strain               ? 
_entity_src_gen.pdbx_host_org_variant              ? 
_entity_src_gen.pdbx_host_org_cell_line            ? 
_entity_src_gen.pdbx_host_org_atcc                 ? 
_entity_src_gen.pdbx_host_org_culture_collection   ? 
_entity_src_gen.pdbx_host_org_cell                 ? 
_entity_src_gen.pdbx_host_org_organelle            ? 
_entity_src_gen.pdbx_host_org_cellular_location    ? 
_entity_src_gen.pdbx_host_org_vector_type          ? 
_entity_src_gen.pdbx_host_org_vector               ? 
_entity_src_gen.host_org_details                   ? 
_entity_src_gen.expression_system_id               ? 
_entity_src_gen.plasmid_name                       ? 
_entity_src_gen.plasmid_details                    ? 
_entity_src_gen.pdbx_description                   ? 
# 
loop_
_chem_comp.id 
_chem_comp.type 
_chem_comp.mon_nstd_flag 
_chem_comp.name 
_chem_comp.pdbx_synonyms 
_chem_comp.formula 
_chem_comp.formula_weight 
ALA 'L-peptide linking' y ALANINE                                                                              ? 'C3 H7 N O2'     
89.093  
ARG 'L-peptide linking' y ARGININE                                                                             ? 'C6 H15 N4 O2 1' 
175.209 
ASN 'L-peptide linking' y ASPARAGINE                                                                           ? 'C4 H8 N2 O3'    
132.118 
ASP 'L-peptide linking' y 'ASPARTIC ACID'                                                                      ? 'C4 H7 N O4'     
133.103 
CME 'L-peptide linking' n 'S,S-(2-HYDROXYETHYL)THIOCYSTEINE'                                                   ? 'C5 H11 N O3 S2' 
197.276 
CYS 'L-peptide linking' y CYSTEINE                                                                             ? 'C3 H7 N O2 S'   
121.158 
GLN 'L-peptide linking' y GLUTAMINE                                                                            ? 'C5 H10 N2 O3'   
146.144 
GLU 'L-peptide linking' y 'GLUTAMIC ACID'                                                                      ? 'C5 H9 N O4'     
147.129 
GLY 'peptide linking'   y GLYCINE                                                                              ? 'C2 H5 N O2'     
75.067  
HIS 'L-peptide linking' y HISTIDINE                                                                            ? 'C6 H10 N3 O2 1' 
156.162 
HOH non-polymer         . WATER                                                                                ? 'H2 O'           
18.015  
ILE 'L-peptide linking' y ISOLEUCINE                                                                           ? 'C6 H13 N O2'    
131.173 
LEU 'L-peptide linking' y LEUCINE                                                                              ? 'C6 H13 N O2'    
131.173 
LYS 'L-peptide linking' y LYSINE                                                                               ? 'C6 H15 N2 O2 1' 
147.195 
MET 'L-peptide linking' y METHIONINE                                                                           ? 'C5 H11 N O2 S'  
149.211 
OWO non-polymer         . '7-[2-fluoranyl-3-(1,3,5-trimethylpyrazol-4-yl)phenyl]-1~{H}-imidazo[4,5-b]pyridine' ? 'C18 H16 F N5'   
321.352 
PHE 'L-peptide linking' y PHENYLALANINE                                                                        ? 'C9 H11 N O2'    
165.189 
PRO 'L-peptide linking' y PROLINE                                                                              ? 'C5 H9 N O2'     
115.130 
SER 'L-peptide linking' y SERINE                                                                               ? 'C3 H7 N O3'     
105.093 
THR 'L-peptide linking' y THREONINE                                                                            ? 'C4 H9 N O3'     
119.119 
TRP 'L-peptide linking' y TRYPTOPHAN                                                                           ? 'C11 H12 N2 O2'  
204.225 
TYR 'L-peptide linking' y TYROSINE                                                                             ? 'C9 H11 N O3'    
181.189 
VAL 'L-peptide linking' y VALINE                                                                               ? 'C5 H11 N O2'    
117.146 
# 
loop_
_pdbx_poly_seq_scheme.asym_id 
_pdbx_poly_seq_scheme.entity_id 
_pdbx_poly_seq_scheme.seq_id 
_pdbx_poly_seq_scheme.mon_id 
_pdbx_poly_seq_scheme.ndb_seq_num 
_pdbx_poly_seq_scheme.pdb_seq_num 
_pdbx_poly_seq_scheme.auth_seq_num 
_pdbx_poly_seq_scheme.pdb_mon_id 
_pdbx_poly_seq_scheme.auth_mon_id 
_pdbx_poly_seq_scheme.pdb_strand_id 
_pdbx_poly_seq_scheme.pdb_ins_code 
_pdbx_poly_seq_scheme.hetero 
A 1 1   LYS 1   349 349 LYS LYS A . n 
A 1 2   VAL 2   350 350 VAL VAL A . n 
A 1 3   SER 3   351 351 SER SER A . n 
A 1 4   GLU 4   352 352 GLU GLU A . n 
A 1 5   GLN 5   353 353 GLN GLN A . n 
A 1 6   LEU 6   354 354 LEU LEU A . n 
A 1 7   LYS 7   355 355 LYS LYS A . n 
A 1 8   CME 8   356 356 CME CME A . n 
A 1 9   CYS 9   357 357 CYS CYS A . n 
A 1 10  SER 10  358 358 SER SER A . n 
A 1 11  GLY 11  359 359 GLY GLY A . n 
A 1 12  ILE 12  360 360 ILE ILE A . n 
A 1 13  LEU 13  361 361 LEU LEU A . n 
A 1 14  LYS 14  362 362 LYS LYS A . n 
A 1 15  GLU 15  363 363 GLU GLU A . n 
A 1 16  MET 16  364 364 MET MET A . n 
A 1 17  PHE 17  365 365 PHE PHE A . n 
A 1 18  ALA 18  366 366 ALA ALA A . n 
A 1 19  LYS 19  367 367 LYS LYS A . n 
A 1 20  LYS 20  368 368 LYS LYS A . n 
A 1 21  HIS 21  369 369 HIS HIS A . n 
A 1 22  ALA 22  370 370 ALA ALA A . n 
A 1 23  ALA 23  371 371 ALA ALA A . n 
A 1 24  TYR 24  372 372 TYR TYR A . n 
A 1 25  ALA 25  373 373 ALA ALA A . n 
A 1 26  TRP 26  374 374 TRP TRP A . n 
A 1 27  PRO 27  375 375 PRO PRO A . n 
A 1 28  PHE 28  376 376 PHE PHE A . n 
A 1 29  TYR 29  377 377 TYR TYR A . n 
A 1 30  LYS 30  378 378 LYS LYS A . n 
A 1 31  PRO 31  379 379 PRO PRO A . n 
A 1 32  VAL 32  380 380 VAL VAL A . n 
A 1 33  ASP 33  381 381 ASP ASP A . n 
A 1 34  VAL 34  382 382 VAL VAL A . n 
A 1 35  GLU 35  383 383 GLU GLU A . n 
A 1 36  ALA 36  384 384 ALA ALA A . n 
A 1 37  LEU 37  385 385 LEU LEU A . n 
A 1 38  GLY 38  386 386 GLY GLY A . n 
A 1 39  LEU 39  387 387 LEU LEU A . n 
A 1 40  HIS 40  388 388 HIS HIS A . n 
A 1 41  ASP 41  389 389 ASP ASP A . n 
A 1 42  TYR 42  390 390 TYR TYR A . n 
A 1 43  CME 43  391 391 CME CME A . n 
A 1 44  ASP 44  392 392 ASP ASP A . n 
A 1 45  ILE 45  393 393 ILE ILE A . n 
A 1 46  ILE 46  394 394 ILE ILE A . n 
A 1 47  LYS 47  395 395 LYS LYS A . n 
A 1 48  HIS 48  396 396 HIS HIS A . n 
A 1 49  PRO 49  397 397 PRO PRO A . n 
A 1 50  MET 50  398 398 MET MET A . n 
A 1 51  ASP 51  399 399 ASP ASP A . n 
A 1 52  MET 52  400 400 MET MET A . n 
A 1 53  SER 53  401 401 SER SER A . n 
A 1 54  THR 54  402 402 THR THR A . n 
A 1 55  ILE 55  403 403 ILE ILE A . n 
A 1 56  LYS 56  404 404 LYS LYS A . n 
A 1 57  SER 57  405 405 SER SER A . n 
A 1 58  LYS 58  406 406 LYS LYS A . n 
A 1 59  LEU 59  407 407 LEU LEU A . n 
A 1 60  GLU 60  408 408 GLU GLU A . n 
A 1 61  ALA 61  409 409 ALA ALA A . n 
A 1 62  ARG 62  410 410 ARG ARG A . n 
A 1 63  GLU 63  411 411 GLU GLU A . n 
A 1 64  TYR 64  412 412 TYR TYR A . n 
A 1 65  ARG 65  413 413 ARG ARG A . n 
A 1 66  ASP 66  414 414 ASP ASP A . n 
A 1 67  ALA 67  415 415 ALA ALA A . n 
A 1 68  GLN 68  416 416 GLN GLN A . n 
A 1 69  GLU 69  417 417 GLU GLU A . n 
A 1 70  PHE 70  418 418 PHE PHE A . n 
A 1 71  GLY 71  419 419 GLY GLY A . n 
A 1 72  ALA 72  420 420 ALA ALA A . n 
A 1 73  ASP 73  421 421 ASP ASP A . n 
A 1 74  VAL 74  422 422 VAL VAL A . n 
A 1 75  ARG 75  423 423 ARG ARG A . n 
A 1 76  LEU 76  424 424 LEU LEU A . n 
A 1 77  MET 77  425 425 MET MET A . n 
A 1 78  PHE 78  426 426 PHE PHE A . n 
A 1 79  SER 79  427 427 SER SER A . n 
A 1 80  ASN 80  428 428 ASN ASN A . n 
A 1 81  CYS 81  429 429 CYS CYS A . n 
A 1 82  TYR 82  430 430 TYR TYR A . n 
A 1 83  LYS 83  431 431 LYS LYS A . n 
A 1 84  TYR 84  432 432 TYR TYR A . n 
A 1 85  ASN 85  433 433 ASN ASN A . n 
A 1 86  PRO 86  434 434 PRO PRO A . n 
A 1 87  PRO 87  435 435 PRO PRO A . n 
A 1 88  ASP 88  436 436 ASP ASP A . n 
A 1 89  HIS 89  437 437 HIS HIS A . n 
A 1 90  GLU 90  438 438 GLU GLU A . n 
A 1 91  VAL 91  439 439 VAL VAL A . n 
A 1 92  VAL 92  440 440 VAL VAL A . n 
A 1 93  ALA 93  441 441 ALA ALA A . n 
A 1 94  MET 94  442 442 MET MET A . n 
A 1 95  ALA 95  443 443 ALA ALA A . n 
A 1 96  ARG 96  444 444 ARG ARG A . n 
A 1 97  LYS 97  445 445 LYS LYS A . n 
A 1 98  LEU 98  446 446 LEU LEU A . n 
A 1 99  GLN 99  447 447 GLN GLN A . n 
A 1 100 ASP 100 448 448 ASP ASP A . n 
A 1 101 VAL 101 449 449 VAL VAL A . n 
A 1 102 PHE 102 450 450 PHE PHE A . n 
A 1 103 GLU 103 451 451 GLU GLU A . n 
A 1 104 MET 104 452 452 MET MET A . n 
A 1 105 ARG 105 453 453 ARG ARG A . n 
A 1 106 PHE 106 454 454 PHE PHE A . n 
A 1 107 ALA 107 455 455 ALA ALA A . n 
A 1 108 LYS 108 456 456 LYS LYS A . n 
A 1 109 MET 109 457 457 MET MET A . n 
A 1 110 PRO 110 458 458 PRO PRO A . n 
A 1 111 ASP 111 459 459 ASP ASP A . n 
A 1 112 GLU 112 460 460 GLU GLU A . n 
# 
loop_
_pdbx_entity_instance_feature.ordinal 
_pdbx_entity_instance_feature.comp_id 
_pdbx_entity_instance_feature.asym_id 
_pdbx_entity_instance_feature.seq_num 
_pdbx_entity_instance_feature.auth_comp_id 
_pdbx_entity_instance_feature.auth_asym_id 
_pdbx_entity_instance_feature.auth_seq_num 
_pdbx_entity_instance_feature.feature_type 
_pdbx_entity_instance_feature.details 
1 CME ? ? CME ? ? 'SUBJECT OF INVESTIGATION' ? 
2 OWO ? ? OWO ? ? 'SUBJECT OF INVESTIGATION' ? 
# 
loop_
_pdbx_nonpoly_scheme.asym_id 
_pdbx_nonpoly_scheme.entity_id 
_pdbx_nonpoly_scheme.mon_id 
_pdbx_nonpoly_scheme.ndb_seq_num 
_pdbx_nonpoly_scheme.pdb_seq_num 
_pdbx_nonpoly_scheme.auth_seq_num 
_pdbx_nonpoly_scheme.pdb_mon_id 
_pdbx_nonpoly_scheme.auth_mon_id 
_pdbx_nonpoly_scheme.pdb_strand_id 
_pdbx_nonpoly_scheme.pdb_ins_code 
B 2 OWO 1  501 501 OWO LIG A . 
C 3 HOH 1  601 40  HOH HOH A . 
C 3 HOH 2  602 22  HOH HOH A . 
C 3 HOH 3  603 60  HOH HOH A . 
C 3 HOH 4  604 18  HOH HOH A . 
C 3 HOH 5  605 87  HOH HOH A . 
C 3 HOH 6  606 73  HOH HOH A . 
C 3 HOH 7  607 81  HOH HOH A . 
C 3 HOH 8  608 34  HOH HOH A . 
C 3 HOH 9  609 71  HOH HOH A . 
C 3 HOH 10 610 59  HOH HOH A . 
C 3 HOH 11 611 3   HOH HOH A . 
C 3 HOH 12 612 70  HOH HOH A . 
C 3 HOH 13 613 49  HOH HOH A . 
C 3 HOH 14 614 2   HOH HOH A . 
C 3 HOH 15 615 11  HOH HOH A . 
C 3 HOH 16 616 10  HOH HOH A . 
C 3 HOH 17 617 37  HOH HOH A . 
C 3 HOH 18 618 44  HOH HOH A . 
C 3 HOH 19 619 12  HOH HOH A . 
C 3 HOH 20 620 29  HOH HOH A . 
C 3 HOH 21 621 69  HOH HOH A . 
C 3 HOH 22 622 21  HOH HOH A . 
C 3 HOH 23 623 64  HOH HOH A . 
C 3 HOH 24 624 33  HOH HOH A . 
C 3 HOH 25 625 32  HOH HOH A . 
C 3 HOH 26 626 35  HOH HOH A . 
C 3 HOH 27 627 36  HOH HOH A . 
C 3 HOH 28 628 4   HOH HOH A . 
C 3 HOH 29 629 20  HOH HOH A . 
C 3 HOH 30 630 58  HOH HOH A . 
C 3 HOH 31 631 23  HOH HOH A . 
C 3 HOH 32 632 39  HOH HOH A . 
C 3 HOH 33 633 82  HOH HOH A . 
C 3 HOH 34 634 54  HOH HOH A . 
C 3 HOH 35 635 9   HOH HOH A . 
C 3 HOH 36 636 42  HOH HOH A . 
C 3 HOH 37 637 67  HOH HOH A . 
C 3 HOH 38 638 88  HOH HOH A . 
C 3 HOH 39 639 25  HOH HOH A . 
C 3 HOH 40 640 5   HOH HOH A . 
C 3 HOH 41 641 72  HOH HOH A . 
C 3 HOH 42 642 41  HOH HOH A . 
C 3 HOH 43 643 56  HOH HOH A . 
C 3 HOH 44 644 52  HOH HOH A . 
C 3 HOH 45 645 8   HOH HOH A . 
C 3 HOH 46 646 16  HOH HOH A . 
C 3 HOH 47 647 14  HOH HOH A . 
C 3 HOH 48 648 6   HOH HOH A . 
C 3 HOH 49 649 17  HOH HOH A . 
C 3 HOH 50 650 83  HOH HOH A . 
C 3 HOH 51 651 13  HOH HOH A . 
C 3 HOH 52 652 76  HOH HOH A . 
C 3 HOH 53 653 19  HOH HOH A . 
C 3 HOH 54 654 27  HOH HOH A . 
C 3 HOH 55 655 45  HOH HOH A . 
C 3 HOH 56 656 28  HOH HOH A . 
C 3 HOH 57 657 38  HOH HOH A . 
C 3 HOH 58 658 78  HOH HOH A . 
C 3 HOH 59 659 63  HOH HOH A . 
C 3 HOH 60 660 43  HOH HOH A . 
C 3 HOH 61 661 57  HOH HOH A . 
C 3 HOH 62 662 7   HOH HOH A . 
C 3 HOH 63 663 30  HOH HOH A . 
C 3 HOH 64 664 66  HOH HOH A . 
C 3 HOH 65 665 15  HOH HOH A . 
C 3 HOH 66 666 91  HOH HOH A . 
C 3 HOH 67 667 47  HOH HOH A . 
C 3 HOH 68 668 24  HOH HOH A . 
C 3 HOH 69 669 55  HOH HOH A . 
C 3 HOH 70 670 51  HOH HOH A . 
C 3 HOH 71 671 61  HOH HOH A . 
C 3 HOH 72 672 90  HOH HOH A . 
C 3 HOH 73 673 85  HOH HOH A . 
C 3 HOH 74 674 1   HOH HOH A . 
C 3 HOH 75 675 65  HOH HOH A . 
C 3 HOH 76 676 74  HOH HOH A . 
C 3 HOH 77 677 77  HOH HOH A . 
C 3 HOH 78 678 75  HOH HOH A . 
C 3 HOH 79 679 46  HOH HOH A . 
C 3 HOH 80 680 48  HOH HOH A . 
C 3 HOH 81 681 53  HOH HOH A . 
C 3 HOH 82 682 86  HOH HOH A . 
C 3 HOH 83 683 68  HOH HOH A . 
C 3 HOH 84 684 50  HOH HOH A . 
C 3 HOH 85 685 26  HOH HOH A . 
C 3 HOH 86 686 80  HOH HOH A . 
# 
loop_
_pdbx_unobs_or_zero_occ_atoms.id 
_pdbx_unobs_or_zero_occ_atoms.PDB_model_num 
_pdbx_unobs_or_zero_occ_atoms.polymer_flag 
_pdbx_unobs_or_zero_occ_atoms.occupancy_flag 
_pdbx_unobs_or_zero_occ_atoms.auth_asym_id 
_pdbx_unobs_or_zero_occ_atoms.auth_comp_id 
_pdbx_unobs_or_zero_occ_atoms.auth_seq_id 
_pdbx_unobs_or_zero_occ_atoms.PDB_ins_code 
_pdbx_unobs_or_zero_occ_atoms.auth_atom_id 
_pdbx_unobs_or_zero_occ_atoms.label_alt_id 
_pdbx_unobs_or_zero_occ_atoms.label_asym_id 
_pdbx_unobs_or_zero_occ_atoms.label_comp_id 
_pdbx_unobs_or_zero_occ_atoms.label_seq_id 
_pdbx_unobs_or_zero_occ_atoms.label_atom_id 
1  1 Y 1 A LYS 367 ? CD  ? A LYS 19 CD  
2  1 Y 1 A LYS 367 ? CE  ? A LYS 19 CE  
3  1 Y 1 A LYS 367 ? NZ  ? A LYS 19 NZ  
4  1 Y 1 A GLU 383 ? CG  ? A GLU 35 CG  
5  1 Y 1 A GLU 383 ? CD  ? A GLU 35 CD  
6  1 Y 1 A GLU 383 ? OE1 ? A GLU 35 OE1 
7  1 Y 1 A GLU 383 ? OE2 ? A GLU 35 OE2 
8  1 Y 1 A LYS 395 ? CG  ? A LYS 47 CG  
9  1 Y 1 A LYS 395 ? CD  ? A LYS 47 CD  
10 1 Y 1 A LYS 395 ? CE  ? A LYS 47 CE  
11 1 Y 1 A LYS 395 ? NZ  ? A LYS 47 NZ  
# 
loop_
_software.citation_id 
_software.classification 
_software.compiler_name 
_software.compiler_version 
_software.contact_author 
_software.contact_author_email 
_software.date 
_software.description 
_software.dependencies 
_software.hardware 
_software.language 
_software.location 
_software.mods 
_software.name 
_software.os 
_software.os_version 
_software.type 
_software.version 
_software.pdbx_ordinal 
? refinement        ? ? ? ? ? ? ? ? ? ? ? PHENIX   ? ? ? '(1.19.2_4158: ???)' 1 
? 'data scaling'    ? ? ? ? ? ? ? ? ? ? ? Aimless  ? ? ? 7.1.012              2 
? phasing           ? ? ? ? ? ? ? ? ? ? ? PHENIX   ? ? ? 1.19.2               3 
? 'data collection' ? ? ? ? ? ? ? ? ? ? ? HKL-3000 ? ? ? 7.21                 4 
# 
_cell.angle_alpha                  90.00 
_cell.angle_alpha_esd              ? 
_cell.angle_beta                   90.00 
_cell.angle_beta_esd               ? 
_cell.angle_gamma                  90.00 
_cell.angle_gamma_esd              ? 
_cell.entry_id                     8IDH 
_cell.details                      ? 
_cell.formula_units_Z              ? 
_cell.length_a                     52.591 
_cell.length_a_esd                 ? 
_cell.length_b                     71.929 
_cell.length_b_esd                 ? 
_cell.length_c                     32.044 
_cell.length_c_esd                 ? 
_cell.volume                       ? 
_cell.volume_esd                   ? 
_cell.Z_PDB                        4 
_cell.reciprocal_angle_alpha       ? 
_cell.reciprocal_angle_beta        ? 
_cell.reciprocal_angle_gamma       ? 
_cell.reciprocal_angle_alpha_esd   ? 
_cell.reciprocal_angle_beta_esd    ? 
_cell.reciprocal_angle_gamma_esd   ? 
_cell.reciprocal_length_a          ? 
_cell.reciprocal_length_b          ? 
_cell.reciprocal_length_c          ? 
_cell.reciprocal_length_a_esd      ? 
_cell.reciprocal_length_b_esd      ? 
_cell.reciprocal_length_c_esd      ? 
_cell.pdbx_unique_axis             ? 
_cell.pdbx_esd_method              ? 
# 
_symmetry.entry_id                         8IDH 
_symmetry.cell_setting                     ? 
_symmetry.Int_Tables_number                18 
_symmetry.space_group_name_Hall            ? 
_symmetry.space_group_name_H-M             'P 21 21 2' 
_symmetry.pdbx_full_space_group_name_H-M   ? 
# 
_exptl.absorpt_coefficient_mu     ? 
_exptl.absorpt_correction_T_max   ? 
_exptl.absorpt_correction_T_min   ? 
_exptl.absorpt_correction_type    ? 
_exptl.absorpt_process_details    ? 
_exptl.entry_id                   8IDH 
_exptl.crystals_number            1 
_exptl.details                    ? 
_exptl.method                     'X-RAY DIFFRACTION' 
_exptl.method_details             ? 
# 
_exptl_crystal.colour                       ? 
_exptl_crystal.density_diffrn               ? 
_exptl_crystal.density_Matthews             2.29 
_exptl_crystal.density_method               ? 
_exptl_crystal.density_percent_sol          46.18 
_exptl_crystal.description                  ? 
_exptl_crystal.F_000                        ? 
_exptl_crystal.id                           1 
_exptl_crystal.preparation                  ? 
_exptl_crystal.size_max                     ? 
_exptl_crystal.size_mid                     ? 
_exptl_crystal.size_min                     ? 
_exptl_crystal.size_rad                     ? 
_exptl_crystal.colour_lustre                ? 
_exptl_crystal.colour_modifier              ? 
_exptl_crystal.colour_primary               ? 
_exptl_crystal.density_meas                 ? 
_exptl_crystal.density_meas_esd             ? 
_exptl_crystal.density_meas_gt              ? 
_exptl_crystal.density_meas_lt              ? 
_exptl_crystal.density_meas_temp            ? 
_exptl_crystal.density_meas_temp_esd        ? 
_exptl_crystal.density_meas_temp_gt         ? 
_exptl_crystal.density_meas_temp_lt         ? 
_exptl_crystal.pdbx_crystal_image_url       ? 
_exptl_crystal.pdbx_crystal_image_format    ? 
_exptl_crystal.pdbx_mosaicity               ? 
_exptl_crystal.pdbx_mosaicity_esd           ? 
_exptl_crystal.pdbx_mosaic_method           ? 
_exptl_crystal.pdbx_mosaic_block_size       ? 
_exptl_crystal.pdbx_mosaic_block_size_esd   ? 
# 
_exptl_crystal_grow.apparatus       ? 
_exptl_crystal_grow.atmosphere      ? 
_exptl_crystal_grow.crystal_id      1 
_exptl_crystal_grow.details         ? 
_exptl_crystal_grow.method          'VAPOR DIFFUSION, HANGING DROP' 
_exptl_crystal_grow.method_ref      ? 
_exptl_crystal_grow.pH              5.5 
_exptl_crystal_grow.pressure        ? 
_exptl_crystal_grow.pressure_esd    ? 
_exptl_crystal_grow.seeding         ? 
_exptl_crystal_grow.seeding_ref     ? 
_exptl_crystal_grow.temp_details    ? 
_exptl_crystal_grow.temp_esd        ? 
_exptl_crystal_grow.time            ? 
_exptl_crystal_grow.pdbx_details    '0.2M NaCl,0.1M bistris,18-28%PEG3350' 
_exptl_crystal_grow.pdbx_pH_range   ? 
_exptl_crystal_grow.temp            289 
# 
_diffrn.ambient_environment              ? 
_diffrn.ambient_temp                     100 
_diffrn.ambient_temp_details             ? 
_diffrn.ambient_temp_esd                 ? 
_diffrn.crystal_id                       1 
_diffrn.crystal_support                  ? 
_diffrn.crystal_treatment                ? 
_diffrn.details                          ? 
_diffrn.id                               1 
_diffrn.ambient_pressure                 ? 
_diffrn.ambient_pressure_esd             ? 
_diffrn.ambient_pressure_gt              ? 
_diffrn.ambient_pressure_lt              ? 
_diffrn.ambient_temp_gt                  ? 
_diffrn.ambient_temp_lt                  ? 
_diffrn.pdbx_serial_crystal_experiment   N 
# 
_diffrn_detector.details                      ? 
_diffrn_detector.detector                     PIXEL 
_diffrn_detector.diffrn_id                    1 
_diffrn_detector.type                         'DECTRIS EIGER2 S 9M' 
_diffrn_detector.area_resol_mean              ? 
_diffrn_detector.dtime                        ? 
_diffrn_detector.pdbx_frames_total            ? 
_diffrn_detector.pdbx_collection_time_total   ? 
_diffrn_detector.pdbx_collection_date         2021-07-24 
_diffrn_detector.pdbx_frequency               ? 
_diffrn_detector.id                           ? 
_diffrn_detector.number_of_axes               ? 
# 
_diffrn_radiation.collimation                      ? 
_diffrn_radiation.diffrn_id                        1 
_diffrn_radiation.filter_edge                      ? 
_diffrn_radiation.inhomogeneity                    ? 
_diffrn_radiation.monochromator                    Si111 
_diffrn_radiation.polarisn_norm                    ? 
_diffrn_radiation.polarisn_ratio                   ? 
_diffrn_radiation.probe                            ? 
_diffrn_radiation.type                             ? 
_diffrn_radiation.xray_symbol                      ? 
_diffrn_radiation.wavelength_id                    1 
_diffrn_radiation.pdbx_monochromatic_or_laue_m_l   M 
_diffrn_radiation.pdbx_wavelength_list             ? 
_diffrn_radiation.pdbx_wavelength                  ? 
_diffrn_radiation.pdbx_diffrn_protocol             'SINGLE WAVELENGTH' 
_diffrn_radiation.pdbx_analyzer                    ? 
_diffrn_radiation.pdbx_scattering_type             x-ray 
# 
_diffrn_radiation_wavelength.id           1 
_diffrn_radiation_wavelength.wavelength   0.9792 
_diffrn_radiation_wavelength.wt           1.0 
# 
_diffrn_source.current                     ? 
_diffrn_source.details                     ? 
_diffrn_source.diffrn_id                   1 
_diffrn_source.power                       ? 
_diffrn_source.size                        ? 
_diffrn_source.source                      SYNCHROTRON 
_diffrn_source.target                      ? 
_diffrn_source.type                        'SSRF BEAMLINE BL02U1' 
_diffrn_source.voltage                     ? 
_diffrn_source.take-off_angle              ? 
_diffrn_source.pdbx_wavelength_list        0.9792 
_diffrn_source.pdbx_wavelength             ? 
_diffrn_source.pdbx_synchrotron_beamline   BL02U1 
_diffrn_source.pdbx_synchrotron_site       SSRF 
# 
_reflns.B_iso_Wilson_estimate                          ? 
_reflns.entry_id                                       8IDH 
_reflns.data_reduction_details                         ? 
_reflns.data_reduction_method                          ? 
_reflns.d_resolution_high                              1.57 
_reflns.d_resolution_low                               42.45 
_reflns.details                                        ? 
_reflns.limit_h_max                                    ? 
_reflns.limit_h_min                                    ? 
_reflns.limit_k_max                                    ? 
_reflns.limit_k_min                                    ? 
_reflns.limit_l_max                                    ? 
_reflns.limit_l_min                                    ? 
_reflns.number_all                                     ? 
_reflns.number_obs                                     27468 
_reflns.observed_criterion                             ? 
_reflns.observed_criterion_F_max                       ? 
_reflns.observed_criterion_F_min                       ? 
_reflns.observed_criterion_I_max                       ? 
_reflns.observed_criterion_I_min                       ? 
_reflns.observed_criterion_sigma_F                     ? 
_reflns.observed_criterion_sigma_I                     ? 
_reflns.percent_possible_obs                           88.8 
_reflns.R_free_details                                 ? 
_reflns.Rmerge_F_all                                   ? 
_reflns.Rmerge_F_obs                                   ? 
_reflns.Friedel_coverage                               ? 
_reflns.number_gt                                      ? 
_reflns.threshold_expression                           ? 
_reflns.pdbx_redundancy                                4.9 
_reflns.pdbx_netI_over_av_sigmaI                       ? 
_reflns.pdbx_netI_over_sigmaI                          11.2 
_reflns.pdbx_res_netI_over_av_sigmaI_2                 ? 
_reflns.pdbx_res_netI_over_sigmaI_2                    ? 
_reflns.pdbx_chi_squared                               0.81 
_reflns.pdbx_scaling_rejects                           ? 
_reflns.pdbx_d_res_high_opt                            ? 
_reflns.pdbx_d_res_low_opt                             ? 
_reflns.pdbx_d_res_opt_method                          ? 
_reflns.phase_calculation_details                      ? 
_reflns.pdbx_Rrim_I_all                                0.129 
_reflns.pdbx_Rpim_I_all                                0.055 
_reflns.pdbx_d_opt                                     ? 
_reflns.pdbx_number_measured_all                       ? 
_reflns.pdbx_diffrn_id                                 1 
_reflns.pdbx_ordinal                                   1 
_reflns.pdbx_CC_half                                   0.995 
_reflns.pdbx_CC_star                                   ? 
_reflns.pdbx_R_split                                   ? 
_reflns.pdbx_Rmerge_I_obs                              0.116 
_reflns.pdbx_Rmerge_I_all                              ? 
_reflns.pdbx_Rsym_value                                ? 
_reflns.pdbx_CC_split_method                           ? 
_reflns.pdbx_aniso_diffraction_limit_axis_1_ortho[1]   ? 
_reflns.pdbx_aniso_diffraction_limit_axis_1_ortho[2]   ? 
_reflns.pdbx_aniso_diffraction_limit_axis_1_ortho[3]   ? 
_reflns.pdbx_aniso_diffraction_limit_axis_2_ortho[1]   ? 
_reflns.pdbx_aniso_diffraction_limit_axis_2_ortho[2]   ? 
_reflns.pdbx_aniso_diffraction_limit_axis_2_ortho[3]   ? 
_reflns.pdbx_aniso_diffraction_limit_axis_3_ortho[1]   ? 
_reflns.pdbx_aniso_diffraction_limit_axis_3_ortho[2]   ? 
_reflns.pdbx_aniso_diffraction_limit_axis_3_ortho[3]   ? 
_reflns.pdbx_aniso_diffraction_limit_1                 ? 
_reflns.pdbx_aniso_diffraction_limit_2                 ? 
_reflns.pdbx_aniso_diffraction_limit_3                 ? 
_reflns.pdbx_aniso_B_tensor_eigenvector_1_ortho[1]     ? 
_reflns.pdbx_aniso_B_tensor_eigenvector_1_ortho[2]     ? 
_reflns.pdbx_aniso_B_tensor_eigenvector_1_ortho[3]     ? 
_reflns.pdbx_aniso_B_tensor_eigenvector_2_ortho[1]     ? 
_reflns.pdbx_aniso_B_tensor_eigenvector_2_ortho[2]     ? 
_reflns.pdbx_aniso_B_tensor_eigenvector_2_ortho[3]     ? 
_reflns.pdbx_aniso_B_tensor_eigenvector_3_ortho[1]     ? 
_reflns.pdbx_aniso_B_tensor_eigenvector_3_ortho[2]     ? 
_reflns.pdbx_aniso_B_tensor_eigenvector_3_ortho[3]     ? 
_reflns.pdbx_aniso_B_tensor_eigenvalue_1               ? 
_reflns.pdbx_aniso_B_tensor_eigenvalue_2               ? 
_reflns.pdbx_aniso_B_tensor_eigenvalue_3               ? 
_reflns.pdbx_orthogonalization_convention              ? 
_reflns.pdbx_percent_possible_ellipsoidal              ? 
_reflns.pdbx_percent_possible_spherical                ? 
_reflns.pdbx_percent_possible_ellipsoidal_anomalous    ? 
_reflns.pdbx_percent_possible_spherical_anomalous      ? 
_reflns.pdbx_redundancy_anomalous                      ? 
_reflns.pdbx_CC_half_anomalous                         ? 
_reflns.pdbx_absDiff_over_sigma_anomalous              ? 
_reflns.pdbx_percent_possible_anomalous                ? 
_reflns.pdbx_observed_signal_threshold                 ? 
_reflns.pdbx_signal_type                               ? 
_reflns.pdbx_signal_details                            ? 
_reflns.pdbx_signal_software_id                        ? 
# 
_reflns_shell.d_res_high                                    1.57 
_reflns_shell.d_res_low                                     1.66 
_reflns_shell.meanI_over_sigI_all                           ? 
_reflns_shell.meanI_over_sigI_obs                           ? 
_reflns_shell.number_measured_all                           2599 
_reflns_shell.number_measured_obs                           ? 
_reflns_shell.number_possible                               ? 
_reflns_shell.number_unique_all                             ? 
_reflns_shell.number_unique_obs                             1261 
_reflns_shell.percent_possible_obs                          50.8 
_reflns_shell.Rmerge_F_all                                  ? 
_reflns_shell.Rmerge_F_obs                                  ? 
_reflns_shell.meanI_over_sigI_gt                            ? 
_reflns_shell.meanI_over_uI_all                             ? 
_reflns_shell.meanI_over_uI_gt                              ? 
_reflns_shell.number_measured_gt                            ? 
_reflns_shell.number_unique_gt                              ? 
_reflns_shell.percent_possible_gt                           ? 
_reflns_shell.Rmerge_F_gt                                   ? 
_reflns_shell.Rmerge_I_gt                                   ? 
_reflns_shell.pdbx_redundancy                               2.1 
_reflns_shell.pdbx_chi_squared                              0.76 
_reflns_shell.pdbx_netI_over_sigmaI_all                     ? 
_reflns_shell.pdbx_netI_over_sigmaI_obs                     3.1 
_reflns_shell.pdbx_Rrim_I_all                               0.570 
_reflns_shell.pdbx_Rpim_I_all                               0.325 
_reflns_shell.pdbx_rejects                                  ? 
_reflns_shell.pdbx_ordinal                                  1 
_reflns_shell.pdbx_diffrn_id                                1 
_reflns_shell.pdbx_CC_half                                  0.785 
_reflns_shell.pdbx_CC_star                                  ? 
_reflns_shell.pdbx_R_split                                  ? 
_reflns_shell.percent_possible_all                          ? 
_reflns_shell.Rmerge_I_all                                  ? 
_reflns_shell.Rmerge_I_obs                                  0.462 
_reflns_shell.pdbx_Rsym_value                               ? 
_reflns_shell.pdbx_percent_possible_ellipsoidal             ? 
_reflns_shell.pdbx_percent_possible_spherical               ? 
_reflns_shell.pdbx_percent_possible_ellipsoidal_anomalous   ? 
_reflns_shell.pdbx_percent_possible_spherical_anomalous     ? 
_reflns_shell.pdbx_redundancy_anomalous                     ? 
_reflns_shell.pdbx_CC_half_anomalous                        ? 
_reflns_shell.pdbx_absDiff_over_sigma_anomalous             ? 
_reflns_shell.pdbx_percent_possible_anomalous               ? 
# 
_refine.aniso_B[1][1]                            ? 
_refine.aniso_B[1][2]                            ? 
_refine.aniso_B[1][3]                            ? 
_refine.aniso_B[2][2]                            ? 
_refine.aniso_B[2][3]                            ? 
_refine.aniso_B[3][3]                            ? 
_refine.B_iso_max                                ? 
_refine.B_iso_mean                               ? 
_refine.B_iso_min                                ? 
_refine.correlation_coeff_Fo_to_Fc               ? 
_refine.correlation_coeff_Fo_to_Fc_free          ? 
_refine.details                                  ? 
_refine.diff_density_max                         ? 
_refine.diff_density_max_esd                     ? 
_refine.diff_density_min                         ? 
_refine.diff_density_min_esd                     ? 
_refine.diff_density_rms                         ? 
_refine.diff_density_rms_esd                     ? 
_refine.entry_id                                 8IDH 
_refine.pdbx_refine_id                           'X-RAY DIFFRACTION' 
_refine.ls_abs_structure_details                 ? 
_refine.ls_abs_structure_Flack                   ? 
_refine.ls_abs_structure_Flack_esd               ? 
_refine.ls_abs_structure_Rogers                  ? 
_refine.ls_abs_structure_Rogers_esd              ? 
_refine.ls_d_res_high                            1.57 
_refine.ls_d_res_low                             18.03 
_refine.ls_extinction_coef                       ? 
_refine.ls_extinction_coef_esd                   ? 
_refine.ls_extinction_expression                 ? 
_refine.ls_extinction_method                     ? 
_refine.ls_goodness_of_fit_all                   ? 
_refine.ls_goodness_of_fit_all_esd               ? 
_refine.ls_goodness_of_fit_obs                   ? 
_refine.ls_goodness_of_fit_obs_esd               ? 
_refine.ls_hydrogen_treatment                    ? 
_refine.ls_matrix_type                           ? 
_refine.ls_number_constraints                    ? 
_refine.ls_number_parameters                     ? 
_refine.ls_number_reflns_all                     ? 
_refine.ls_number_reflns_obs                     27468 
_refine.ls_number_reflns_R_free                  2763 
_refine.ls_number_reflns_R_work                  ? 
_refine.ls_number_restraints                     ? 
_refine.ls_percent_reflns_obs                    84.28 
_refine.ls_percent_reflns_R_free                 10.06 
_refine.ls_R_factor_all                          ? 
_refine.ls_R_factor_obs                          0.2245 
_refine.ls_R_factor_R_free                       0.2524 
_refine.ls_R_factor_R_free_error                 ? 
_refine.ls_R_factor_R_free_error_details         ? 
_refine.ls_R_factor_R_work                       0.2214 
_refine.ls_R_Fsqd_factor_obs                     ? 
_refine.ls_R_I_factor_obs                        ? 
_refine.ls_redundancy_reflns_all                 ? 
_refine.ls_redundancy_reflns_obs                 ? 
_refine.ls_restrained_S_all                      ? 
_refine.ls_restrained_S_obs                      ? 
_refine.ls_shift_over_esd_max                    ? 
_refine.ls_shift_over_esd_mean                   ? 
_refine.ls_structure_factor_coef                 ? 
_refine.ls_weighting_details                     ? 
_refine.ls_weighting_scheme                      ? 
_refine.ls_wR_factor_all                         ? 
_refine.ls_wR_factor_obs                         ? 
_refine.ls_wR_factor_R_free                      ? 
_refine.ls_wR_factor_R_work                      ? 
_refine.occupancy_max                            ? 
_refine.occupancy_min                            ? 
_refine.solvent_model_details                    'FLAT BULK SOLVENT MODEL' 
_refine.solvent_model_param_bsol                 ? 
_refine.solvent_model_param_ksol                 ? 
_refine.pdbx_R_complete                          ? 
_refine.ls_R_factor_gt                           ? 
_refine.ls_goodness_of_fit_gt                    ? 
_refine.ls_goodness_of_fit_ref                   ? 
_refine.ls_shift_over_su_max                     ? 
_refine.ls_shift_over_su_max_lt                  ? 
_refine.ls_shift_over_su_mean                    ? 
_refine.ls_shift_over_su_mean_lt                 ? 
_refine.pdbx_ls_sigma_I                          ? 
_refine.pdbx_ls_sigma_F                          1.34 
_refine.pdbx_ls_sigma_Fsqd                       ? 
_refine.pdbx_data_cutoff_high_absF               ? 
_refine.pdbx_data_cutoff_high_rms_absF           ? 
_refine.pdbx_data_cutoff_low_absF                ? 
_refine.pdbx_isotropic_thermal_model             ? 
_refine.pdbx_ls_cross_valid_method               THROUGHOUT 
_refine.pdbx_method_to_determine_struct          'MOLECULAR REPLACEMENT' 
_refine.pdbx_starting_model                      ? 
_refine.pdbx_stereochemistry_target_values       ML 
_refine.pdbx_R_Free_selection_details            ? 
_refine.pdbx_stereochem_target_val_spec_case     ? 
_refine.pdbx_overall_ESU_R                       ? 
_refine.pdbx_overall_ESU_R_Free                  ? 
_refine.pdbx_solvent_vdw_probe_radii             1.11 
_refine.pdbx_solvent_ion_probe_radii             ? 
_refine.pdbx_solvent_shrinkage_radii             0.90 
_refine.pdbx_real_space_R                        ? 
_refine.pdbx_density_correlation                 ? 
_refine.pdbx_pd_number_of_powder_patterns        ? 
_refine.pdbx_pd_number_of_points                 ? 
_refine.pdbx_pd_meas_number_of_points            ? 
_refine.pdbx_pd_proc_ls_prof_R_factor            ? 
_refine.pdbx_pd_proc_ls_prof_wR_factor           ? 
_refine.pdbx_pd_Marquardt_correlation_coeff      ? 
_refine.pdbx_pd_Fsqrd_R_factor                   ? 
_refine.pdbx_pd_ls_matrix_band_width             ? 
_refine.pdbx_overall_phase_error                 27.47 
_refine.pdbx_overall_SU_R_free_Cruickshank_DPI   ? 
_refine.pdbx_overall_SU_R_free_Blow_DPI          ? 
_refine.pdbx_overall_SU_R_Blow_DPI               ? 
_refine.pdbx_TLS_residual_ADP_flag               ? 
_refine.pdbx_diffrn_id                           1 
_refine.overall_SU_B                             ? 
_refine.overall_SU_ML                            0.17 
_refine.overall_SU_R_Cruickshank_DPI             ? 
_refine.overall_SU_R_free                        ? 
_refine.overall_FOM_free_R_set                   ? 
_refine.overall_FOM_work_R_set                   ? 
_refine.pdbx_average_fsc_overall                 ? 
_refine.pdbx_average_fsc_work                    ? 
_refine.pdbx_average_fsc_free                    ? 
# 
_refine_hist.pdbx_refine_id                   'X-RAY DIFFRACTION' 
_refine_hist.cycle_id                         LAST 
_refine_hist.details                          ? 
_refine_hist.d_res_high                       1.57 
_refine_hist.d_res_low                        18.03 
_refine_hist.number_atoms_solvent             86 
_refine_hist.number_atoms_total               1021 
_refine_hist.number_reflns_all                ? 
_refine_hist.number_reflns_obs                ? 
_refine_hist.number_reflns_R_free             ? 
_refine_hist.number_reflns_R_work             ? 
_refine_hist.R_factor_all                     ? 
_refine_hist.R_factor_obs                     ? 
_refine_hist.R_factor_R_free                  ? 
_refine_hist.R_factor_R_work                  ? 
_refine_hist.pdbx_number_residues_total       ? 
_refine_hist.pdbx_B_iso_mean_ligand           ? 
_refine_hist.pdbx_B_iso_mean_solvent          ? 
_refine_hist.pdbx_number_atoms_protein        911 
_refine_hist.pdbx_number_atoms_nucleic_acid   0 
_refine_hist.pdbx_number_atoms_ligand         24 
_refine_hist.pdbx_number_atoms_lipid          ? 
_refine_hist.pdbx_number_atoms_carb           ? 
_refine_hist.pdbx_pseudo_atom_details         ? 
# 
loop_
_refine_ls_restr.pdbx_refine_id 
_refine_ls_restr.criterion 
_refine_ls_restr.dev_ideal 
_refine_ls_restr.dev_ideal_target 
_refine_ls_restr.number 
_refine_ls_restr.rejects 
_refine_ls_restr.type 
_refine_ls_restr.weight 
_refine_ls_restr.pdbx_restraint_function 
'X-RAY DIFFRACTION' ? 0.008  ? 967  ? f_bond_d           ? ? 
'X-RAY DIFFRACTION' ? 1.236  ? 1304 ? f_angle_d          ? ? 
'X-RAY DIFFRACTION' ? 10.229 ? 130  ? f_dihedral_angle_d ? ? 
'X-RAY DIFFRACTION' ? 0.061  ? 129  ? f_chiral_restr     ? ? 
'X-RAY DIFFRACTION' ? 0.009  ? 166  ? f_plane_restr      ? ? 
# 
loop_
_refine_ls_shell.pdbx_refine_id 
_refine_ls_shell.d_res_high 
_refine_ls_shell.d_res_low 
_refine_ls_shell.number_reflns_all 
_refine_ls_shell.number_reflns_obs 
_refine_ls_shell.number_reflns_R_free 
_refine_ls_shell.number_reflns_R_work 
_refine_ls_shell.percent_reflns_obs 
_refine_ls_shell.percent_reflns_R_free 
_refine_ls_shell.R_factor_all 
_refine_ls_shell.R_factor_obs 
_refine_ls_shell.R_factor_R_free_error 
_refine_ls_shell.R_factor_R_work 
_refine_ls_shell.redundancy_reflns_all 
_refine_ls_shell.redundancy_reflns_obs 
_refine_ls_shell.wR_factor_all 
_refine_ls_shell.wR_factor_obs 
_refine_ls_shell.wR_factor_R_free 
_refine_ls_shell.wR_factor_R_work 
_refine_ls_shell.pdbx_R_complete 
_refine_ls_shell.pdbx_total_number_of_bins_used 
_refine_ls_shell.pdbx_phase_error 
_refine_ls_shell.pdbx_fsc_work 
_refine_ls_shell.pdbx_fsc_free 
_refine_ls_shell.R_factor_R_free 
'X-RAY DIFFRACTION' 1.57 1.60  . . 52  502  34.00 . . . . 0.3232 . . . . . . . . . . . 0.3751 
'X-RAY DIFFRACTION' 1.60 1.63  . . 56  528  36.00 . . . . 0.3216 . . . . . . . . . . . 0.3985 
'X-RAY DIFFRACTION' 1.63 1.66  . . 77  698  47.00 . . . . 0.3294 . . . . . . . . . . . 0.3733 
'X-RAY DIFFRACTION' 1.66 1.69  . . 93  861  59.00 . . . . 0.2906 . . . . . . . . . . . 0.3578 
'X-RAY DIFFRACTION' 1.69 1.73  . . 106 944  66.00 . . . . 0.2863 . . . . . . . . . . . 0.3069 
'X-RAY DIFFRACTION' 1.73 1.77  . . 124 1153 77.00 . . . . 0.2824 . . . . . . . . . . . 0.3066 
'X-RAY DIFFRACTION' 1.77 1.82  . . 147 1308 89.00 . . . . 0.2580 . . . . . . . . . . . 0.2961 
'X-RAY DIFFRACTION' 1.82 1.86  . . 155 1405 96.00 . . . . 0.2389 . . . . . . . . . . . 0.2999 
'X-RAY DIFFRACTION' 1.86 1.92  . . 161 1406 97.00 . . . . 0.2304 . . . . . . . . . . . 0.2317 
'X-RAY DIFFRACTION' 1.92 1.98  . . 169 1449 99.00 . . . . 0.2148 . . . . . . . . . . . 0.2016 
'X-RAY DIFFRACTION' 1.98 2.05  . . 163 1452 99.00 . . . . 0.2020 . . . . . . . . . . . 0.2503 
'X-RAY DIFFRACTION' 2.05 2.13  . . 166 1447 99.00 . . . . 0.1962 . . . . . . . . . . . 0.2533 
'X-RAY DIFFRACTION' 2.13 2.23  . . 160 1447 99.00 . . . . 0.1991 . . . . . . . . . . . 0.2357 
'X-RAY DIFFRACTION' 2.23 2.35  . . 158 1435 98.00 . . . . 0.2166 . . . . . . . . . . . 0.2344 
'X-RAY DIFFRACTION' 2.35 2.50  . . 165 1440 98.00 . . . . 0.2217 . . . . . . . . . . . 0.2573 
'X-RAY DIFFRACTION' 2.50 2.69  . . 165 1440 98.00 . . . . 0.2127 . . . . . . . . . . . 0.2215 
'X-RAY DIFFRACTION' 2.69 2.96  . . 162 1460 99.00 . . . . 0.2370 . . . . . . . . . . . 0.2517 
'X-RAY DIFFRACTION' 2.96 3.38  . . 164 1411 99.00 . . . . 0.2274 . . . . . . . . . . . 0.2382 
'X-RAY DIFFRACTION' 3.38 4.25  . . 161 1454 99.00 . . . . 0.1929 . . . . . . . . . . . 0.2485 
'X-RAY DIFFRACTION' 4.25 18.03 . . 159 1465 99.00 . . . . 0.2130 . . . . . . . . . . . 0.2467 
# 
_struct.entry_id                     8IDH 
_struct.title                        'Bromodomain and Extra-terminal Domain (BET) BRD4' 
_struct.pdbx_model_details           ? 
_struct.pdbx_formula_weight          ? 
_struct.pdbx_formula_weight_method   ? 
_struct.pdbx_model_type_details      ? 
_struct.pdbx_CASP_flag               N 
# 
_struct_keywords.entry_id        8IDH 
_struct_keywords.text            'binds acetylated lysine residues, DNA BINDING PROTEIN' 
_struct_keywords.pdbx_keywords   'DNA BINDING PROTEIN' 
# 
loop_
_struct_asym.id 
_struct_asym.pdbx_blank_PDB_chainid_flag 
_struct_asym.pdbx_modified 
_struct_asym.entity_id 
_struct_asym.details 
A N N 1 ? 
B N N 2 ? 
C N N 3 ? 
# 
_struct_ref.id                         1 
_struct_ref.db_name                    UNP 
_struct_ref.db_code                    BRD4_HUMAN 
_struct_ref.pdbx_db_accession          O60885 
_struct_ref.pdbx_db_isoform            O60885-2 
_struct_ref.entity_id                  1 
_struct_ref.pdbx_seq_one_letter_code   
;KVSEQLKCCSGILKEMFAKKHAAYAWPFYKPVDVEALGLHDYCDIIKHPMDMSTIKSKLEAREYRDAQEFGADVRLMFSN
CYKYNPPDHEVVAMARKLQDVFEMRFAKMPDE
;
_struct_ref.pdbx_align_begin           349 
# 
_struct_ref_seq.align_id                      1 
_struct_ref_seq.ref_id                        1 
_struct_ref_seq.pdbx_PDB_id_code              8IDH 
_struct_ref_seq.pdbx_strand_id                A 
_struct_ref_seq.seq_align_beg                 1 
_struct_ref_seq.pdbx_seq_align_beg_ins_code   ? 
_struct_ref_seq.seq_align_end                 112 
_struct_ref_seq.pdbx_seq_align_end_ins_code   ? 
_struct_ref_seq.pdbx_db_accession             O60885 
_struct_ref_seq.db_align_beg                  349 
_struct_ref_seq.pdbx_db_align_beg_ins_code    ? 
_struct_ref_seq.db_align_end                  460 
_struct_ref_seq.pdbx_db_align_end_ins_code    ? 
_struct_ref_seq.pdbx_auth_seq_align_beg       349 
_struct_ref_seq.pdbx_auth_seq_align_end       460 
# 
_pdbx_struct_assembly.id                   1 
_pdbx_struct_assembly.details              author_defined_assembly 
_pdbx_struct_assembly.method_details       ? 
_pdbx_struct_assembly.oligomeric_details   monomeric 
_pdbx_struct_assembly.oligomeric_count     1 
# 
_pdbx_struct_assembly_gen.assembly_id       1 
_pdbx_struct_assembly_gen.oper_expression   1 
_pdbx_struct_assembly_gen.asym_id_list      A,B,C 
# 
_pdbx_struct_assembly_auth_evidence.id                     1 
_pdbx_struct_assembly_auth_evidence.assembly_id            1 
_pdbx_struct_assembly_auth_evidence.experimental_support   'gel filtration' 
_pdbx_struct_assembly_auth_evidence.details                ? 
# 
_pdbx_struct_oper_list.id                   1 
_pdbx_struct_oper_list.type                 'identity operation' 
_pdbx_struct_oper_list.name                 1_555 
_pdbx_struct_oper_list.symmetry_operation   x,y,z 
_pdbx_struct_oper_list.matrix[1][1]         1.0000000000 
_pdbx_struct_oper_list.matrix[1][2]         0.0000000000 
_pdbx_struct_oper_list.matrix[1][3]         0.0000000000 
_pdbx_struct_oper_list.vector[1]            0.0000000000 
_pdbx_struct_oper_list.matrix[2][1]         0.0000000000 
_pdbx_struct_oper_list.matrix[2][2]         1.0000000000 
_pdbx_struct_oper_list.matrix[2][3]         0.0000000000 
_pdbx_struct_oper_list.vector[2]            0.0000000000 
_pdbx_struct_oper_list.matrix[3][1]         0.0000000000 
_pdbx_struct_oper_list.matrix[3][2]         0.0000000000 
_pdbx_struct_oper_list.matrix[3][3]         1.0000000000 
_pdbx_struct_oper_list.vector[3]            0.0000000000 
# 
loop_
_struct_conf.conf_type_id 
_struct_conf.id 
_struct_conf.pdbx_PDB_helix_id 
_struct_conf.beg_label_comp_id 
_struct_conf.beg_label_asym_id 
_struct_conf.beg_label_seq_id 
_struct_conf.pdbx_beg_PDB_ins_code 
_struct_conf.end_label_comp_id 
_struct_conf.end_label_asym_id 
_struct_conf.end_label_seq_id 
_struct_conf.pdbx_end_PDB_ins_code 
_struct_conf.beg_auth_comp_id 
_struct_conf.beg_auth_asym_id 
_struct_conf.beg_auth_seq_id 
_struct_conf.end_auth_comp_id 
_struct_conf.end_auth_asym_id 
_struct_conf.end_auth_seq_id 
_struct_conf.pdbx_PDB_helix_class 
_struct_conf.details 
_struct_conf.pdbx_PDB_helix_length 
HELX_P HELX_P1 AA1 LYS A 1  ? PHE A 17  ? LYS A 349 PHE A 365 1 ? 17 
HELX_P HELX_P2 AA2 ALA A 18 ? LYS A 20  ? ALA A 366 LYS A 368 5 ? 3  
HELX_P HELX_P3 AA3 HIS A 21 ? TRP A 26  ? HIS A 369 TRP A 374 1 ? 6  
HELX_P HELX_P4 AA4 PRO A 27 ? TYR A 29  ? PRO A 375 TYR A 377 5 ? 3  
HELX_P HELX_P5 AA5 ASP A 33 ? GLY A 38  ? ASP A 381 GLY A 386 1 ? 6  
HELX_P HELX_P6 AA6 ASP A 41 ? ILE A 46  ? ASP A 389 ILE A 394 1 ? 6  
HELX_P HELX_P7 AA7 ASP A 51 ? ALA A 61  ? ASP A 399 ALA A 409 1 ? 11 
HELX_P HELX_P8 AA8 ASP A 66 ? ASN A 85  ? ASP A 414 ASN A 433 1 ? 20 
HELX_P HELX_P9 AA9 HIS A 89 ? ALA A 107 ? HIS A 437 ALA A 455 1 ? 19 
# 
_struct_conf_type.id          HELX_P 
_struct_conf_type.criteria    ? 
_struct_conf_type.reference   ? 
# 
loop_
_struct_conn.id 
_struct_conn.conn_type_id 
_struct_conn.pdbx_leaving_atom_flag 
_struct_conn.pdbx_PDB_id 
_struct_conn.ptnr1_label_asym_id 
_struct_conn.ptnr1_label_comp_id 
_struct_conn.ptnr1_label_seq_id 
_struct_conn.ptnr1_label_atom_id 
_struct_conn.pdbx_ptnr1_label_alt_id 
_struct_conn.pdbx_ptnr1_PDB_ins_code 
_struct_conn.pdbx_ptnr1_standard_comp_id 
_struct_conn.ptnr1_symmetry 
_struct_conn.ptnr2_label_asym_id 
_struct_conn.ptnr2_label_comp_id 
_struct_conn.ptnr2_label_seq_id 
_struct_conn.ptnr2_label_atom_id 
_struct_conn.pdbx_ptnr2_label_alt_id 
_struct_conn.pdbx_ptnr2_PDB_ins_code 
_struct_conn.ptnr1_auth_asym_id 
_struct_conn.ptnr1_auth_comp_id 
_struct_conn.ptnr1_auth_seq_id 
_struct_conn.ptnr2_auth_asym_id 
_struct_conn.ptnr2_auth_comp_id 
_struct_conn.ptnr2_auth_seq_id 
_struct_conn.ptnr2_symmetry 
_struct_conn.pdbx_ptnr3_label_atom_id 
_struct_conn.pdbx_ptnr3_label_seq_id 
_struct_conn.pdbx_ptnr3_label_comp_id 
_struct_conn.pdbx_ptnr3_label_asym_id 
_struct_conn.pdbx_ptnr3_label_alt_id 
_struct_conn.pdbx_ptnr3_PDB_ins_code 
_struct_conn.details 
_struct_conn.pdbx_dist_value 
_struct_conn.pdbx_value_order 
_struct_conn.pdbx_role 
covale1 covale both ? A LYS 7  C ? ? ? 1_555 A CME 8  N ? ? A LYS 355 A CME 356 1_555 ? ? ? ? ? ? ? 1.330 ? ? 
covale2 covale both ? A CME 8  C ? ? ? 1_555 A CYS 9  N ? ? A CME 356 A CYS 357 1_555 ? ? ? ? ? ? ? 1.328 ? ? 
covale3 covale both ? A TYR 42 C ? ? ? 1_555 A CME 43 N ? ? A TYR 390 A CME 391 1_555 ? ? ? ? ? ? ? 1.330 ? ? 
covale4 covale both ? A CME 43 C ? ? ? 1_555 A ASP 44 N ? ? A CME 391 A ASP 392 1_555 ? ? ? ? ? ? ? 1.330 ? ? 
# 
_struct_conn_type.id          covale 
_struct_conn_type.criteria    ? 
_struct_conn_type.reference   ? 
# 
loop_
_pdbx_modification_feature.ordinal 
_pdbx_modification_feature.label_comp_id 
_pdbx_modification_feature.label_asym_id 
_pdbx_modification_feature.label_seq_id 
_pdbx_modification_feature.label_alt_id 
_pdbx_modification_feature.modified_residue_label_comp_id 
_pdbx_modification_feature.modified_residue_label_asym_id 
_pdbx_modification_feature.modified_residue_label_seq_id 
_pdbx_modification_feature.modified_residue_label_alt_id 
_pdbx_modification_feature.auth_comp_id 
_pdbx_modification_feature.auth_asym_id 
_pdbx_modification_feature.auth_seq_id 
_pdbx_modification_feature.PDB_ins_code 
_pdbx_modification_feature.symmetry 
_pdbx_modification_feature.modified_residue_auth_comp_id 
_pdbx_modification_feature.modified_residue_auth_asym_id 
_pdbx_modification_feature.modified_residue_auth_seq_id 
_pdbx_modification_feature.modified_residue_PDB_ins_code 
_pdbx_modification_feature.modified_residue_symmetry 
_pdbx_modification_feature.comp_id_linking_atom 
_pdbx_modification_feature.modified_residue_id_linking_atom 
_pdbx_modification_feature.modified_residue_id 
_pdbx_modification_feature.ref_pcm_id 
_pdbx_modification_feature.ref_comp_id 
_pdbx_modification_feature.type 
_pdbx_modification_feature.category 
1 CME A 8  ? . . . . CME A 356 ? 1_555 . . . . . . . CYS 1 CME Beta-mercaptoethanol 'Named protein modification' 
2 CME A 43 ? . . . . CME A 391 ? 1_555 . . . . . . . CYS 1 CME Beta-mercaptoethanol 'Named protein modification' 
# 
_pdbx_entry_details.entry_id                   8IDH 
_pdbx_entry_details.nonpolymer_details         ? 
_pdbx_entry_details.sequence_details           ? 
_pdbx_entry_details.compound_details           ? 
_pdbx_entry_details.source_details             ? 
_pdbx_entry_details.has_ligand_of_interest     Y 
_pdbx_entry_details.has_protein_modification   Y 
# 
loop_
_pdbx_validate_close_contact.id 
_pdbx_validate_close_contact.PDB_model_num 
_pdbx_validate_close_contact.auth_atom_id_1 
_pdbx_validate_close_contact.auth_asym_id_1 
_pdbx_validate_close_contact.auth_comp_id_1 
_pdbx_validate_close_contact.auth_seq_id_1 
_pdbx_validate_close_contact.PDB_ins_code_1 
_pdbx_validate_close_contact.label_alt_id_1 
_pdbx_validate_close_contact.auth_atom_id_2 
_pdbx_validate_close_contact.auth_asym_id_2 
_pdbx_validate_close_contact.auth_comp_id_2 
_pdbx_validate_close_contact.auth_seq_id_2 
_pdbx_validate_close_contact.PDB_ins_code_2 
_pdbx_validate_close_contact.label_alt_id_2 
_pdbx_validate_close_contact.dist 
1 1 OE1 A GLN 416 ? ? O A HOH 601 ? ? 1.87 
2 1 N   A ALA 415 ? ? O A HOH 601 ? ? 2.15 
# 
_pdbx_validate_torsion.id              1 
_pdbx_validate_torsion.PDB_model_num   1 
_pdbx_validate_torsion.auth_comp_id    MET 
_pdbx_validate_torsion.auth_asym_id    A 
_pdbx_validate_torsion.auth_seq_id     457 
_pdbx_validate_torsion.PDB_ins_code    ? 
_pdbx_validate_torsion.label_alt_id    ? 
_pdbx_validate_torsion.phi             -31.71 
_pdbx_validate_torsion.psi             123.50 
# 
loop_
_pdbx_struct_mod_residue.id 
_pdbx_struct_mod_residue.label_asym_id 
_pdbx_struct_mod_residue.label_comp_id 
_pdbx_struct_mod_residue.label_seq_id 
_pdbx_struct_mod_residue.auth_asym_id 
_pdbx_struct_mod_residue.auth_comp_id 
_pdbx_struct_mod_residue.auth_seq_id 
_pdbx_struct_mod_residue.PDB_ins_code 
_pdbx_struct_mod_residue.parent_comp_id 
_pdbx_struct_mod_residue.details 
1 A CME 8  A CME 356 ? CYS 'modified residue' 
2 A CME 43 A CME 391 ? CYS 'modified residue' 
# 
loop_
_pdbx_struct_special_symmetry.id 
_pdbx_struct_special_symmetry.PDB_model_num 
_pdbx_struct_special_symmetry.auth_asym_id 
_pdbx_struct_special_symmetry.auth_comp_id 
_pdbx_struct_special_symmetry.auth_seq_id 
_pdbx_struct_special_symmetry.PDB_ins_code 
_pdbx_struct_special_symmetry.label_asym_id 
_pdbx_struct_special_symmetry.label_comp_id 
_pdbx_struct_special_symmetry.label_seq_id 
1 1 A HOH 607 ? C HOH . 
2 1 A HOH 674 ? C HOH . 
# 
loop_
_pdbx_unobs_or_zero_occ_residues.id 
_pdbx_unobs_or_zero_occ_residues.PDB_model_num 
_pdbx_unobs_or_zero_occ_residues.polymer_flag 
_pdbx_unobs_or_zero_occ_residues.occupancy_flag 
_pdbx_unobs_or_zero_occ_residues.auth_asym_id 
_pdbx_unobs_or_zero_occ_residues.auth_comp_id 
_pdbx_unobs_or_zero_occ_residues.auth_seq_id 
_pdbx_unobs_or_zero_occ_residues.PDB_ins_code 
_pdbx_unobs_or_zero_occ_residues.label_asym_id 
_pdbx_unobs_or_zero_occ_residues.label_comp_id 
_pdbx_unobs_or_zero_occ_residues.label_seq_id 
1 1 Y 0 A CME 356 ? A CME 8  
2 1 Y 0 A CME 391 ? A CME 43 
# 
loop_
_chem_comp_atom.comp_id 
_chem_comp_atom.atom_id 
_chem_comp_atom.type_symbol 
_chem_comp_atom.pdbx_aromatic_flag 
_chem_comp_atom.pdbx_stereo_config 
_chem_comp_atom.pdbx_ordinal 
ALA N    N N N 1   
ALA CA   C N S 2   
ALA C    C N N 3   
ALA O    O N N 4   
ALA CB   C N N 5   
ALA OXT  O N N 6   
ALA H    H N N 7   
ALA H2   H N N 8   
ALA HA   H N N 9   
ALA HB1  H N N 10  
ALA HB2  H N N 11  
ALA HB3  H N N 12  
ALA HXT  H N N 13  
ARG N    N N N 14  
ARG CA   C N S 15  
ARG C    C N N 16  
ARG O    O N N 17  
ARG CB   C N N 18  
ARG CG   C N N 19  
ARG CD   C N N 20  
ARG NE   N N N 21  
ARG CZ   C N N 22  
ARG NH1  N N N 23  
ARG NH2  N N N 24  
ARG OXT  O N N 25  
ARG H    H N N 26  
ARG H2   H N N 27  
ARG HA   H N N 28  
ARG HB2  H N N 29  
ARG HB3  H N N 30  
ARG HG2  H N N 31  
ARG HG3  H N N 32  
ARG HD2  H N N 33  
ARG HD3  H N N 34  
ARG HE   H N N 35  
ARG HH11 H N N 36  
ARG HH12 H N N 37  
ARG HH21 H N N 38  
ARG HH22 H N N 39  
ARG HXT  H N N 40  
ASN N    N N N 41  
ASN CA   C N S 42  
ASN C    C N N 43  
ASN O    O N N 44  
ASN CB   C N N 45  
ASN CG   C N N 46  
ASN OD1  O N N 47  
ASN ND2  N N N 48  
ASN OXT  O N N 49  
ASN H    H N N 50  
ASN H2   H N N 51  
ASN HA   H N N 52  
ASN HB2  H N N 53  
ASN HB3  H N N 54  
ASN HD21 H N N 55  
ASN HD22 H N N 56  
ASN HXT  H N N 57  
ASP N    N N N 58  
ASP CA   C N S 59  
ASP C    C N N 60  
ASP O    O N N 61  
ASP CB   C N N 62  
ASP CG   C N N 63  
ASP OD1  O N N 64  
ASP OD2  O N N 65  
ASP OXT  O N N 66  
ASP H    H N N 67  
ASP H2   H N N 68  
ASP HA   H N N 69  
ASP HB2  H N N 70  
ASP HB3  H N N 71  
ASP HD2  H N N 72  
ASP HXT  H N N 73  
CME N    N N N 74  
CME CA   C N R 75  
CME CB   C N N 76  
CME SG   S N N 77  
CME SD   S N N 78  
CME CE   C N N 79  
CME CZ   C N N 80  
CME OH   O N N 81  
CME C    C N N 82  
CME O    O N N 83  
CME OXT  O N N 84  
CME H    H N N 85  
CME H2   H N N 86  
CME HA   H N N 87  
CME HB2  H N N 88  
CME HB3  H N N 89  
CME HE2  H N N 90  
CME HE3  H N N 91  
CME HZ2  H N N 92  
CME HZ3  H N N 93  
CME HH   H N N 94  
CME HXT  H N N 95  
CYS N    N N N 96  
CYS CA   C N R 97  
CYS C    C N N 98  
CYS O    O N N 99  
CYS CB   C N N 100 
CYS SG   S N N 101 
CYS OXT  O N N 102 
CYS H    H N N 103 
CYS H2   H N N 104 
CYS HA   H N N 105 
CYS HB2  H N N 106 
CYS HB3  H N N 107 
CYS HG   H N N 108 
CYS HXT  H N N 109 
GLN N    N N N 110 
GLN CA   C N S 111 
GLN C    C N N 112 
GLN O    O N N 113 
GLN CB   C N N 114 
GLN CG   C N N 115 
GLN CD   C N N 116 
GLN OE1  O N N 117 
GLN NE2  N N N 118 
GLN OXT  O N N 119 
GLN H    H N N 120 
GLN H2   H N N 121 
GLN HA   H N N 122 
GLN HB2  H N N 123 
GLN HB3  H N N 124 
GLN HG2  H N N 125 
GLN HG3  H N N 126 
GLN HE21 H N N 127 
GLN HE22 H N N 128 
GLN HXT  H N N 129 
GLU N    N N N 130 
GLU CA   C N S 131 
GLU C    C N N 132 
GLU O    O N N 133 
GLU CB   C N N 134 
GLU CG   C N N 135 
GLU CD   C N N 136 
GLU OE1  O N N 137 
GLU OE2  O N N 138 
GLU OXT  O N N 139 
GLU H    H N N 140 
GLU H2   H N N 141 
GLU HA   H N N 142 
GLU HB2  H N N 143 
GLU HB3  H N N 144 
GLU HG2  H N N 145 
GLU HG3  H N N 146 
GLU HE2  H N N 147 
GLU HXT  H N N 148 
GLY N    N N N 149 
GLY CA   C N N 150 
GLY C    C N N 151 
GLY O    O N N 152 
GLY OXT  O N N 153 
GLY H    H N N 154 
GLY H2   H N N 155 
GLY HA2  H N N 156 
GLY HA3  H N N 157 
GLY HXT  H N N 158 
HIS N    N N N 159 
HIS CA   C N S 160 
HIS C    C N N 161 
HIS O    O N N 162 
HIS CB   C N N 163 
HIS CG   C Y N 164 
HIS ND1  N Y N 165 
HIS CD2  C Y N 166 
HIS CE1  C Y N 167 
HIS NE2  N Y N 168 
HIS OXT  O N N 169 
HIS H    H N N 170 
HIS H2   H N N 171 
HIS HA   H N N 172 
HIS HB2  H N N 173 
HIS HB3  H N N 174 
HIS HD1  H N N 175 
HIS HD2  H N N 176 
HIS HE1  H N N 177 
HIS HE2  H N N 178 
HIS HXT  H N N 179 
HOH O    O N N 180 
HOH H1   H N N 181 
HOH H2   H N N 182 
ILE N    N N N 183 
ILE CA   C N S 184 
ILE C    C N N 185 
ILE O    O N N 186 
ILE CB   C N S 187 
ILE CG1  C N N 188 
ILE CG2  C N N 189 
ILE CD1  C N N 190 
ILE OXT  O N N 191 
ILE H    H N N 192 
ILE H2   H N N 193 
ILE HA   H N N 194 
ILE HB   H N N 195 
ILE HG12 H N N 196 
ILE HG13 H N N 197 
ILE HG21 H N N 198 
ILE HG22 H N N 199 
ILE HG23 H N N 200 
ILE HD11 H N N 201 
ILE HD12 H N N 202 
ILE HD13 H N N 203 
ILE HXT  H N N 204 
LEU N    N N N 205 
LEU CA   C N S 206 
LEU C    C N N 207 
LEU O    O N N 208 
LEU CB   C N N 209 
LEU CG   C N N 210 
LEU CD1  C N N 211 
LEU CD2  C N N 212 
LEU OXT  O N N 213 
LEU H    H N N 214 
LEU H2   H N N 215 
LEU HA   H N N 216 
LEU HB2  H N N 217 
LEU HB3  H N N 218 
LEU HG   H N N 219 
LEU HD11 H N N 220 
LEU HD12 H N N 221 
LEU HD13 H N N 222 
LEU HD21 H N N 223 
LEU HD22 H N N 224 
LEU HD23 H N N 225 
LEU HXT  H N N 226 
LYS N    N N N 227 
LYS CA   C N S 228 
LYS C    C N N 229 
LYS O    O N N 230 
LYS CB   C N N 231 
LYS CG   C N N 232 
LYS CD   C N N 233 
LYS CE   C N N 234 
LYS NZ   N N N 235 
LYS OXT  O N N 236 
LYS H    H N N 237 
LYS H2   H N N 238 
LYS HA   H N N 239 
LYS HB2  H N N 240 
LYS HB3  H N N 241 
LYS HG2  H N N 242 
LYS HG3  H N N 243 
LYS HD2  H N N 244 
LYS HD3  H N N 245 
LYS HE2  H N N 246 
LYS HE3  H N N 247 
LYS HZ1  H N N 248 
LYS HZ2  H N N 249 
LYS HZ3  H N N 250 
LYS HXT  H N N 251 
MET N    N N N 252 
MET CA   C N S 253 
MET C    C N N 254 
MET O    O N N 255 
MET CB   C N N 256 
MET CG   C N N 257 
MET SD   S N N 258 
MET CE   C N N 259 
MET OXT  O N N 260 
MET H    H N N 261 
MET H2   H N N 262 
MET HA   H N N 263 
MET HB2  H N N 264 
MET HB3  H N N 265 
MET HG2  H N N 266 
MET HG3  H N N 267 
MET HE1  H N N 268 
MET HE2  H N N 269 
MET HE3  H N N 270 
MET HXT  H N N 271 
OWO C10  C Y N 272 
OWO C17  C Y N 273 
OWO C20  C Y N 274 
OWO C21  C N N 275 
OWO C24  C N N 276 
OWO C01  C N N 277 
OWO C02  C Y N 278 
OWO C03  C Y N 279 
OWO C04  C Y N 280 
OWO C05  C Y N 281 
OWO C06  C Y N 282 
OWO C07  C Y N 283 
OWO C08  C Y N 284 
OWO C09  C Y N 285 
OWO C12  C Y N 286 
OWO C14  C Y N 287 
OWO C16  C Y N 288 
OWO C18  C Y N 289 
OWO F19  F N N 290 
OWO N11  N Y N 291 
OWO N13  N Y N 292 
OWO N15  N Y N 293 
OWO N22  N Y N 294 
OWO N23  N Y N 295 
OWO H171 H N N 296 
OWO H211 H N N 297 
OWO H213 H N N 298 
OWO H212 H N N 299 
OWO H241 H N N 300 
OWO H242 H N N 301 
OWO H243 H N N 302 
OWO H013 H N N 303 
OWO H011 H N N 304 
OWO H012 H N N 305 
OWO H051 H N N 306 
OWO H061 H N N 307 
OWO H071 H N N 308 
OWO H121 H N N 309 
OWO H161 H N N 310 
OWO H111 H N N 311 
PHE N    N N N 312 
PHE CA   C N S 313 
PHE C    C N N 314 
PHE O    O N N 315 
PHE CB   C N N 316 
PHE CG   C Y N 317 
PHE CD1  C Y N 318 
PHE CD2  C Y N 319 
PHE CE1  C Y N 320 
PHE CE2  C Y N 321 
PHE CZ   C Y N 322 
PHE OXT  O N N 323 
PHE H    H N N 324 
PHE H2   H N N 325 
PHE HA   H N N 326 
PHE HB2  H N N 327 
PHE HB3  H N N 328 
PHE HD1  H N N 329 
PHE HD2  H N N 330 
PHE HE1  H N N 331 
PHE HE2  H N N 332 
PHE HZ   H N N 333 
PHE HXT  H N N 334 
PRO N    N N N 335 
PRO CA   C N S 336 
PRO C    C N N 337 
PRO O    O N N 338 
PRO CB   C N N 339 
PRO CG   C N N 340 
PRO CD   C N N 341 
PRO OXT  O N N 342 
PRO H    H N N 343 
PRO HA   H N N 344 
PRO HB2  H N N 345 
PRO HB3  H N N 346 
PRO HG2  H N N 347 
PRO HG3  H N N 348 
PRO HD2  H N N 349 
PRO HD3  H N N 350 
PRO HXT  H N N 351 
SER N    N N N 352 
SER CA   C N S 353 
SER C    C N N 354 
SER O    O N N 355 
SER CB   C N N 356 
SER OG   O N N 357 
SER OXT  O N N 358 
SER H    H N N 359 
SER H2   H N N 360 
SER HA   H N N 361 
SER HB2  H N N 362 
SER HB3  H N N 363 
SER HG   H N N 364 
SER HXT  H N N 365 
THR N    N N N 366 
THR CA   C N S 367 
THR C    C N N 368 
THR O    O N N 369 
THR CB   C N R 370 
THR OG1  O N N 371 
THR CG2  C N N 372 
THR OXT  O N N 373 
THR H    H N N 374 
THR H2   H N N 375 
THR HA   H N N 376 
THR HB   H N N 377 
THR HG1  H N N 378 
THR HG21 H N N 379 
THR HG22 H N N 380 
THR HG23 H N N 381 
THR HXT  H N N 382 
TRP N    N N N 383 
TRP CA   C N S 384 
TRP C    C N N 385 
TRP O    O N N 386 
TRP CB   C N N 387 
TRP CG   C Y N 388 
TRP CD1  C Y N 389 
TRP CD2  C Y N 390 
TRP NE1  N Y N 391 
TRP CE2  C Y N 392 
TRP CE3  C Y N 393 
TRP CZ2  C Y N 394 
TRP CZ3  C Y N 395 
TRP CH2  C Y N 396 
TRP OXT  O N N 397 
TRP H    H N N 398 
TRP H2   H N N 399 
TRP HA   H N N 400 
TRP HB2  H N N 401 
TRP HB3  H N N 402 
TRP HD1  H N N 403 
TRP HE1  H N N 404 
TRP HE3  H N N 405 
TRP HZ2  H N N 406 
TRP HZ3  H N N 407 
TRP HH2  H N N 408 
TRP HXT  H N N 409 
TYR N    N N N 410 
TYR CA   C N S 411 
TYR C    C N N 412 
TYR O    O N N 413 
TYR CB   C N N 414 
TYR CG   C Y N 415 
TYR CD1  C Y N 416 
TYR CD2  C Y N 417 
TYR CE1  C Y N 418 
TYR CE2  C Y N 419 
TYR CZ   C Y N 420 
TYR OH   O N N 421 
TYR OXT  O N N 422 
TYR H    H N N 423 
TYR H2   H N N 424 
TYR HA   H N N 425 
TYR HB2  H N N 426 
TYR HB3  H N N 427 
TYR HD1  H N N 428 
TYR HD2  H N N 429 
TYR HE1  H N N 430 
TYR HE2  H N N 431 
TYR HH   H N N 432 
TYR HXT  H N N 433 
VAL N    N N N 434 
VAL CA   C N S 435 
VAL C    C N N 436 
VAL O    O N N 437 
VAL CB   C N N 438 
VAL CG1  C N N 439 
VAL CG2  C N N 440 
VAL OXT  O N N 441 
VAL H    H N N 442 
VAL H2   H N N 443 
VAL HA   H N N 444 
VAL HB   H N N 445 
VAL HG11 H N N 446 
VAL HG12 H N N 447 
VAL HG13 H N N 448 
VAL HG21 H N N 449 
VAL HG22 H N N 450 
VAL HG23 H N N 451 
VAL HXT  H N N 452 
# 
loop_
_chem_comp_bond.comp_id 
_chem_comp_bond.atom_id_1 
_chem_comp_bond.atom_id_2 
_chem_comp_bond.value_order 
_chem_comp_bond.pdbx_aromatic_flag 
_chem_comp_bond.pdbx_stereo_config 
_chem_comp_bond.pdbx_ordinal 
ALA N   CA   sing N N 1   
ALA N   H    sing N N 2   
ALA N   H2   sing N N 3   
ALA CA  C    sing N N 4   
ALA CA  CB   sing N N 5   
ALA CA  HA   sing N N 6   
ALA C   O    doub N N 7   
ALA C   OXT  sing N N 8   
ALA CB  HB1  sing N N 9   
ALA CB  HB2  sing N N 10  
ALA CB  HB3  sing N N 11  
ALA OXT HXT  sing N N 12  
ARG N   CA   sing N N 13  
ARG N   H    sing N N 14  
ARG N   H2   sing N N 15  
ARG CA  C    sing N N 16  
ARG CA  CB   sing N N 17  
ARG CA  HA   sing N N 18  
ARG C   O    doub N N 19  
ARG C   OXT  sing N N 20  
ARG CB  CG   sing N N 21  
ARG CB  HB2  sing N N 22  
ARG CB  HB3  sing N N 23  
ARG CG  CD   sing N N 24  
ARG CG  HG2  sing N N 25  
ARG CG  HG3  sing N N 26  
ARG CD  NE   sing N N 27  
ARG CD  HD2  sing N N 28  
ARG CD  HD3  sing N N 29  
ARG NE  CZ   sing N N 30  
ARG NE  HE   sing N N 31  
ARG CZ  NH1  sing N N 32  
ARG CZ  NH2  doub N N 33  
ARG NH1 HH11 sing N N 34  
ARG NH1 HH12 sing N N 35  
ARG NH2 HH21 sing N N 36  
ARG NH2 HH22 sing N N 37  
ARG OXT HXT  sing N N 38  
ASN N   CA   sing N N 39  
ASN N   H    sing N N 40  
ASN N   H2   sing N N 41  
ASN CA  C    sing N N 42  
ASN CA  CB   sing N N 43  
ASN CA  HA   sing N N 44  
ASN C   O    doub N N 45  
ASN C   OXT  sing N N 46  
ASN CB  CG   sing N N 47  
ASN CB  HB2  sing N N 48  
ASN CB  HB3  sing N N 49  
ASN CG  OD1  doub N N 50  
ASN CG  ND2  sing N N 51  
ASN ND2 HD21 sing N N 52  
ASN ND2 HD22 sing N N 53  
ASN OXT HXT  sing N N 54  
ASP N   CA   sing N N 55  
ASP N   H    sing N N 56  
ASP N   H2   sing N N 57  
ASP CA  C    sing N N 58  
ASP CA  CB   sing N N 59  
ASP CA  HA   sing N N 60  
ASP C   O    doub N N 61  
ASP C   OXT  sing N N 62  
ASP CB  CG   sing N N 63  
ASP CB  HB2  sing N N 64  
ASP CB  HB3  sing N N 65  
ASP CG  OD1  doub N N 66  
ASP CG  OD2  sing N N 67  
ASP OD2 HD2  sing N N 68  
ASP OXT HXT  sing N N 69  
CME N   CA   sing N N 70  
CME N   H    sing N N 71  
CME N   H2   sing N N 72  
CME CA  CB   sing N N 73  
CME CA  C    sing N N 74  
CME CA  HA   sing N N 75  
CME CB  SG   sing N N 76  
CME CB  HB2  sing N N 77  
CME CB  HB3  sing N N 78  
CME SG  SD   sing N N 79  
CME SD  CE   sing N N 80  
CME CE  CZ   sing N N 81  
CME CE  HE2  sing N N 82  
CME CE  HE3  sing N N 83  
CME CZ  OH   sing N N 84  
CME CZ  HZ2  sing N N 85  
CME CZ  HZ3  sing N N 86  
CME OH  HH   sing N N 87  
CME C   O    doub N N 88  
CME C   OXT  sing N N 89  
CME OXT HXT  sing N N 90  
CYS N   CA   sing N N 91  
CYS N   H    sing N N 92  
CYS N   H2   sing N N 93  
CYS CA  C    sing N N 94  
CYS CA  CB   sing N N 95  
CYS CA  HA   sing N N 96  
CYS C   O    doub N N 97  
CYS C   OXT  sing N N 98  
CYS CB  SG   sing N N 99  
CYS CB  HB2  sing N N 100 
CYS CB  HB3  sing N N 101 
CYS SG  HG   sing N N 102 
CYS OXT HXT  sing N N 103 
GLN N   CA   sing N N 104 
GLN N   H    sing N N 105 
GLN N   H2   sing N N 106 
GLN CA  C    sing N N 107 
GLN CA  CB   sing N N 108 
GLN CA  HA   sing N N 109 
GLN C   O    doub N N 110 
GLN C   OXT  sing N N 111 
GLN CB  CG   sing N N 112 
GLN CB  HB2  sing N N 113 
GLN CB  HB3  sing N N 114 
GLN CG  CD   sing N N 115 
GLN CG  HG2  sing N N 116 
GLN CG  HG3  sing N N 117 
GLN CD  OE1  doub N N 118 
GLN CD  NE2  sing N N 119 
GLN NE2 HE21 sing N N 120 
GLN NE2 HE22 sing N N 121 
GLN OXT HXT  sing N N 122 
GLU N   CA   sing N N 123 
GLU N   H    sing N N 124 
GLU N   H2   sing N N 125 
GLU CA  C    sing N N 126 
GLU CA  CB   sing N N 127 
GLU CA  HA   sing N N 128 
GLU C   O    doub N N 129 
GLU C   OXT  sing N N 130 
GLU CB  CG   sing N N 131 
GLU CB  HB2  sing N N 132 
GLU CB  HB3  sing N N 133 
GLU CG  CD   sing N N 134 
GLU CG  HG2  sing N N 135 
GLU CG  HG3  sing N N 136 
GLU CD  OE1  doub N N 137 
GLU CD  OE2  sing N N 138 
GLU OE2 HE2  sing N N 139 
GLU OXT HXT  sing N N 140 
GLY N   CA   sing N N 141 
GLY N   H    sing N N 142 
GLY N   H2   sing N N 143 
GLY CA  C    sing N N 144 
GLY CA  HA2  sing N N 145 
GLY CA  HA3  sing N N 146 
GLY C   O    doub N N 147 
GLY C   OXT  sing N N 148 
GLY OXT HXT  sing N N 149 
HIS N   CA   sing N N 150 
HIS N   H    sing N N 151 
HIS N   H2   sing N N 152 
HIS CA  C    sing N N 153 
HIS CA  CB   sing N N 154 
HIS CA  HA   sing N N 155 
HIS C   O    doub N N 156 
HIS C   OXT  sing N N 157 
HIS CB  CG   sing N N 158 
HIS CB  HB2  sing N N 159 
HIS CB  HB3  sing N N 160 
HIS CG  ND1  sing Y N 161 
HIS CG  CD2  doub Y N 162 
HIS ND1 CE1  doub Y N 163 
HIS ND1 HD1  sing N N 164 
HIS CD2 NE2  sing Y N 165 
HIS CD2 HD2  sing N N 166 
HIS CE1 NE2  sing Y N 167 
HIS CE1 HE1  sing N N 168 
HIS NE2 HE2  sing N N 169 
HIS OXT HXT  sing N N 170 
HOH O   H1   sing N N 171 
HOH O   H2   sing N N 172 
ILE N   CA   sing N N 173 
ILE N   H    sing N N 174 
ILE N   H2   sing N N 175 
ILE CA  C    sing N N 176 
ILE CA  CB   sing N N 177 
ILE CA  HA   sing N N 178 
ILE C   O    doub N N 179 
ILE C   OXT  sing N N 180 
ILE CB  CG1  sing N N 181 
ILE CB  CG2  sing N N 182 
ILE CB  HB   sing N N 183 
ILE CG1 CD1  sing N N 184 
ILE CG1 HG12 sing N N 185 
ILE CG1 HG13 sing N N 186 
ILE CG2 HG21 sing N N 187 
ILE CG2 HG22 sing N N 188 
ILE CG2 HG23 sing N N 189 
ILE CD1 HD11 sing N N 190 
ILE CD1 HD12 sing N N 191 
ILE CD1 HD13 sing N N 192 
ILE OXT HXT  sing N N 193 
LEU N   CA   sing N N 194 
LEU N   H    sing N N 195 
LEU N   H2   sing N N 196 
LEU CA  C    sing N N 197 
LEU CA  CB   sing N N 198 
LEU CA  HA   sing N N 199 
LEU C   O    doub N N 200 
LEU C   OXT  sing N N 201 
LEU CB  CG   sing N N 202 
LEU CB  HB2  sing N N 203 
LEU CB  HB3  sing N N 204 
LEU CG  CD1  sing N N 205 
LEU CG  CD2  sing N N 206 
LEU CG  HG   sing N N 207 
LEU CD1 HD11 sing N N 208 
LEU CD1 HD12 sing N N 209 
LEU CD1 HD13 sing N N 210 
LEU CD2 HD21 sing N N 211 
LEU CD2 HD22 sing N N 212 
LEU CD2 HD23 sing N N 213 
LEU OXT HXT  sing N N 214 
LYS N   CA   sing N N 215 
LYS N   H    sing N N 216 
LYS N   H2   sing N N 217 
LYS CA  C    sing N N 218 
LYS CA  CB   sing N N 219 
LYS CA  HA   sing N N 220 
LYS C   O    doub N N 221 
LYS C   OXT  sing N N 222 
LYS CB  CG   sing N N 223 
LYS CB  HB2  sing N N 224 
LYS CB  HB3  sing N N 225 
LYS CG  CD   sing N N 226 
LYS CG  HG2  sing N N 227 
LYS CG  HG3  sing N N 228 
LYS CD  CE   sing N N 229 
LYS CD  HD2  sing N N 230 
LYS CD  HD3  sing N N 231 
LYS CE  NZ   sing N N 232 
LYS CE  HE2  sing N N 233 
LYS CE  HE3  sing N N 234 
LYS NZ  HZ1  sing N N 235 
LYS NZ  HZ2  sing N N 236 
LYS NZ  HZ3  sing N N 237 
LYS OXT HXT  sing N N 238 
MET N   CA   sing N N 239 
MET N   H    sing N N 240 
MET N   H2   sing N N 241 
MET CA  C    sing N N 242 
MET CA  CB   sing N N 243 
MET CA  HA   sing N N 244 
MET C   O    doub N N 245 
MET C   OXT  sing N N 246 
MET CB  CG   sing N N 247 
MET CB  HB2  sing N N 248 
MET CB  HB3  sing N N 249 
MET CG  SD   sing N N 250 
MET CG  HG2  sing N N 251 
MET CG  HG3  sing N N 252 
MET SD  CE   sing N N 253 
MET CE  HE1  sing N N 254 
MET CE  HE2  sing N N 255 
MET CE  HE3  sing N N 256 
MET OXT HXT  sing N N 257 
OWO C24 N23  sing N N 258 
OWO N22 N23  sing Y N 259 
OWO N22 C20  doub Y N 260 
OWO N23 C02  sing Y N 261 
OWO C20 C21  sing N N 262 
OWO C20 C03  sing Y N 263 
OWO C02 C03  doub Y N 264 
OWO C02 C01  sing N N 265 
OWO C03 C04  sing N N 266 
OWO F19 C18  sing N N 267 
OWO C04 C05  doub Y N 268 
OWO C04 C18  sing Y N 269 
OWO C05 C06  sing Y N 270 
OWO C18 C08  doub Y N 271 
OWO N11 C12  sing Y N 272 
OWO N11 C10  sing Y N 273 
OWO C12 N13  doub Y N 274 
OWO C06 C07  doub Y N 275 
OWO C08 C07  sing Y N 276 
OWO C08 C09  sing N N 277 
OWO C10 C09  doub Y N 278 
OWO C10 C14  sing Y N 279 
OWO N13 C14  sing Y N 280 
OWO C09 C17  sing Y N 281 
OWO C14 N15  doub Y N 282 
OWO C17 C16  doub Y N 283 
OWO N15 C16  sing Y N 284 
OWO C17 H171 sing N N 285 
OWO C21 H211 sing N N 286 
OWO C21 H213 sing N N 287 
OWO C21 H212 sing N N 288 
OWO C24 H241 sing N N 289 
OWO C24 H242 sing N N 290 
OWO C24 H243 sing N N 291 
OWO C01 H013 sing N N 292 
OWO C01 H011 sing N N 293 
OWO C01 H012 sing N N 294 
OWO C05 H051 sing N N 295 
OWO C06 H061 sing N N 296 
OWO C07 H071 sing N N 297 
OWO C12 H121 sing N N 298 
OWO C16 H161 sing N N 299 
OWO N11 H111 sing N N 300 
PHE N   CA   sing N N 301 
PHE N   H    sing N N 302 
PHE N   H2   sing N N 303 
PHE CA  C    sing N N 304 
PHE CA  CB   sing N N 305 
PHE CA  HA   sing N N 306 
PHE C   O    doub N N 307 
PHE C   OXT  sing N N 308 
PHE CB  CG   sing N N 309 
PHE CB  HB2  sing N N 310 
PHE CB  HB3  sing N N 311 
PHE CG  CD1  doub Y N 312 
PHE CG  CD2  sing Y N 313 
PHE CD1 CE1  sing Y N 314 
PHE CD1 HD1  sing N N 315 
PHE CD2 CE2  doub Y N 316 
PHE CD2 HD2  sing N N 317 
PHE CE1 CZ   doub Y N 318 
PHE CE1 HE1  sing N N 319 
PHE CE2 CZ   sing Y N 320 
PHE CE2 HE2  sing N N 321 
PHE CZ  HZ   sing N N 322 
PHE OXT HXT  sing N N 323 
PRO N   CA   sing N N 324 
PRO N   CD   sing N N 325 
PRO N   H    sing N N 326 
PRO CA  C    sing N N 327 
PRO CA  CB   sing N N 328 
PRO CA  HA   sing N N 329 
PRO C   O    doub N N 330 
PRO C   OXT  sing N N 331 
PRO CB  CG   sing N N 332 
PRO CB  HB2  sing N N 333 
PRO CB  HB3  sing N N 334 
PRO CG  CD   sing N N 335 
PRO CG  HG2  sing N N 336 
PRO CG  HG3  sing N N 337 
PRO CD  HD2  sing N N 338 
PRO CD  HD3  sing N N 339 
PRO OXT HXT  sing N N 340 
SER N   CA   sing N N 341 
SER N   H    sing N N 342 
SER N   H2   sing N N 343 
SER CA  C    sing N N 344 
SER CA  CB   sing N N 345 
SER CA  HA   sing N N 346 
SER C   O    doub N N 347 
SER C   OXT  sing N N 348 
SER CB  OG   sing N N 349 
SER CB  HB2  sing N N 350 
SER CB  HB3  sing N N 351 
SER OG  HG   sing N N 352 
SER OXT HXT  sing N N 353 
THR N   CA   sing N N 354 
THR N   H    sing N N 355 
THR N   H2   sing N N 356 
THR CA  C    sing N N 357 
THR CA  CB   sing N N 358 
THR CA  HA   sing N N 359 
THR C   O    doub N N 360 
THR C   OXT  sing N N 361 
THR CB  OG1  sing N N 362 
THR CB  CG2  sing N N 363 
THR CB  HB   sing N N 364 
THR OG1 HG1  sing N N 365 
THR CG2 HG21 sing N N 366 
THR CG2 HG22 sing N N 367 
THR CG2 HG23 sing N N 368 
THR OXT HXT  sing N N 369 
TRP N   CA   sing N N 370 
TRP N   H    sing N N 371 
TRP N   H2   sing N N 372 
TRP CA  C    sing N N 373 
TRP CA  CB   sing N N 374 
TRP CA  HA   sing N N 375 
TRP C   O    doub N N 376 
TRP C   OXT  sing N N 377 
TRP CB  CG   sing N N 378 
TRP CB  HB2  sing N N 379 
TRP CB  HB3  sing N N 380 
TRP CG  CD1  doub Y N 381 
TRP CG  CD2  sing Y N 382 
TRP CD1 NE1  sing Y N 383 
TRP CD1 HD1  sing N N 384 
TRP CD2 CE2  doub Y N 385 
TRP CD2 CE3  sing Y N 386 
TRP NE1 CE2  sing Y N 387 
TRP NE1 HE1  sing N N 388 
TRP CE2 CZ2  sing Y N 389 
TRP CE3 CZ3  doub Y N 390 
TRP CE3 HE3  sing N N 391 
TRP CZ2 CH2  doub Y N 392 
TRP CZ2 HZ2  sing N N 393 
TRP CZ3 CH2  sing Y N 394 
TRP CZ3 HZ3  sing N N 395 
TRP CH2 HH2  sing N N 396 
TRP OXT HXT  sing N N 397 
TYR N   CA   sing N N 398 
TYR N   H    sing N N 399 
TYR N   H2   sing N N 400 
TYR CA  C    sing N N 401 
TYR CA  CB   sing N N 402 
TYR CA  HA   sing N N 403 
TYR C   O    doub N N 404 
TYR C   OXT  sing N N 405 
TYR CB  CG   sing N N 406 
TYR CB  HB2  sing N N 407 
TYR CB  HB3  sing N N 408 
TYR CG  CD1  doub Y N 409 
TYR CG  CD2  sing Y N 410 
TYR CD1 CE1  sing Y N 411 
TYR CD1 HD1  sing N N 412 
TYR CD2 CE2  doub Y N 413 
TYR CD2 HD2  sing N N 414 
TYR CE1 CZ   doub Y N 415 
TYR CE1 HE1  sing N N 416 
TYR CE2 CZ   sing Y N 417 
TYR CE2 HE2  sing N N 418 
TYR CZ  OH   sing N N 419 
TYR OH  HH   sing N N 420 
TYR OXT HXT  sing N N 421 
VAL N   CA   sing N N 422 
VAL N   H    sing N N 423 
VAL N   H2   sing N N 424 
VAL CA  C    sing N N 425 
VAL CA  CB   sing N N 426 
VAL CA  HA   sing N N 427 
VAL C   O    doub N N 428 
VAL C   OXT  sing N N 429 
VAL CB  CG1  sing N N 430 
VAL CB  CG2  sing N N 431 
VAL CB  HB   sing N N 432 
VAL CG1 HG11 sing N N 433 
VAL CG1 HG12 sing N N 434 
VAL CG1 HG13 sing N N 435 
VAL CG2 HG21 sing N N 436 
VAL CG2 HG22 sing N N 437 
VAL CG2 HG23 sing N N 438 
VAL OXT HXT  sing N N 439 
# 
loop_
_pdbx_audit_support.funding_organization 
_pdbx_audit_support.country 
_pdbx_audit_support.grant_number 
_pdbx_audit_support.ordinal 
'National Natural Science Foundation of China (NSFC)' China 82173680 1 
'National Natural Science Foundation of China (NSFC)' China 81930100 2 
# 
_pdbx_initial_refinement_model.id               1 
_pdbx_initial_refinement_model.entity_id_list   ? 
_pdbx_initial_refinement_model.type             'experimental model' 
_pdbx_initial_refinement_model.source_name      PDB 
_pdbx_initial_refinement_model.accession_code   6C7Q 
_pdbx_initial_refinement_model.details          ? 
# 
_atom_sites.entry_id                    8IDH 
_atom_sites.Cartn_transf_matrix[1][1]   ? 
_atom_sites.Cartn_transf_matrix[1][2]   ? 
_atom_sites.Cartn_transf_matrix[1][3]   ? 
_atom_sites.Cartn_transf_matrix[2][1]   ? 
_atom_sites.Cartn_transf_matrix[2][2]   ? 
_atom_sites.Cartn_transf_matrix[2][3]   ? 
_atom_sites.Cartn_transf_matrix[3][1]   ? 
_atom_sites.Cartn_transf_matrix[3][2]   ? 
_atom_sites.Cartn_transf_matrix[3][3]   ? 
_atom_sites.Cartn_transf_vector[1]      ? 
_atom_sites.Cartn_transf_vector[2]      ? 
_atom_sites.Cartn_transf_vector[3]      ? 
_atom_sites.fract_transf_matrix[1][1]   -0.01202196 
_atom_sites.fract_transf_matrix[1][2]   0.01343476 
_atom_sites.fract_transf_matrix[1][3]   -0.00604566 
_atom_sites.fract_transf_matrix[2][1]   -0.00941700 
_atom_sites.fract_transf_matrix[2][2]   -0.00977761 
_atom_sites.fract_transf_matrix[2][3]   -0.00300198 
_atom_sites.fract_transf_matrix[3][1]   -0.01173872 
_atom_sites.fract_transf_matrix[3][2]   0.00246033 
_atom_sites.fract_transf_matrix[3][3]   0.02881017 
_atom_sites.fract_transf_vector[1]      0.192473 
_atom_sites.fract_transf_vector[2]      0.035691 
_atom_sites.fract_transf_vector[3]      0.029736 
_atom_sites.solution_primary            ? 
_atom_sites.solution_secondary          ? 
_atom_sites.solution_hydrogens          ? 
_atom_sites.special_details             ? 
# 
loop_
_atom_type.symbol 
C 
F 
H 
N 
O 
S 
# 
loop_
_atom_site.group_PDB 
_atom_site.id 
_atom_site.type_symbol 
_atom_site.label_atom_id 
_atom_site.label_alt_id 
_atom_site.label_comp_id 
_atom_site.label_asym_id 
_atom_site.label_entity_id 
_atom_site.label_seq_id 
_atom_site.pdbx_PDB_ins_code 
_atom_site.Cartn_x 
_atom_site.Cartn_y 
_atom_site.Cartn_z 
_atom_site.occupancy 
_atom_site.B_iso_or_equiv 
_atom_site.pdbx_formal_charge 
_atom_site.auth_seq_id 
_atom_site.auth_comp_id 
_atom_site.auth_asym_id 
_atom_site.auth_atom_id 
_atom_site.pdbx_PDB_model_num 
ATOM   1    N N    . LYS A 1 1   ? 2.162   -20.367 -12.660 1.00 46.99 ? 349 LYS A N    1 
ATOM   2    C CA   . LYS A 1 1   ? 2.707   -19.779 -11.440 1.00 46.21 ? 349 LYS A CA   1 
ATOM   3    C C    . LYS A 1 1   ? 2.496   -18.270 -11.401 1.00 33.88 ? 349 LYS A C    1 
ATOM   4    O O    . LYS A 1 1   ? 1.926   -17.752 -10.449 1.00 31.00 ? 349 LYS A O    1 
ATOM   5    C CB   . LYS A 1 1   ? 4.201   -20.096 -11.296 1.00 52.19 ? 349 LYS A CB   1 
ATOM   6    C CG   . LYS A 1 1   ? 4.779   -19.741 -9.921  1.00 49.42 ? 349 LYS A CG   1 
ATOM   7    C CD   . LYS A 1 1   ? 6.272   -20.039 -9.839  1.00 52.49 ? 349 LYS A CD   1 
ATOM   8    C CE   . LYS A 1 1   ? 6.879   -19.524 -8.542  1.00 49.15 ? 349 LYS A CE   1 
ATOM   9    N NZ   . LYS A 1 1   ? 8.323   -19.886 -8.434  1.00 54.24 ? 349 LYS A NZ   1 
ATOM   10   N N    . VAL A 1 2   ? 2.961   -17.570 -12.438 1.00 38.78 ? 350 VAL A N    1 
ATOM   11   C CA   . VAL A 1 2   ? 2.877   -16.110 -12.448 1.00 32.54 ? 350 VAL A CA   1 
ATOM   12   C C    . VAL A 1 2   ? 1.423   -15.658 -12.353 1.00 26.60 ? 350 VAL A C    1 
ATOM   13   O O    . VAL A 1 2   ? 1.074   -14.803 -11.525 1.00 24.65 ? 350 VAL A O    1 
ATOM   14   C CB   . VAL A 1 2   ? 3.566   -15.536 -13.701 1.00 40.20 ? 350 VAL A CB   1 
ATOM   15   C CG1  . VAL A 1 2   ? 3.193   -14.068 -13.885 1.00 37.77 ? 350 VAL A CG1  1 
ATOM   16   C CG2  . VAL A 1 2   ? 5.077   -15.696 -13.602 1.00 41.62 ? 350 VAL A CG2  1 
ATOM   17   N N    . SER A 1 3   ? 0.555   -16.214 -13.204 1.00 27.77 ? 351 SER A N    1 
ATOM   18   C CA   . SER A 1 3   ? -0.867  -15.875 -13.146 1.00 27.59 ? 351 SER A CA   1 
ATOM   19   C C    . SER A 1 3   ? -1.438  -16.119 -11.755 1.00 23.88 ? 351 SER A C    1 
ATOM   20   O O    . SER A 1 3   ? -2.059  -15.224 -11.164 1.00 21.20 ? 351 SER A O    1 
ATOM   21   C CB   . SER A 1 3   ? -1.645  -16.672 -14.193 1.00 33.92 ? 351 SER A CB   1 
ATOM   22   O OG   . SER A 1 3   ? -3.013  -16.301 -14.195 1.00 39.62 ? 351 SER A OG   1 
ATOM   23   N N    . GLU A 1 4   ? -1.241  -17.334 -11.223 1.00 20.30 ? 352 GLU A N    1 
ATOM   24   C CA   . GLU A 1 4   ? -1.718  -17.688 -9.886  1.00 23.15 ? 352 GLU A CA   1 
ATOM   25   C C    . GLU A 1 4   ? -1.263  -16.682 -8.844  1.00 19.03 ? 352 GLU A C    1 
ATOM   26   O O    . GLU A 1 4   ? -2.061  -16.207 -8.028  1.00 16.48 ? 352 GLU A O    1 
ATOM   27   C CB   . GLU A 1 4   ? -1.203  -19.074 -9.481  1.00 24.98 ? 352 GLU A CB   1 
ATOM   28   C CG   . GLU A 1 4   ? -2.071  -20.287 -9.699  1.00 36.61 ? 352 GLU A CG   1 
ATOM   29   C CD   . GLU A 1 4   ? -1.634  -21.415 -8.753  1.00 35.47 ? 352 GLU A CD   1 
ATOM   30   O OE1  . GLU A 1 4   ? -0.596  -22.047 -9.040  1.00 45.28 ? 352 GLU A OE1  1 
ATOM   31   O OE2  . GLU A 1 4   ? -2.275  -21.634 -7.703  1.00 30.02 ? 352 GLU A OE2  1 
ATOM   32   N N    . GLN A 1 5   ? 0.046   -16.417 -8.806  1.00 19.26 ? 353 GLN A N    1 
ATOM   33   C CA   . GLN A 1 5   ? 0.594   -15.506 -7.812  1.00 17.14 ? 353 GLN A CA   1 
ATOM   34   C C    . GLN A 1 5   ? -0.036  -14.124 -7.922  1.00 18.36 ? 353 GLN A C    1 
ATOM   35   O O    . GLN A 1 5   ? -0.366  -13.503 -6.906  1.00 16.16 ? 353 GLN A O    1 
ATOM   36   C CB   . GLN A 1 5   ? 2.106   -15.405 -7.996  1.00 17.81 ? 353 GLN A CB   1 
ATOM   37   C CG   . GLN A 1 5   ? 2.885   -16.725 -7.994  1.00 27.00 ? 353 GLN A CG   1 
ATOM   38   C CD   . GLN A 1 5   ? 4.132   -16.660 -7.132  1.00 33.04 ? 353 GLN A CD   1 
ATOM   39   O OE1  . GLN A 1 5   ? 4.955   -15.764 -7.314  1.00 31.29 ? 353 GLN A OE1  1 
ATOM   40   N NE2  . GLN A 1 5   ? 4.327   -17.649 -6.265  1.00 32.59 ? 353 GLN A NE2  1 
ATOM   41   N N    . LEU A 1 6   ? -0.197  -13.615 -9.147  1.00 16.55 ? 354 LEU A N    1 
ATOM   42   C CA   . LEU A 1 6   ? -0.837  -12.308 -9.304  1.00 16.06 ? 354 LEU A CA   1 
ATOM   43   C C    . LEU A 1 6   ? -2.293  -12.319 -8.855  1.00 16.25 ? 354 LEU A C    1 
ATOM   44   O O    . LEU A 1 6   ? -2.794  -11.297 -8.381  1.00 13.13 ? 354 LEU A O    1 
ATOM   45   C CB   . LEU A 1 6   ? -0.727  -11.816 -10.747 1.00 16.73 ? 354 LEU A CB   1 
ATOM   46   C CG   . LEU A 1 6   ? 0.705   -11.473 -11.146 1.00 19.80 ? 354 LEU A CG   1 
ATOM   47   C CD1  . LEU A 1 6   ? 0.744   -11.173 -12.632 1.00 24.17 ? 354 LEU A CD1  1 
ATOM   48   C CD2  . LEU A 1 6   ? 1.194   -10.294 -10.337 1.00 20.67 ? 354 LEU A CD2  1 
ATOM   49   N N    . LYS A 1 7   ? -2.984  -13.444 -8.993  1.00 13.20 ? 355 LYS A N    1 
ATOM   50   C CA   . LYS A 1 7   ? -4.338  -13.556 -8.485  1.00 11.95 ? 355 LYS A CA   1 
ATOM   51   C C    . LYS A 1 7   ? -4.292  -13.440 -6.969  1.00 11.72 ? 355 LYS A C    1 
ATOM   52   O O    . LYS A 1 7   ? -5.136  -12.762 -6.358  1.00 14.13 ? 355 LYS A O    1 
ATOM   53   C CB   . LYS A 1 7   ? -4.979  -14.886 -8.894  1.00 15.82 ? 355 LYS A CB   1 
ATOM   54   C CG   . LYS A 1 7   ? -5.313  -14.999 -10.370 1.00 18.39 ? 355 LYS A CG   1 
ATOM   55   C CD   . LYS A 1 7   ? -6.515  -14.188 -10.788 1.00 22.09 ? 355 LYS A CD   1 
ATOM   56   C CE   . LYS A 1 7   ? -6.783  -14.412 -12.281 1.00 25.66 ? 355 LYS A CE   1 
ATOM   57   N NZ   . LYS A 1 7   ? -8.151  -13.981 -12.641 1.00 23.06 ? 355 LYS A NZ   1 
HETATM 58   N N    . CME A 1 8   ? -3.318  -14.110 -6.358  0.00 14.38 ? 356 CME A N    1 
HETATM 59   C CA   . CME A 1 8   ? -3.177  -14.088 -4.920  0.00 14.49 ? 356 CME A CA   1 
HETATM 60   C CB   . CME A 1 8   ? -1.988  -14.897 -4.390  0.00 16.03 ? 356 CME A CB   1 
HETATM 61   S SG   . CME A 1 8   ? -1.551  -14.531 -2.726  0.00 17.42 ? 356 CME A SG   1 
HETATM 62   S SD   . CME A 1 8   ? -3.270  -14.881 -1.562  0.00 16.75 ? 356 CME A SD   1 
HETATM 63   C CE   . CME A 1 8   ? -2.985  -16.357 -0.649  0.00 18.19 ? 356 CME A CE   1 
HETATM 64   C CZ   . CME A 1 8   ? -3.687  -16.383 0.692   0.00 18.49 ? 356 CME A CZ   1 
HETATM 65   O OH   . CME A 1 8   ? -5.044  -16.035 0.455   0.00 17.51 ? 356 CME A OH   1 
HETATM 66   C C    . CME A 1 8   ? -3.025  -12.635 -4.492  0.00 13.55 ? 356 CME A C    1 
HETATM 67   O O    . CME A 1 8   ? -3.637  -12.129 -3.549  0.00 13.39 ? 356 CME A O    1 
ATOM   68   N N    . CYS A 1 9   ? -2.176  -11.933 -5.233  1.00 12.59 ? 357 CYS A N    1 
ATOM   69   C CA   . CYS A 1 9   ? -1.935  -10.507 -4.966  1.00 10.66 ? 357 CYS A CA   1 
ATOM   70   C C    . CYS A 1 9   ? -3.181  -9.656  -5.142  1.00 10.02 ? 357 CYS A C    1 
ATOM   71   O O    . CYS A 1 9   ? -3.418  -8.726  -4.372  1.00 10.92 ? 357 CYS A O    1 
ATOM   72   C CB   . CYS A 1 9   ? -0.842  -9.955  -5.894  1.00 14.21 ? 357 CYS A CB   1 
ATOM   73   S SG   . CYS A 1 9   ? 0.815   -10.593 -5.574  1.00 15.69 ? 357 CYS A SG   1 
ATOM   74   N N    . SER A 1 10  ? -3.972  -9.912  -6.187  1.00 12.07 ? 358 SER A N    1 
ATOM   75   C CA   . SER A 1 10  ? -5.166  -9.084  -6.336  1.00 11.63 ? 358 SER A CA   1 
ATOM   76   C C    . SER A 1 10  ? -6.155  -9.371  -5.210  1.00 12.94 ? 358 SER A C    1 
ATOM   77   O O    . SER A 1 10  ? -6.899  -8.474  -4.789  1.00 13.39 ? 358 SER A O    1 
ATOM   78   C CB   . SER A 1 10  ? -5.811  -9.290  -7.709  1.00 17.03 ? 358 SER A CB   1 
ATOM   79   O OG   . SER A 1 10  ? -6.733  -8.222  -7.979  1.00 27.07 ? 358 SER A OG   1 
ATOM   80   N N    . GLY A 1 11  ? -6.173  -10.602 -4.698  1.00 10.89 ? 359 GLY A N    1 
ATOM   81   C CA   . GLY A 1 11  ? -7.011  -10.887 -3.543  1.00 13.07 ? 359 GLY A CA   1 
ATOM   82   C C    . GLY A 1 11  ? -6.588  -10.093 -2.323  1.00 13.63 ? 359 GLY A C    1 
ATOM   83   O O    . GLY A 1 11  ? -7.432  -9.579  -1.576  1.00 12.04 ? 359 GLY A O    1 
ATOM   84   N N    . ILE A 1 12  ? -5.276  -9.997  -2.090  1.00 11.82 ? 360 ILE A N    1 
ATOM   85   C CA   . ILE A 1 12  ? -4.768  -9.167  -0.998  1.00 10.10 ? 360 ILE A CA   1 
ATOM   86   C C    . ILE A 1 12  ? -5.225  -7.727  -1.183  1.00 11.50 ? 360 ILE A C    1 
ATOM   87   O O    . ILE A 1 12  ? -5.726  -7.091  -0.250  1.00 11.77 ? 360 ILE A O    1 
ATOM   88   C CB   . ILE A 1 12  ? -3.233  -9.249  -0.928  1.00 13.57 ? 360 ILE A CB   1 
ATOM   89   C CG1  . ILE A 1 12  ? -2.814  -10.647 -0.475  1.00 17.00 ? 360 ILE A CG1  1 
ATOM   90   C CG2  . ILE A 1 12  ? -2.716  -8.195  0.026   1.00 15.03 ? 360 ILE A CG2  1 
ATOM   91   C CD1  . ILE A 1 12  ? -1.349  -10.955 -0.739  1.00 13.27 ? 360 ILE A CD1  1 
ATOM   92   N N    . LEU A 1 13  ? -5.056  -7.198  -2.395  1.00 12.51 ? 361 LEU A N    1 
ATOM   93   C CA   . LEU A 1 13  ? -5.448  -5.819  -2.663  1.00 11.50 ? 361 LEU A CA   1 
ATOM   94   C C    . LEU A 1 13  ? -6.939  -5.620  -2.402  1.00 13.39 ? 361 LEU A C    1 
ATOM   95   O O    . LEU A 1 13  ? -7.346  -4.658  -1.740  1.00 13.81 ? 361 LEU A O    1 
ATOM   96   C CB   . LEU A 1 13  ? -5.057  -5.449  -4.097  1.00 13.09 ? 361 LEU A CB   1 
ATOM   97   C CG   . LEU A 1 13  ? -5.654  -4.160  -4.644  1.00 17.27 ? 361 LEU A CG   1 
ATOM   98   C CD1  . LEU A 1 13  ? -4.924  -3.036  -3.978  1.00 18.06 ? 361 LEU A CD1  1 
ATOM   99   C CD2  . LEU A 1 13  ? -5.381  -4.050  -6.144  1.00 17.31 ? 361 LEU A CD2  1 
ATOM   100  N N    . LYS A 1 14  ? -7.772  -6.546  -2.884  1.00 13.82 ? 362 LYS A N    1 
ATOM   101  C CA   . LYS A 1 14  ? -9.201  -6.444  -2.606  1.00 13.71 ? 362 LYS A CA   1 
ATOM   102  C C    . LYS A 1 14  ? -9.472  -6.419  -1.108  1.00 14.54 ? 362 LYS A C    1 
ATOM   103  O O    . LYS A 1 14  ? -10.285 -5.612  -0.630  1.00 16.14 ? 362 LYS A O    1 
ATOM   104  C CB   . LYS A 1 14  ? -9.954  -7.592  -3.281  1.00 17.21 ? 362 LYS A CB   1 
ATOM   105  C CG   . LYS A 1 14  ? -9.869  -7.590  -4.791  1.00 19.34 ? 362 LYS A CG   1 
ATOM   106  C CD   . LYS A 1 14  ? -10.853 -6.608  -5.410  1.00 26.48 ? 362 LYS A CD   1 
ATOM   107  C CE   . LYS A 1 14  ? -12.026 -6.306  -4.489  1.00 33.02 ? 362 LYS A CE   1 
ATOM   108  N NZ   . LYS A 1 14  ? -12.961 -5.291  -5.073  1.00 39.81 ? 362 LYS A NZ   1 
ATOM   109  N N    . GLU A 1 15  ? -8.794  -7.277  -0.345  1.00 12.84 ? 363 GLU A N    1 
ATOM   110  C CA   . GLU A 1 15  ? -8.942  -7.234  1.113   1.00 13.93 ? 363 GLU A CA   1 
ATOM   111  C C    . GLU A 1 15  ? -8.520  -5.888  1.695   1.00 15.61 ? 363 GLU A C    1 
ATOM   112  O O    . GLU A 1 15  ? -9.212  -5.328  2.555   1.00 13.65 ? 363 GLU A O    1 
ATOM   113  C CB   . GLU A 1 15  ? -8.154  -8.363  1.782   1.00 18.23 ? 363 GLU A CB   1 
ATOM   114  C CG   . GLU A 1 15  ? -8.376  -8.350  3.311   1.00 20.26 ? 363 GLU A CG   1 
ATOM   115  C CD   . GLU A 1 15  ? -7.829  -9.558  4.065   1.00 21.62 ? 363 GLU A CD   1 
ATOM   116  O OE1  . GLU A 1 15  ? -7.257  -10.472 3.442   1.00 19.71 ? 363 GLU A OE1  1 
ATOM   117  O OE2  . GLU A 1 15  ? -7.937  -9.574  5.314   1.00 21.26 ? 363 GLU A OE2  1 
ATOM   118  N N    . MET A 1 16  ? -7.372  -5.359  1.271   1.00 12.85 ? 364 MET A N    1 
ATOM   119  C CA   . MET A 1 16  ? -6.907  -4.112  1.874   1.00 14.87 ? 364 MET A CA   1 
ATOM   120  C C    . MET A 1 16  ? -7.899  -2.986  1.635   1.00 14.78 ? 364 MET A C    1 
ATOM   121  O O    . MET A 1 16  ? -8.011  -2.062  2.450   1.00 14.74 ? 364 MET A O    1 
ATOM   122  C CB   . MET A 1 16  ? -5.546  -3.739  1.314   1.00 15.83 ? 364 MET A CB   1 
ATOM   123  C CG   . MET A 1 16  ? -4.467  -4.687  1.757   1.00 15.53 ? 364 MET A CG   1 
ATOM   124  S SD   . MET A 1 16  ? -2.918  -4.194  1.050   1.00 35.04 ? 364 MET A SD   1 
ATOM   125  C CE   . MET A 1 16  ? -3.020  -2.421  1.295   1.00 30.08 ? 364 MET A CE   1 
ATOM   126  N N    . PHE A 1 17  ? -8.632  -3.058  0.527   1.00 14.40 ? 365 PHE A N    1 
ATOM   127  C CA   . PHE A 1 17  ? -9.693  -2.130  0.173   1.00 15.53 ? 365 PHE A CA   1 
ATOM   128  C C    . PHE A 1 17  ? -11.029 -2.438  0.821   1.00 14.88 ? 365 PHE A C    1 
ATOM   129  O O    . PHE A 1 17  ? -11.965 -1.655  0.623   1.00 17.18 ? 365 PHE A O    1 
ATOM   130  C CB   . PHE A 1 17  ? -9.881  -2.130  -1.342  1.00 18.27 ? 365 PHE A CB   1 
ATOM   131  C CG   . PHE A 1 17  ? -8.924  -1.280  -2.070  1.00 24.15 ? 365 PHE A CG   1 
ATOM   132  C CD1  . PHE A 1 17  ? -8.469  -0.101  -1.510  1.00 21.93 ? 365 PHE A CD1  1 
ATOM   133  C CD2  . PHE A 1 17  ? -8.489  -1.646  -3.336  1.00 22.20 ? 365 PHE A CD2  1 
ATOM   134  C CE1  . PHE A 1 17  ? -7.601  0.695   -2.196  1.00 31.76 ? 365 PHE A CE1  1 
ATOM   135  C CE2  . PHE A 1 17  ? -7.598  -0.856  -4.026  1.00 31.80 ? 365 PHE A CE2  1 
ATOM   136  C CZ   . PHE A 1 17  ? -7.157  0.316   -3.463  1.00 30.59 ? 365 PHE A CZ   1 
ATOM   137  N N    . ALA A 1 18  ? -11.135 -3.538  1.568   1.00 16.85 ? 366 ALA A N    1 
ATOM   138  C CA   . ALA A 1 18  ? -12.389 -4.067  2.084   1.00 15.10 ? 366 ALA A CA   1 
ATOM   139  C C    . ALA A 1 18  ? -12.894 -3.259  3.270   1.00 14.89 ? 366 ALA A C    1 
ATOM   140  O O    . ALA A 1 18  ? -12.133 -2.627  4.007   1.00 15.60 ? 366 ALA A O    1 
ATOM   141  C CB   . ALA A 1 18  ? -12.221 -5.533  2.523   1.00 13.51 ? 366 ALA A CB   1 
ATOM   142  N N    . LYS A 1 19  ? -14.205 -3.346  3.497   1.00 16.67 ? 367 LYS A N    1 
ATOM   143  C CA   . LYS A 1 19  ? -14.780 -2.640  4.636   1.00 19.35 ? 367 LYS A CA   1 
ATOM   144  C C    . LYS A 1 19  ? -14.218 -3.138  5.961   1.00 17.96 ? 367 LYS A C    1 
ATOM   145  O O    . LYS A 1 19  ? -14.135 -2.361  6.918   1.00 15.52 ? 367 LYS A O    1 
ATOM   146  C CB   . LYS A 1 19  ? -16.304 -2.780  4.607   1.00 30.52 ? 367 LYS A CB   1 
ATOM   147  C CG   . LYS A 1 19  ? -16.961 -1.912  3.544   1.00 29.15 ? 367 LYS A CG   1 
ATOM   148  N N    . LYS A 1 20  ? -13.815 -4.414  6.053   1.00 16.66 ? 368 LYS A N    1 
ATOM   149  C CA   . LYS A 1 20  ? -13.339 -4.898  7.348   1.00 18.78 ? 368 LYS A CA   1 
ATOM   150  C C    . LYS A 1 20  ? -12.055 -4.211  7.807   1.00 17.64 ? 368 LYS A C    1 
ATOM   151  O O    . LYS A 1 20  ? -11.772 -4.201  9.009   1.00 15.37 ? 368 LYS A O    1 
ATOM   152  C CB   . LYS A 1 20  ? -13.095 -6.397  7.347   1.00 24.99 ? 368 LYS A CB   1 
ATOM   153  C CG   . LYS A 1 20  ? -12.067 -6.901  6.402   1.00 25.74 ? 368 LYS A CG   1 
ATOM   154  C CD   . LYS A 1 20  ? -11.894 -8.388  6.679   1.00 25.85 ? 368 LYS A CD   1 
ATOM   155  C CE   . LYS A 1 20  ? -11.402 -8.565  8.110   1.00 29.79 ? 368 LYS A CE   1 
ATOM   156  N NZ   . LYS A 1 20  ? -10.502 -9.745  8.247   1.00 40.29 ? 368 LYS A NZ   1 
ATOM   157  N N    . HIS A 1 21  ? -11.267 -3.654  6.894   1.00 12.33 ? 369 HIS A N    1 
ATOM   158  C CA   . HIS A 1 21  ? -10.039 -2.952  7.248   1.00 15.61 ? 369 HIS A CA   1 
ATOM   159  C C    . HIS A 1 21  ? -10.159 -1.438  7.116   1.00 13.08 ? 369 HIS A C    1 
ATOM   160  O O    . HIS A 1 21  ? -9.154  -0.732  7.250   1.00 12.31 ? 369 HIS A O    1 
ATOM   161  C CB   . HIS A 1 21  ? -8.880  -3.470  6.396   1.00 14.60 ? 369 HIS A CB   1 
ATOM   162  C CG   . HIS A 1 21  ? -8.600  -4.922  6.591   1.00 14.15 ? 369 HIS A CG   1 
ATOM   163  N ND1  . HIS A 1 21  ? -8.263  -5.454  7.820   1.00 15.72 ? 369 HIS A ND1  1 
ATOM   164  C CD2  . HIS A 1 21  ? -8.608  -5.956  5.721   1.00 15.76 ? 369 HIS A CD2  1 
ATOM   165  C CE1  . HIS A 1 21  ? -8.090  -6.758  7.699   1.00 19.82 ? 369 HIS A CE1  1 
ATOM   166  N NE2  . HIS A 1 21  ? -8.280  -7.087  6.432   1.00 18.40 ? 369 HIS A NE2  1 
ATOM   167  N N    . ALA A 1 22  ? -11.358 -0.914  6.860   1.00 14.67 ? 370 ALA A N    1 
ATOM   168  C CA   . ALA A 1 22  ? -11.460 0.497   6.496   1.00 12.08 ? 370 ALA A CA   1 
ATOM   169  C C    . ALA A 1 22  ? -11.094 1.437   7.636   1.00 13.32 ? 370 ALA A C    1 
ATOM   170  O O    . ALA A 1 22  ? -10.724 2.585   7.374   1.00 15.71 ? 370 ALA A O    1 
ATOM   171  C CB   . ALA A 1 22  ? -12.872 0.818   6.005   1.00 15.06 ? 370 ALA A CB   1 
ATOM   172  N N    . ALA A 1 23  ? -11.218 0.997   8.889   1.00 11.52 ? 371 ALA A N    1 
ATOM   173  C CA   . ALA A 1 23  ? -10.985 1.917   9.994   1.00 15.45 ? 371 ALA A CA   1 
ATOM   174  C C    . ALA A 1 23  ? -9.546  2.398   10.036  1.00 16.55 ? 371 ALA A C    1 
ATOM   175  O O    . ALA A 1 23  ? -9.268  3.469   10.588  1.00 15.78 ? 371 ALA A O    1 
ATOM   176  C CB   . ALA A 1 23  ? -11.354 1.249   11.323  1.00 14.98 ? 371 ALA A CB   1 
ATOM   177  N N    . TYR A 1 24  ? -8.609  1.629   9.477   1.00 13.75 ? 372 TYR A N    1 
ATOM   178  C CA   . TYR A 1 24  ? -7.224  2.062   9.424   1.00 14.59 ? 372 TYR A CA   1 
ATOM   179  C C    . TYR A 1 24  ? -6.681  2.140   8.006   1.00 14.17 ? 372 TYR A C    1 
ATOM   180  O O    . TYR A 1 24  ? -5.613  2.721   7.807   1.00 14.09 ? 372 TYR A O    1 
ATOM   181  C CB   . TYR A 1 24  ? -6.329  1.143   10.278  1.00 14.54 ? 372 TYR A CB   1 
ATOM   182  C CG   . TYR A 1 24  ? -6.748  -0.320  10.287  1.00 15.55 ? 372 TYR A CG   1 
ATOM   183  C CD1  . TYR A 1 24  ? -7.726  -0.773  11.172  1.00 16.00 ? 372 TYR A CD1  1 
ATOM   184  C CD2  . TYR A 1 24  ? -6.145  -1.256  9.444   1.00 14.66 ? 372 TYR A CD2  1 
ATOM   185  C CE1  . TYR A 1 24  ? -8.118  -2.099  11.194  1.00 13.76 ? 372 TYR A CE1  1 
ATOM   186  C CE2  . TYR A 1 24  ? -6.533  -2.587  9.474   1.00 13.87 ? 372 TYR A CE2  1 
ATOM   187  C CZ   . TYR A 1 24  ? -7.517  -2.997  10.353  1.00 17.04 ? 372 TYR A CZ   1 
ATOM   188  O OH   . TYR A 1 24  ? -7.900  -4.320  10.372  1.00 14.74 ? 372 TYR A OH   1 
ATOM   189  N N    . ALA A 1 25  ? -7.389  1.601   7.014   1.00 12.11 ? 373 ALA A N    1 
ATOM   190  C CA   . ALA A 1 25  ? -6.867  1.661   5.651   1.00 9.62  ? 373 ALA A CA   1 
ATOM   191  C C    . ALA A 1 25  ? -7.186  2.973   4.944   1.00 11.58 ? 373 ALA A C    1 
ATOM   192  O O    . ALA A 1 25  ? -6.503  3.318   3.968   1.00 11.53 ? 373 ALA A O    1 
ATOM   193  C CB   . ALA A 1 25  ? -7.405  0.474   4.837   1.00 11.26 ? 373 ALA A CB   1 
ATOM   194  N N    . TRP A 1 26  ? -8.179  3.727   5.408   1.00 10.37 ? 374 TRP A N    1 
ATOM   195  C CA   . TRP A 1 26  ? -8.688  4.826   4.591   1.00 14.59 ? 374 TRP A CA   1 
ATOM   196  C C    . TRP A 1 26  ? -7.655  5.900   4.245   1.00 12.86 ? 374 TRP A C    1 
ATOM   197  O O    . TRP A 1 26  ? -7.756  6.451   3.134   1.00 12.66 ? 374 TRP A O    1 
ATOM   198  C CB   . TRP A 1 26  ? -9.947  5.420   5.256   1.00 18.06 ? 374 TRP A CB   1 
ATOM   199  C CG   . TRP A 1 26  ? -9.686  6.128   6.538   1.00 14.18 ? 374 TRP A CG   1 
ATOM   200  C CD1  . TRP A 1 26  ? -9.811  5.618   7.812   1.00 14.11 ? 374 TRP A CD1  1 
ATOM   201  C CD2  . TRP A 1 26  ? -9.254  7.478   6.688   1.00 16.38 ? 374 TRP A CD2  1 
ATOM   202  N NE1  . TRP A 1 26  ? -9.465  6.580   8.735   1.00 14.82 ? 374 TRP A NE1  1 
ATOM   203  C CE2  . TRP A 1 26  ? -9.122  7.728   8.069   1.00 17.55 ? 374 TRP A CE2  1 
ATOM   204  C CE3  . TRP A 1 26  ? -8.969  8.505   5.789   1.00 15.78 ? 374 TRP A CE3  1 
ATOM   205  C CZ2  . TRP A 1 26  ? -8.713  8.966   8.567   1.00 16.26 ? 374 TRP A CZ2  1 
ATOM   206  C CZ3  . TRP A 1 26  ? -8.560  9.728   6.282   1.00 17.69 ? 374 TRP A CZ3  1 
ATOM   207  C CH2  . TRP A 1 26  ? -8.444  9.952   7.662   1.00 20.53 ? 374 TRP A CH2  1 
ATOM   208  N N    . PRO A 1 27  ? -6.664  6.240   5.080   1.00 12.48 ? 375 PRO A N    1 
ATOM   209  C CA   . PRO A 1 27  ? -5.682  7.254   4.647   1.00 10.64 ? 375 PRO A CA   1 
ATOM   210  C C    . PRO A 1 27  ? -4.890  6.842   3.417   1.00 12.69 ? 375 PRO A C    1 
ATOM   211  O O    . PRO A 1 27  ? -4.281  7.713   2.780   1.00 15.82 ? 375 PRO A O    1 
ATOM   212  C CB   . PRO A 1 27  ? -4.769  7.428   5.875   1.00 13.72 ? 375 PRO A CB   1 
ATOM   213  C CG   . PRO A 1 27  ? -5.625  6.969   7.040   1.00 11.83 ? 375 PRO A CG   1 
ATOM   214  C CD   . PRO A 1 27  ? -6.414  5.808   6.463   1.00 10.67 ? 375 PRO A CD   1 
ATOM   215  N N    . PHE A 1 28  ? -4.892  5.556   3.062   1.00 10.27 ? 376 PHE A N    1 
ATOM   216  C CA   . PHE A 1 28  ? -4.058  5.025   1.997   1.00 12.90 ? 376 PHE A CA   1 
ATOM   217  C C    . PHE A 1 28  ? -4.874  4.700   0.759   1.00 12.53 ? 376 PHE A C    1 
ATOM   218  O O    . PHE A 1 28  ? -4.337  4.136   -0.203  1.00 11.80 ? 376 PHE A O    1 
ATOM   219  C CB   . PHE A 1 28  ? -3.319  3.791   2.519   1.00 15.53 ? 376 PHE A CB   1 
ATOM   220  C CG   . PHE A 1 28  ? -2.647  4.048   3.841   1.00 14.36 ? 376 PHE A CG   1 
ATOM   221  C CD1  . PHE A 1 28  ? -1.441  4.734   3.900   1.00 15.26 ? 376 PHE A CD1  1 
ATOM   222  C CD2  . PHE A 1 28  ? -3.241  3.627   5.027   1.00 15.01 ? 376 PHE A CD2  1 
ATOM   223  C CE1  . PHE A 1 28  ? -0.841  5.007   5.125   1.00 16.02 ? 376 PHE A CE1  1 
ATOM   224  C CE2  . PHE A 1 28  ? -2.659  3.890   6.245   1.00 12.78 ? 376 PHE A CE2  1 
ATOM   225  C CZ   . PHE A 1 28  ? -1.444  4.574   6.300   1.00 14.20 ? 376 PHE A CZ   1 
ATOM   226  N N    . TYR A 1 29  ? -6.148  5.087   0.736   1.00 10.35 ? 377 TYR A N    1 
ATOM   227  C CA   . TYR A 1 29  ? -6.994  4.764   -0.407  1.00 10.78 ? 377 TYR A CA   1 
ATOM   228  C C    . TYR A 1 29  ? -6.600  5.537   -1.656  1.00 13.12 ? 377 TYR A C    1 
ATOM   229  O O    . TYR A 1 29  ? -6.727  5.015   -2.772  1.00 17.90 ? 377 TYR A O    1 
ATOM   230  C CB   . TYR A 1 29  ? -8.452  5.055   -0.081  1.00 9.78  ? 377 TYR A CB   1 
ATOM   231  C CG   . TYR A 1 29  ? -9.131  4.075   0.834   1.00 12.19 ? 377 TYR A CG   1 
ATOM   232  C CD1  . TYR A 1 29  ? -8.595  2.814   1.095   1.00 11.64 ? 377 TYR A CD1  1 
ATOM   233  C CD2  . TYR A 1 29  ? -10.394 4.370   1.333   1.00 18.07 ? 377 TYR A CD2  1 
ATOM   234  C CE1  . TYR A 1 29  ? -9.274  1.893   1.919   1.00 10.06 ? 377 TYR A CE1  1 
ATOM   235  C CE2  . TYR A 1 29  ? -11.069 3.478   2.138   1.00 18.78 ? 377 TYR A CE2  1 
ATOM   236  C CZ   . TYR A 1 29  ? -10.513 2.243   2.420   1.00 13.75 ? 377 TYR A CZ   1 
ATOM   237  O OH   . TYR A 1 29  ? -11.220 1.381   3.210   1.00 15.62 ? 377 TYR A OH   1 
ATOM   238  N N    . LYS A 1 30  ? -6.216  6.801   -1.508  1.00 13.56 ? 378 LYS A N    1 
ATOM   239  C CA   . LYS A 1 30  ? -5.937  7.684   -2.630  1.00 13.79 ? 378 LYS A CA   1 
ATOM   240  C C    . LYS A 1 30  ? -4.600  8.372   -2.417  1.00 14.86 ? 378 LYS A C    1 
ATOM   241  O O    . LYS A 1 30  ? -4.071  8.386   -1.299  1.00 13.51 ? 378 LYS A O    1 
ATOM   242  C CB   . LYS A 1 30  ? -7.039  8.742   -2.788  1.00 19.92 ? 378 LYS A CB   1 
ATOM   243  C CG   . LYS A 1 30  ? -8.419  8.157   -3.022  1.00 22.47 ? 378 LYS A CG   1 
ATOM   244  C CD   . LYS A 1 30  ? -8.635  7.869   -4.518  1.00 24.28 ? 378 LYS A CD   1 
ATOM   245  C CE   . LYS A 1 30  ? -10.090 7.521   -4.801  1.00 35.92 ? 378 LYS A CE   1 
ATOM   246  N NZ   . LYS A 1 30  ? -10.582 8.203   -6.036  1.00 37.70 ? 378 LYS A NZ   1 
ATOM   247  N N    . PRO A 1 31  ? -4.018  8.940   -3.472  1.00 17.91 ? 379 PRO A N    1 
ATOM   248  C CA   . PRO A 1 31  ? -2.729  9.623   -3.313  1.00 14.24 ? 379 PRO A CA   1 
ATOM   249  C C    . PRO A 1 31  ? -2.811  10.657  -2.205  1.00 18.17 ? 379 PRO A C    1 
ATOM   250  O O    . PRO A 1 31  ? -3.835  11.328  -2.034  1.00 15.27 ? 379 PRO A O    1 
ATOM   251  C CB   . PRO A 1 31  ? -2.506  10.283  -4.678  1.00 15.55 ? 379 PRO A CB   1 
ATOM   252  C CG   . PRO A 1 31  ? -3.288  9.479   -5.622  1.00 20.14 ? 379 PRO A CG   1 
ATOM   253  C CD   . PRO A 1 31  ? -4.493  8.969   -4.864  1.00 14.54 ? 379 PRO A CD   1 
ATOM   254  N N    . VAL A 1 32  ? -1.708  10.806  -1.467  1.00 16.32 ? 380 VAL A N    1 
ATOM   255  C CA   . VAL A 1 32  ? -1.627  11.873  -0.485  1.00 16.64 ? 380 VAL A CA   1 
ATOM   256  C C    . VAL A 1 32  ? -1.791  13.194  -1.223  1.00 17.17 ? 380 VAL A C    1 
ATOM   257  O O    . VAL A 1 32  ? -1.027  13.501  -2.151  1.00 15.99 ? 380 VAL A O    1 
ATOM   258  C CB   . VAL A 1 32  ? -0.297  11.826  0.276   1.00 15.12 ? 380 VAL A CB   1 
ATOM   259  C CG1  . VAL A 1 32  ? -0.110  13.117  1.080   1.00 18.60 ? 380 VAL A CG1  1 
ATOM   260  C CG2  . VAL A 1 32  ? -0.211  10.626  1.174   1.00 14.97 ? 380 VAL A CG2  1 
ATOM   261  N N    . ASP A 1 33  ? -2.797  13.970  -0.819  1.00 19.56 ? 381 ASP A N    1 
ATOM   262  C CA   . ASP A 1 33  ? -3.031  15.323  -1.325  1.00 23.86 ? 381 ASP A CA   1 
ATOM   263  C C    . ASP A 1 33  ? -2.266  16.287  -0.431  1.00 18.82 ? 381 ASP A C    1 
ATOM   264  O O    . ASP A 1 33  ? -2.788  16.829  0.539   1.00 20.58 ? 381 ASP A O    1 
ATOM   265  C CB   . ASP A 1 33  ? -4.529  15.620  -1.368  1.00 26.09 ? 381 ASP A CB   1 
ATOM   266  C CG   . ASP A 1 33  ? -4.856  16.940  -2.050  1.00 30.81 ? 381 ASP A CG   1 
ATOM   267  O OD1  . ASP A 1 33  ? -3.941  17.581  -2.606  1.00 28.69 ? 381 ASP A OD1  1 
ATOM   268  O OD2  . ASP A 1 33  ? -6.053  17.300  -2.082  1.00 33.08 ? 381 ASP A OD2  1 
ATOM   269  N N    . VAL A 1 34  ? -0.985  16.479  -0.770  1.00 16.39 ? 382 VAL A N    1 
ATOM   270  C CA   . VAL A 1 34  ? -0.083  17.229  0.109   1.00 20.05 ? 382 VAL A CA   1 
ATOM   271  C C    . VAL A 1 34  ? -0.648  18.617  0.384   1.00 22.06 ? 382 VAL A C    1 
ATOM   272  O O    . VAL A 1 34  ? -0.756  19.045  1.539   1.00 23.67 ? 382 VAL A O    1 
ATOM   273  C CB   . VAL A 1 34  ? 1.330   17.292  -0.498  1.00 19.76 ? 382 VAL A CB   1 
ATOM   274  C CG1  . VAL A 1 34  ? 1.771   15.921  -0.991  1.00 29.43 ? 382 VAL A CG1  1 
ATOM   275  C CG2  . VAL A 1 34  ? 1.406   18.323  -1.623  1.00 33.51 ? 382 VAL A CG2  1 
ATOM   276  N N    . GLU A 1 35  ? -1.056  19.319  -0.675  1.00 22.80 ? 383 GLU A N    1 
ATOM   277  C CA   . GLU A 1 35  ? -1.539  20.688  -0.528  1.00 22.51 ? 383 GLU A CA   1 
ATOM   278  C C    . GLU A 1 35  ? -2.767  20.741  0.367   1.00 24.59 ? 383 GLU A C    1 
ATOM   279  O O    . GLU A 1 35  ? -2.820  21.513  1.332   1.00 22.45 ? 383 GLU A O    1 
ATOM   280  C CB   . GLU A 1 35  ? -1.842  21.278  -1.908  1.00 29.79 ? 383 GLU A CB   1 
ATOM   281  N N    . ALA A 1 36  ? -3.765  19.902  0.073   1.00 25.24 ? 384 ALA A N    1 
ATOM   282  C CA   . ALA A 1 36  ? -4.977  19.878  0.890   1.00 24.18 ? 384 ALA A CA   1 
ATOM   283  C C    . ALA A 1 36  ? -4.677  19.571  2.353   1.00 21.67 ? 384 ALA A C    1 
ATOM   284  O O    . ALA A 1 36  ? -5.392  20.040  3.246   1.00 26.76 ? 384 ALA A O    1 
ATOM   285  C CB   . ALA A 1 36  ? -5.958  18.853  0.323   1.00 24.15 ? 384 ALA A CB   1 
ATOM   286  N N    . LEU A 1 37  ? -3.634  18.797  2.625   1.00 21.27 ? 385 LEU A N    1 
ATOM   287  C CA   . LEU A 1 37  ? -3.324  18.407  3.991   1.00 17.25 ? 385 LEU A CA   1 
ATOM   288  C C    . LEU A 1 37  ? -2.374  19.375  4.689   1.00 18.71 ? 385 LEU A C    1 
ATOM   289  O O    . LEU A 1 37  ? -2.056  19.167  5.867   1.00 19.40 ? 385 LEU A O    1 
ATOM   290  C CB   . LEU A 1 37  ? -2.726  16.993  4.004   1.00 19.00 ? 385 LEU A CB   1 
ATOM   291  C CG   . LEU A 1 37  ? -3.734  15.875  3.690   1.00 19.96 ? 385 LEU A CG   1 
ATOM   292  C CD1  . LEU A 1 37  ? -3.017  14.595  3.301   1.00 20.11 ? 385 LEU A CD1  1 
ATOM   293  C CD2  . LEU A 1 37  ? -4.685  15.642  4.852   1.00 24.45 ? 385 LEU A CD2  1 
ATOM   294  N N    . GLY A 1 38  ? -1.894  20.408  3.996   1.00 19.12 ? 386 GLY A N    1 
ATOM   295  C CA   . GLY A 1 38  ? -0.921  21.317  4.569   1.00 19.29 ? 386 GLY A CA   1 
ATOM   296  C C    . GLY A 1 38  ? 0.490   20.776  4.619   1.00 20.45 ? 386 GLY A C    1 
ATOM   297  O O    . GLY A 1 38  ? 1.339   21.357  5.296   1.00 19.54 ? 386 GLY A O    1 
ATOM   298  N N    . LEU A 1 39  ? 0.767   19.682  3.921   1.00 15.08 ? 387 LEU A N    1 
ATOM   299  C CA   . LEU A 1 39  ? 2.046   18.984  4.032   1.00 11.10 ? 387 LEU A CA   1 
ATOM   300  C C    . LEU A 1 39  ? 2.972   19.465  2.916   1.00 12.83 ? 387 LEU A C    1 
ATOM   301  O O    . LEU A 1 39  ? 3.349   18.719  2.026   1.00 14.22 ? 387 LEU A O    1 
ATOM   302  C CB   . LEU A 1 39  ? 1.811   17.477  3.949   1.00 15.48 ? 387 LEU A CB   1 
ATOM   303  C CG   . LEU A 1 39  ? 0.810   16.895  4.957   1.00 15.74 ? 387 LEU A CG   1 
ATOM   304  C CD1  . LEU A 1 39  ? 0.813   15.393  4.836   1.00 15.24 ? 387 LEU A CD1  1 
ATOM   305  C CD2  . LEU A 1 39  ? 1.170   17.309  6.375   1.00 15.62 ? 387 LEU A CD2  1 
ATOM   306  N N    . HIS A 1 40  ? 3.369   20.751  2.992   1.00 16.26 ? 388 HIS A N    1 
ATOM   307  C CA   . HIS A 1 40  ? 4.050   21.360  1.848   1.00 13.55 ? 388 HIS A CA   1 
ATOM   308  C C    . HIS A 1 40  ? 5.479   20.877  1.639   1.00 18.53 ? 388 HIS A C    1 
ATOM   309  O O    . HIS A 1 40  ? 6.083   21.236  0.617   1.00 19.27 ? 388 HIS A O    1 
ATOM   310  C CB   . HIS A 1 40  ? 3.996   22.885  1.962   1.00 14.47 ? 388 HIS A CB   1 
ATOM   311  C CG   . HIS A 1 40  ? 2.601   23.409  2.041   1.00 15.50 ? 388 HIS A CG   1 
ATOM   312  N ND1  . HIS A 1 40  ? 1.711   23.270  0.996   1.00 19.02 ? 388 HIS A ND1  1 
ATOM   313  C CD2  . HIS A 1 40  ? 1.922   24.020  3.038   1.00 16.31 ? 388 HIS A CD2  1 
ATOM   314  C CE1  . HIS A 1 40  ? 0.547   23.790  1.342   1.00 16.00 ? 388 HIS A CE1  1 
ATOM   315  N NE2  . HIS A 1 40  ? 0.648   24.255  2.574   1.00 15.86 ? 388 HIS A NE2  1 
ATOM   316  N N    . ASP A 1 41  ? 6.017   20.056  2.531   1.00 12.64 ? 389 ASP A N    1 
ATOM   317  C CA   . ASP A 1 41  ? 7.301   19.411  2.305   1.00 13.75 ? 389 ASP A CA   1 
ATOM   318  C C    . ASP A 1 41  ? 7.175   17.961  1.850   1.00 13.41 ? 389 ASP A C    1 
ATOM   319  O O    . ASP A 1 41  ? 8.195   17.284  1.706   1.00 11.85 ? 389 ASP A O    1 
ATOM   320  C CB   . ASP A 1 41  ? 8.151   19.477  3.576   1.00 16.60 ? 389 ASP A CB   1 
ATOM   321  C CG   . ASP A 1 41  ? 7.437   18.920  4.790   1.00 14.88 ? 389 ASP A CG   1 
ATOM   322  O OD1  . ASP A 1 41  ? 6.220   18.627  4.711   1.00 15.98 ? 389 ASP A OD1  1 
ATOM   323  O OD2  . ASP A 1 41  ? 8.097   18.820  5.853   1.00 16.43 ? 389 ASP A OD2  1 
ATOM   324  N N    . TYR A 1 42  ? 5.961   17.459  1.632   1.00 14.01 ? 390 TYR A N    1 
ATOM   325  C CA   . TYR A 1 42  ? 5.804   16.048  1.318   1.00 13.44 ? 390 TYR A CA   1 
ATOM   326  C C    . TYR A 1 42  ? 6.575   15.640  0.051   1.00 12.52 ? 390 TYR A C    1 
ATOM   327  O O    . TYR A 1 42  ? 7.324   14.655  0.091   1.00 13.20 ? 390 TYR A O    1 
ATOM   328  C CB   . TYR A 1 42  ? 4.321   15.706  1.183   1.00 13.71 ? 390 TYR A CB   1 
ATOM   329  C CG   . TYR A 1 42  ? 4.048   14.209  1.165   1.00 12.53 ? 390 TYR A CG   1 
ATOM   330  C CD1  . TYR A 1 42  ? 3.968   13.477  2.347   1.00 12.80 ? 390 TYR A CD1  1 
ATOM   331  C CD2  . TYR A 1 42  ? 3.912   13.536  -0.037  1.00 13.17 ? 390 TYR A CD2  1 
ATOM   332  C CE1  . TYR A 1 42  ? 3.739   12.089  2.321   1.00 10.54 ? 390 TYR A CE1  1 
ATOM   333  C CE2  . TYR A 1 42  ? 3.676   12.156  -0.069  1.00 13.11 ? 390 TYR A CE2  1 
ATOM   334  C CZ   . TYR A 1 42  ? 3.600   11.450  1.102   1.00 13.01 ? 390 TYR A CZ   1 
ATOM   335  O OH   . TYR A 1 42  ? 3.394   10.087  1.062   1.00 13.47 ? 390 TYR A OH   1 
HETATM 336  N N    . CME A 1 43  ? 6.408   16.395  -1.031  0.00 15.52 ? 391 CME A N    1 
HETATM 337  C CA   . CME A 1 43  ? 7.040   16.082  -2.297  0.00 16.18 ? 391 CME A CA   1 
HETATM 338  C CB   . CME A 1 43  ? 6.696   17.084  -3.405  0.00 17.71 ? 391 CME A CB   1 
HETATM 339  S SG   . CME A 1 43  ? 4.985   17.211  -3.789  0.00 18.53 ? 391 CME A SG   1 
HETATM 340  S SD   . CME A 1 43  ? 4.598   15.840  -5.339  0.00 17.76 ? 391 CME A SD   1 
HETATM 341  C CE   . CME A 1 43  ? 2.948   15.270  -5.126  0.00 18.03 ? 391 CME A CE   1 
HETATM 342  C CZ   . CME A 1 43  ? 2.847   14.013  -4.289  0.00 17.39 ? 391 CME A CZ   1 
HETATM 343  O OH   . CME A 1 43  ? 3.957   14.023  -3.404  0.00 16.77 ? 391 CME A OH   1 
HETATM 344  C C    . CME A 1 43  ? 8.559   16.044  -2.157  0.00 16.39 ? 391 CME A C    1 
HETATM 345  O O    . CME A 1 43  ? 9.284   15.255  -2.771  0.00 16.33 ? 391 CME A O    1 
ATOM   346  N N    . ASP A 1 44  ? 9.058   16.942  -1.313  1.00 14.53 ? 392 ASP A N    1 
ATOM   347  C CA   . ASP A 1 44  ? 10.491  17.110  -1.113  1.00 12.74 ? 392 ASP A CA   1 
ATOM   348  C C    . ASP A 1 44  ? 11.124  15.957  -0.345  1.00 17.10 ? 392 ASP A C    1 
ATOM   349  O O    . ASP A 1 44  ? 12.338  15.736  -0.419  1.00 20.59 ? 392 ASP A O    1 
ATOM   350  C CB   . ASP A 1 44  ? 10.746  18.413  -0.352  1.00 12.68 ? 392 ASP A CB   1 
ATOM   351  C CG   . ASP A 1 44  ? 10.373  19.640  -1.165  1.00 22.63 ? 392 ASP A CG   1 
ATOM   352  O OD1  . ASP A 1 44  ? 11.019  19.926  -2.203  1.00 22.91 ? 392 ASP A OD1  1 
ATOM   353  O OD2  . ASP A 1 44  ? 9.339   20.253  -0.836  1.00 22.48 ? 392 ASP A OD2  1 
ATOM   354  N N    . ILE A 1 45  ? 10.303  15.254  0.429   1.00 15.97 ? 393 ILE A N    1 
ATOM   355  C CA   . ILE A 1 45  ? 10.770  14.159  1.270   1.00 15.81 ? 393 ILE A CA   1 
ATOM   356  C C    . ILE A 1 45  ? 10.472  12.797  0.648   1.00 15.29 ? 393 ILE A C    1 
ATOM   357  O O    . ILE A 1 45  ? 11.308  11.890  0.706   1.00 13.19 ? 393 ILE A O    1 
ATOM   358  C CB   . ILE A 1 45  ? 10.142  14.297  2.675   1.00 14.24 ? 393 ILE A CB   1 
ATOM   359  C CG1  . ILE A 1 45  ? 10.704  15.549  3.377   1.00 14.64 ? 393 ILE A CG1  1 
ATOM   360  C CG2  . ILE A 1 45  ? 10.292  13.038  3.510   1.00 13.50 ? 393 ILE A CG2  1 
ATOM   361  C CD1  . ILE A 1 45  ? 9.920   15.924  4.612   1.00 16.34 ? 393 ILE A CD1  1 
ATOM   362  N N    . ILE A 1 46  ? 9.301   12.661  0.035   1.00 14.80 ? 394 ILE A N    1 
ATOM   363  C CA   . ILE A 1 46  ? 8.839   11.428  -0.607  1.00 12.33 ? 394 ILE A CA   1 
ATOM   364  C C    . ILE A 1 46  ? 9.067   11.553  -2.112  1.00 17.00 ? 394 ILE A C    1 
ATOM   365  O O    . ILE A 1 46  ? 8.370   12.305  -2.797  1.00 20.11 ? 394 ILE A O    1 
ATOM   366  C CB   . ILE A 1 46  ? 7.361   11.167  -0.285  1.00 12.75 ? 394 ILE A CB   1 
ATOM   367  C CG1  . ILE A 1 46  ? 7.137   11.085  1.229   1.00 13.61 ? 394 ILE A CG1  1 
ATOM   368  C CG2  . ILE A 1 46  ? 6.865   9.876   -0.937  1.00 11.94 ? 394 ILE A CG2  1 
ATOM   369  C CD1  . ILE A 1 46  ? 8.007   10.059  1.910   1.00 14.79 ? 394 ILE A CD1  1 
ATOM   370  N N    . LYS A 1 47  ? 10.022  10.793  -2.650  1.00 14.72 ? 395 LYS A N    1 
ATOM   371  C CA   . LYS A 1 47  ? 10.328  10.891  -4.074  1.00 17.71 ? 395 LYS A CA   1 
ATOM   372  C C    . LYS A 1 47  ? 9.421   10.030  -4.950  1.00 18.25 ? 395 LYS A C    1 
ATOM   373  O O    . LYS A 1 47  ? 9.257   10.334  -6.140  1.00 17.93 ? 395 LYS A O    1 
ATOM   374  C CB   . LYS A 1 47  ? 11.788  10.515  -4.313  1.00 20.81 ? 395 LYS A CB   1 
ATOM   375  N N    . HIS A 1 48  ? 8.823   8.973   -4.405  1.00 14.09 ? 396 HIS A N    1 
ATOM   376  C CA   . HIS A 1 48  ? 7.995   8.054   -5.187  1.00 15.14 ? 396 HIS A CA   1 
ATOM   377  C C    . HIS A 1 48  ? 6.706   7.780   -4.431  1.00 14.13 ? 396 HIS A C    1 
ATOM   378  O O    . HIS A 1 48  ? 6.579   6.766   -3.733  1.00 15.08 ? 396 HIS A O    1 
ATOM   379  C CB   . HIS A 1 48  ? 8.748   6.751   -5.485  1.00 18.00 ? 396 HIS A CB   1 
ATOM   380  C CG   . HIS A 1 48  ? 9.896   6.933   -6.431  1.00 21.80 ? 396 HIS A CG   1 
ATOM   381  N ND1  . HIS A 1 48  ? 11.211  6.816   -6.033  1.00 29.66 ? 396 HIS A ND1  1 
ATOM   382  C CD2  . HIS A 1 48  ? 9.928   7.253   -7.745  1.00 26.85 ? 396 HIS A CD2  1 
ATOM   383  C CE1  . HIS A 1 48  ? 12.005  7.048   -7.064  1.00 26.11 ? 396 HIS A CE1  1 
ATOM   384  N NE2  . HIS A 1 48  ? 11.251  7.312   -8.117  1.00 31.74 ? 396 HIS A NE2  1 
ATOM   385  N N    . PRO A 1 49  ? 5.720   8.675   -4.542  1.00 16.21 ? 397 PRO A N    1 
ATOM   386  C CA   . PRO A 1 49  ? 4.456   8.469   -3.821  1.00 12.71 ? 397 PRO A CA   1 
ATOM   387  C C    . PRO A 1 49  ? 3.752   7.210   -4.308  1.00 13.99 ? 397 PRO A C    1 
ATOM   388  O O    . PRO A 1 49  ? 3.915   6.784   -5.458  1.00 15.18 ? 397 PRO A O    1 
ATOM   389  C CB   . PRO A 1 49  ? 3.643   9.724   -4.159  1.00 15.93 ? 397 PRO A CB   1 
ATOM   390  C CG   . PRO A 1 49  ? 4.669   10.749  -4.596  1.00 19.20 ? 397 PRO A CG   1 
ATOM   391  C CD   . PRO A 1 49  ? 5.709   9.930   -5.312  1.00 15.94 ? 397 PRO A CD   1 
ATOM   392  N N    . MET A 1 50  ? 2.948   6.618   -3.421  1.00 11.93 ? 398 MET A N    1 
ATOM   393  C CA   . MET A 1 50  ? 2.255   5.377   -3.755  1.00 13.11 ? 398 MET A CA   1 
ATOM   394  C C    . MET A 1 50  ? 1.042   5.282   -2.842  1.00 10.76 ? 398 MET A C    1 
ATOM   395  O O    . MET A 1 50  ? 1.099   5.719   -1.687  1.00 13.50 ? 398 MET A O    1 
ATOM   396  C CB   . MET A 1 50  ? 3.151   4.143   -3.532  1.00 13.32 ? 398 MET A CB   1 
ATOM   397  C CG   . MET A 1 50  ? 2.647   2.790   -4.057  1.00 13.35 ? 398 MET A CG   1 
ATOM   398  S SD   . MET A 1 50  ? 1.877   2.818   -5.695  1.00 16.46 ? 398 MET A SD   1 
ATOM   399  C CE   . MET A 1 50  ? 3.320   3.236   -6.644  1.00 15.55 ? 398 MET A CE   1 
ATOM   400  N N    . ASP A 1 51  ? -0.042  4.686   -3.352  1.00 12.32 ? 399 ASP A N    1 
ATOM   401  C CA   . ASP A 1 51  ? -1.283  4.516   -2.604  1.00 13.30 ? 399 ASP A CA   1 
ATOM   402  C C    . ASP A 1 51  ? -2.045  3.340   -3.203  1.00 12.27 ? 399 ASP A C    1 
ATOM   403  O O    . ASP A 1 51  ? -1.710  2.834   -4.277  1.00 12.98 ? 399 ASP A O    1 
ATOM   404  C CB   . ASP A 1 51  ? -2.158  5.761   -2.684  1.00 15.83 ? 399 ASP A CB   1 
ATOM   405  C CG   . ASP A 1 51  ? -2.686  5.968   -4.088  1.00 18.15 ? 399 ASP A CG   1 
ATOM   406  O OD1  . ASP A 1 51  ? -1.925  6.456   -4.939  1.00 18.44 ? 399 ASP A OD1  1 
ATOM   407  O OD2  . ASP A 1 51  ? -3.838  5.584   -4.372  1.00 22.11 ? 399 ASP A OD2  1 
ATOM   408  N N    . MET A 1 52  ? -3.119  2.944   -2.525  1.00 12.01 ? 400 MET A N    1 
ATOM   409  C CA   . MET A 1 52  ? -3.811  1.744   -2.979  1.00 8.99  ? 400 MET A CA   1 
ATOM   410  C C    . MET A 1 52  ? -4.596  1.954   -4.272  1.00 13.44 ? 400 MET A C    1 
ATOM   411  O O    . MET A 1 52  ? -4.780  0.995   -5.029  1.00 14.34 ? 400 MET A O    1 
ATOM   412  C CB   . MET A 1 52  ? -4.712  1.214   -1.875  1.00 10.88 ? 400 MET A CB   1 
ATOM   413  C CG   . MET A 1 52  ? -3.936  0.708   -0.714  1.00 15.17 ? 400 MET A CG   1 
ATOM   414  S SD   . MET A 1 52  ? -5.077  0.497   0.634   1.00 36.16 ? 400 MET A SD   1 
ATOM   415  C CE   . MET A 1 52  ? -5.956  -0.947  0.056   1.00 27.14 ? 400 MET A CE   1 
ATOM   416  N N    . SER A 1 53  ? -5.053  3.175   -4.572  1.00 14.98 ? 401 SER A N    1 
ATOM   417  C CA   . SER A 1 53  ? -5.702  3.337   -5.875  1.00 13.65 ? 401 SER A CA   1 
ATOM   418  C C    . SER A 1 53  ? -4.699  3.225   -7.013  1.00 13.57 ? 401 SER A C    1 
ATOM   419  O O    . SER A 1 53  ? -5.055  2.782   -8.110  1.00 15.40 ? 401 SER A O    1 
ATOM   420  C CB   . SER A 1 53  ? -6.434  4.670   -5.983  1.00 17.48 ? 401 SER A CB   1 
ATOM   421  O OG   . SER A 1 53  ? -5.517  5.747   -5.963  1.00 19.27 ? 401 SER A OG   1 
ATOM   422  N N    . THR A 1 54  ? -3.444  3.610   -6.783  1.00 11.96 ? 402 THR A N    1 
ATOM   423  C CA   . THR A 1 54  ? -2.443  3.453   -7.833  1.00 12.19 ? 402 THR A CA   1 
ATOM   424  C C    . THR A 1 54  ? -2.092  1.980   -8.031  1.00 12.93 ? 402 THR A C    1 
ATOM   425  O O    . THR A 1 54  ? -1.978  1.504   -9.171  1.00 13.28 ? 402 THR A O    1 
ATOM   426  C CB   . THR A 1 54  ? -1.219  4.298   -7.497  1.00 14.31 ? 402 THR A CB   1 
ATOM   427  O OG1  . THR A 1 54  ? -1.627  5.677   -7.491  1.00 15.31 ? 402 THR A OG1  1 
ATOM   428  C CG2  . THR A 1 54  ? -0.127  4.087   -8.540  1.00 17.72 ? 402 THR A CG2  1 
ATOM   429  N N    . ILE A 1 55  ? -1.959  1.229   -6.934  1.00 11.70 ? 403 ILE A N    1 
ATOM   430  C CA   . ILE A 1 55  ? -1.731  -0.209  -7.030  1.00 11.67 ? 403 ILE A CA   1 
ATOM   431  C C    . ILE A 1 55  ? -2.892  -0.881  -7.766  1.00 11.45 ? 403 ILE A C    1 
ATOM   432  O O    . ILE A 1 55  ? -2.690  -1.746  -8.630  1.00 12.85 ? 403 ILE A O    1 
ATOM   433  C CB   . ILE A 1 55  ? -1.515  -0.797  -5.621  1.00 12.15 ? 403 ILE A CB   1 
ATOM   434  C CG1  . ILE A 1 55  ? -0.287  -0.122  -4.980  1.00 9.34  ? 403 ILE A CG1  1 
ATOM   435  C CG2  . ILE A 1 55  ? -1.313  -2.308  -5.663  1.00 12.33 ? 403 ILE A CG2  1 
ATOM   436  C CD1  . ILE A 1 55  ? 0.438   -0.986  -3.976  1.00 24.35 ? 403 ILE A CD1  1 
ATOM   437  N N    . LYS A 1 56  ? -4.129  -0.483  -7.450  1.00 10.07 ? 404 LYS A N    1 
ATOM   438  C CA   . LYS A 1 56  ? -5.267  -1.096  -8.120  1.00 12.30 ? 404 LYS A CA   1 
ATOM   439  C C    . LYS A 1 56  ? -5.255  -0.781  -9.613  1.00 16.91 ? 404 LYS A C    1 
ATOM   440  O O    . LYS A 1 56  ? -5.536  -1.658  -10.434 1.00 16.15 ? 404 LYS A O    1 
ATOM   441  C CB   . LYS A 1 56  ? -6.576  -0.634  -7.482  1.00 19.08 ? 404 LYS A CB   1 
ATOM   442  C CG   . LYS A 1 56  ? -7.789  -0.884  -8.369  1.00 23.73 ? 404 LYS A CG   1 
ATOM   443  C CD   . LYS A 1 56  ? -9.104  -0.660  -7.620  1.00 29.40 ? 404 LYS A CD   1 
ATOM   444  C CE   . LYS A 1 56  ? -10.037 -1.874  -7.673  1.00 36.46 ? 404 LYS A CE   1 
ATOM   445  N NZ   . LYS A 1 56  ? -9.377  -3.192  -7.403  1.00 38.20 ? 404 LYS A NZ   1 
ATOM   446  N N    . SER A 1 57  ? -4.937  0.463   -9.984  1.00 13.96 ? 405 SER A N    1 
ATOM   447  C CA   . SER A 1 57  ? -4.842  0.802   -11.403 1.00 13.06 ? 405 SER A CA   1 
ATOM   448  C C    . SER A 1 57  ? -3.775  -0.037  -12.088 1.00 16.34 ? 405 SER A C    1 
ATOM   449  O O    . SER A 1 57  ? -3.981  -0.530  -13.208 1.00 15.35 ? 405 SER A O    1 
ATOM   450  C CB   . SER A 1 57  ? -4.521  2.293   -11.582 1.00 14.19 ? 405 SER A CB   1 
ATOM   451  O OG   . SER A 1 57  ? -5.379  3.101   -10.806 1.00 31.10 ? 405 SER A OG   1 
ATOM   452  N N    . LYS A 1 58  ? -2.617  -0.203  -11.437 1.00 15.36 ? 406 LYS A N    1 
ATOM   453  C CA   . LYS A 1 58  ? -1.541  -0.968  -12.056 1.00 11.74 ? 406 LYS A CA   1 
ATOM   454  C C    . LYS A 1 58  ? -1.909  -2.442  -12.180 1.00 21.00 ? 406 LYS A C    1 
ATOM   455  O O    . LYS A 1 58  ? -1.552  -3.083  -13.171 1.00 17.08 ? 406 LYS A O    1 
ATOM   456  C CB   . LYS A 1 58  ? -0.230  -0.776  -11.292 1.00 11.93 ? 406 LYS A CB   1 
ATOM   457  C CG   . LYS A 1 58  ? 0.329   0.647   -11.428 1.00 14.99 ? 406 LYS A CG   1 
ATOM   458  C CD   . LYS A 1 58  ? 1.555   0.888   -10.539 1.00 18.99 ? 406 LYS A CD   1 
ATOM   459  C CE   . LYS A 1 58  ? 2.805   0.216   -11.091 1.00 17.59 ? 406 LYS A CE   1 
ATOM   460  N NZ   . LYS A 1 58  ? 4.064   0.693   -10.430 1.00 19.35 ? 406 LYS A NZ   1 
ATOM   461  N N    . LEU A 1 59  ? -2.626  -2.996  -11.194 1.00 15.95 ? 407 LEU A N    1 
ATOM   462  C CA   . LEU A 1 59  ? -3.122  -4.368  -11.317 1.00 12.84 ? 407 LEU A CA   1 
ATOM   463  C C    . LEU A 1 59  ? -4.128  -4.491  -12.466 1.00 17.90 ? 407 LEU A C    1 
ATOM   464  O O    . LEU A 1 59  ? -4.021  -5.399  -13.296 1.00 18.31 ? 407 LEU A O    1 
ATOM   465  C CB   . LEU A 1 59  ? -3.767  -4.831  -10.003 1.00 16.95 ? 407 LEU A CB   1 
ATOM   466  C CG   . LEU A 1 59  ? -3.853  -6.327  -9.584  1.00 26.62 ? 407 LEU A CG   1 
ATOM   467  C CD1  . LEU A 1 59  ? -2.739  -7.316  -10.078 1.00 6.88  ? 407 LEU A CD1  1 
ATOM   468  C CD2  . LEU A 1 59  ? -4.074  -6.433  -8.075  1.00 30.98 ? 407 LEU A CD2  1 
ATOM   469  N N    . GLU A 1 60  ? -5.110  -3.582  -12.534 1.00 14.14 ? 408 GLU A N    1 
ATOM   470  C CA   . GLU A 1 60  ? -6.128  -3.678  -13.584 1.00 18.11 ? 408 GLU A CA   1 
ATOM   471  C C    . GLU A 1 60  ? -5.511  -3.584  -14.974 1.00 19.49 ? 408 GLU A C    1 
ATOM   472  O O    . GLU A 1 60  ? -5.941  -4.286  -15.907 1.00 19.90 ? 408 GLU A O    1 
ATOM   473  C CB   . GLU A 1 60  ? -7.189  -2.587  -13.423 1.00 19.97 ? 408 GLU A CB   1 
ATOM   474  C CG   . GLU A 1 60  ? -8.293  -2.899  -12.421 1.00 27.66 ? 408 GLU A CG   1 
ATOM   475  C CD   . GLU A 1 60  ? -8.890  -1.663  -11.786 1.00 32.53 ? 408 GLU A CD   1 
ATOM   476  O OE1  . GLU A 1 60  ? -8.646  -0.545  -12.290 1.00 34.88 ? 408 GLU A OE1  1 
ATOM   477  O OE2  . GLU A 1 60  ? -9.640  -1.811  -10.799 1.00 32.00 ? 408 GLU A OE2  1 
ATOM   478  N N    . ALA A 1 61  ? -4.512  -2.719  -15.133 1.00 14.87 ? 409 ALA A N    1 
ATOM   479  C CA   . ALA A 1 61  ? -3.841  -2.498  -16.410 1.00 13.19 ? 409 ALA A CA   1 
ATOM   480  C C    . ALA A 1 61  ? -2.750  -3.522  -16.700 1.00 14.67 ? 409 ALA A C    1 
ATOM   481  O O    . ALA A 1 61  ? -2.029  -3.365  -17.691 1.00 18.18 ? 409 ALA A O    1 
ATOM   482  C CB   . ALA A 1 61  ? -3.246  -1.086  -16.447 1.00 18.02 ? 409 ALA A CB   1 
ATOM   483  N N    . ARG A 1 62  ? -2.584  -4.532  -15.847 1.00 13.19 ? 410 ARG A N    1 
ATOM   484  C CA   . ARG A 1 62  ? -1.592  -5.588  -16.048 1.00 13.29 ? 410 ARG A CA   1 
ATOM   485  C C    . ARG A 1 62  ? -0.180  -5.008  -16.123 1.00 15.19 ? 410 ARG A C    1 
ATOM   486  O O    . ARG A 1 62  ? 0.666   -5.477  -16.881 1.00 17.59 ? 410 ARG A O    1 
ATOM   487  C CB   . ARG A 1 62  ? -1.915  -6.422  -17.288 1.00 18.50 ? 410 ARG A CB   1 
ATOM   488  C CG   . ARG A 1 62  ? -3.399  -6.717  -17.420 1.00 23.02 ? 410 ARG A CG   1 
ATOM   489  C CD   . ARG A 1 62  ? -3.687  -7.654  -18.577 1.00 28.75 ? 410 ARG A CD   1 
ATOM   490  N NE   . ARG A 1 62  ? -3.078  -8.951  -18.314 1.00 28.92 ? 410 ARG A NE   1 
ATOM   491  C CZ   . ARG A 1 62  ? -3.131  -9.994  -19.129 1.00 35.40 ? 410 ARG A CZ   1 
ATOM   492  N NH1  . ARG A 1 62  ? -3.764  -9.933  -20.290 1.00 28.32 ? 410 ARG A NH1  1 
ATOM   493  N NH2  . ARG A 1 62  ? -2.532  -11.127 -18.769 1.00 32.51 ? 410 ARG A NH2  1 
ATOM   494  N N    . GLU A 1 63  ? 0.079   -3.981  -15.318 1.00 13.04 ? 411 GLU A N    1 
ATOM   495  C CA   . GLU A 1 63  ? 1.433   -3.446  -15.249 1.00 13.50 ? 411 GLU A CA   1 
ATOM   496  C C    . GLU A 1 63  ? 2.356   -4.345  -14.434 1.00 12.98 ? 411 GLU A C    1 
ATOM   497  O O    . GLU A 1 63  ? 3.524   -4.509  -14.787 1.00 17.91 ? 411 GLU A O    1 
ATOM   498  C CB   . GLU A 1 63  ? 1.415   -2.028  -14.695 1.00 13.17 ? 411 GLU A CB   1 
ATOM   499  C CG   . GLU A 1 63  ? 2.820   -1.349  -14.767 1.00 17.97 ? 411 GLU A CG   1 
ATOM   500  C CD   . GLU A 1 63  ? 2.735   0.026   -15.317 1.00 23.45 ? 411 GLU A CD   1 
ATOM   501  O OE1  . GLU A 1 63  ? 1.815   0.746   -14.907 1.00 29.18 ? 411 GLU A OE1  1 
ATOM   502  O OE2  . GLU A 1 63  ? 3.629   0.414   -16.122 1.00 40.98 ? 411 GLU A OE2  1 
ATOM   503  N N    . TYR A 1 64  ? 1.852   -4.963  -13.361 1.00 13.74 ? 412 TYR A N    1 
ATOM   504  C CA   . TYR A 1 64  ? 2.691   -5.857  -12.567 1.00 14.04 ? 412 TYR A CA   1 
ATOM   505  C C    . TYR A 1 64  ? 2.955   -7.153  -13.315 1.00 18.57 ? 412 TYR A C    1 
ATOM   506  O O    . TYR A 1 64  ? 2.016   -7.864  -13.687 1.00 19.14 ? 412 TYR A O    1 
ATOM   507  C CB   . TYR A 1 64  ? 2.049   -6.155  -11.215 1.00 12.42 ? 412 TYR A CB   1 
ATOM   508  C CG   . TYR A 1 64  ? 1.891   -4.918  -10.355 1.00 15.28 ? 412 TYR A CG   1 
ATOM   509  C CD1  . TYR A 1 64  ? 3.006   -4.178  -9.971  1.00 15.88 ? 412 TYR A CD1  1 
ATOM   510  C CD2  . TYR A 1 64  ? 0.643   -4.513  -9.904  1.00 17.30 ? 412 TYR A CD2  1 
ATOM   511  C CE1  . TYR A 1 64  ? 2.882   -3.047  -9.176  1.00 14.13 ? 412 TYR A CE1  1 
ATOM   512  C CE2  . TYR A 1 64  ? 0.507   -3.389  -9.108  1.00 12.91 ? 412 TYR A CE2  1 
ATOM   513  C CZ   . TYR A 1 64  ? 1.616   -2.666  -8.746  1.00 14.44 ? 412 TYR A CZ   1 
ATOM   514  O OH   . TYR A 1 64  ? 1.451   -1.553  -7.945  1.00 17.35 ? 412 TYR A OH   1 
ATOM   515  N N    . ARG A 1 65  ? 4.228   -7.480  -13.516 1.00 18.77 ? 413 ARG A N    1 
ATOM   516  C CA   . ARG A 1 65  ? 4.532   -8.745  -14.171 1.00 22.99 ? 413 ARG A CA   1 
ATOM   517  C C    . ARG A 1 65  ? 4.727   -9.887  -13.195 1.00 20.33 ? 413 ARG A C    1 
ATOM   518  O O    . ARG A 1 65  ? 4.758   -11.042 -13.630 1.00 19.64 ? 413 ARG A O    1 
ATOM   519  C CB   . ARG A 1 65  ? 5.774   -8.612  -15.062 1.00 20.63 ? 413 ARG A CB   1 
ATOM   520  C CG   . ARG A 1 65  ? 5.630   -7.515  -16.096 1.00 19.96 ? 413 ARG A CG   1 
ATOM   521  C CD   . ARG A 1 65  ? 6.578   -7.715  -17.266 1.00 21.27 ? 413 ARG A CD   1 
ATOM   522  N NE   . ARG A 1 65  ? 6.378   -9.017  -17.884 1.00 26.68 ? 413 ARG A NE   1 
ATOM   523  C CZ   . ARG A 1 65  ? 7.319   -9.946  -17.980 1.00 28.68 ? 413 ARG A CZ   1 
ATOM   524  N NH1  . ARG A 1 65  ? 8.552   -9.729  -17.545 1.00 25.17 ? 413 ARG A NH1  1 
ATOM   525  N NH2  . ARG A 1 65  ? 7.020   -11.115 -18.538 1.00 29.67 ? 413 ARG A NH2  1 
ATOM   526  N N    . ASP A 1 66  ? 4.873   -9.606  -11.901 1.00 16.72 ? 414 ASP A N    1 
ATOM   527  C CA   . ASP A 1 66  ? 5.070   -10.670 -10.923 1.00 18.69 ? 414 ASP A CA   1 
ATOM   528  C C    . ASP A 1 66  ? 4.733   -10.152 -9.531  1.00 16.14 ? 414 ASP A C    1 
ATOM   529  O O    . ASP A 1 66  ? 4.635   -8.943  -9.295  1.00 15.60 ? 414 ASP A O    1 
ATOM   530  C CB   . ASP A 1 66  ? 6.503   -11.229 -10.974 1.00 22.30 ? 414 ASP A CB   1 
ATOM   531  C CG   . ASP A 1 66  ? 7.563   -10.148 -10.979 1.00 29.11 ? 414 ASP A CG   1 
ATOM   532  O OD1  . ASP A 1 66  ? 7.568   -9.289  -10.064 1.00 26.49 ? 414 ASP A OD1  1 
ATOM   533  O OD2  . ASP A 1 66  ? 8.402   -10.164 -11.912 1.00 32.82 ? 414 ASP A OD2  1 
ATOM   534  N N    . ALA A 1 67  ? 4.588   -11.101 -8.602  1.00 14.78 ? 415 ALA A N    1 
ATOM   535  C CA   . ALA A 1 67  ? 4.191   -10.769 -7.232  1.00 14.32 ? 415 ALA A CA   1 
ATOM   536  C C    . ALA A 1 67  ? 5.194   -9.837  -6.557  1.00 14.25 ? 415 ALA A C    1 
ATOM   537  O O    . ALA A 1 67  ? 4.804   -8.952  -5.783  1.00 11.99 ? 415 ALA A O    1 
ATOM   538  C CB   . ALA A 1 67  ? 4.038   -12.048 -6.414  1.00 18.59 ? 415 ALA A CB   1 
ATOM   539  N N    . GLN A 1 68  ? 6.492   -10.049 -6.798  1.00 14.73 ? 416 GLN A N    1 
ATOM   540  C CA   . GLN A 1 68  ? 7.515   -9.211  -6.176  1.00 16.42 ? 416 GLN A CA   1 
ATOM   541  C C    . GLN A 1 68  ? 7.374   -7.738  -6.549  1.00 16.42 ? 416 GLN A C    1 
ATOM   542  O O    . GLN A 1 68  ? 7.635   -6.860  -5.721  1.00 15.40 ? 416 GLN A O    1 
ATOM   543  C CB   . GLN A 1 68  ? 8.924   -9.709  -6.528  1.00 21.15 ? 416 GLN A CB   1 
ATOM   544  C CG   . GLN A 1 68  ? 9.287   -11.132 -6.086  1.00 21.23 ? 416 GLN A CG   1 
ATOM   545  C CD   . GLN A 1 68  ? 8.468   -12.255 -6.694  1.00 32.91 ? 416 GLN A CD   1 
ATOM   546  O OE1  . GLN A 1 68  ? 8.015   -12.195 -7.839  1.00 27.46 ? 416 GLN A OE1  1 
ATOM   547  N NE2  . GLN A 1 68  ? 8.294   -13.314 -5.914  1.00 34.84 ? 416 GLN A NE2  1 
ATOM   548  N N    . GLU A 1 69  ? 6.999   -7.449  -7.793  1.00 12.62 ? 417 GLU A N    1 
ATOM   549  C CA   . GLU A 1 69  ? 6.791   -6.064  -8.206  1.00 13.07 ? 417 GLU A CA   1 
ATOM   550  C C    . GLU A 1 69  ? 5.610   -5.437  -7.462  1.00 15.56 ? 417 GLU A C    1 
ATOM   551  O O    . GLU A 1 69  ? 5.682   -4.289  -7.019  1.00 14.15 ? 417 GLU A O    1 
ATOM   552  C CB   . GLU A 1 69  ? 6.591   -6.012  -9.727  1.00 14.00 ? 417 GLU A CB   1 
ATOM   553  C CG   . GLU A 1 69  ? 6.776   -4.637  -10.304 1.00 18.44 ? 417 GLU A CG   1 
ATOM   554  C CD   . GLU A 1 69  ? 6.426   -4.538  -11.795 1.00 23.76 ? 417 GLU A CD   1 
ATOM   555  O OE1  . GLU A 1 69  ? 6.235   -5.586  -12.463 1.00 22.44 ? 417 GLU A OE1  1 
ATOM   556  O OE2  . GLU A 1 69  ? 6.306   -3.392  -12.280 1.00 23.23 ? 417 GLU A OE2  1 
ATOM   557  N N    . PHE A 1 70  ? 4.519   -6.185  -7.303  1.00 12.26 ? 418 PHE A N    1 
ATOM   558  C CA   . PHE A 1 70  ? 3.363   -5.706  -6.550  1.00 9.96  ? 418 PHE A CA   1 
ATOM   559  C C    . PHE A 1 70  ? 3.718   -5.457  -5.088  1.00 13.59 ? 418 PHE A C    1 
ATOM   560  O O    . PHE A 1 70  ? 3.392   -4.403  -4.524  1.00 13.02 ? 418 PHE A O    1 
ATOM   561  C CB   . PHE A 1 70  ? 2.252   -6.752  -6.694  1.00 10.08 ? 418 PHE A CB   1 
ATOM   562  C CG   . PHE A 1 70  ? 1.145   -6.654  -5.671  1.00 8.84  ? 418 PHE A CG   1 
ATOM   563  C CD1  . PHE A 1 70  ? 0.055   -5.814  -5.867  1.00 11.82 ? 418 PHE A CD1  1 
ATOM   564  C CD2  . PHE A 1 70  ? 1.179   -7.447  -4.543  1.00 11.28 ? 418 PHE A CD2  1 
ATOM   565  C CE1  . PHE A 1 70  ? -0.988  -5.762  -4.934  1.00 13.55 ? 418 PHE A CE1  1 
ATOM   566  C CE2  . PHE A 1 70  ? 0.150   -7.392  -3.594  1.00 15.30 ? 418 PHE A CE2  1 
ATOM   567  C CZ   . PHE A 1 70  ? -0.934  -6.551  -3.797  1.00 14.66 ? 418 PHE A CZ   1 
ATOM   568  N N    . GLY A 1 71  ? 4.392   -6.424  -4.455  1.00 11.95 ? 419 GLY A N    1 
ATOM   569  C CA   . GLY A 1 71  ? 4.772   -6.265  -3.055  1.00 12.49 ? 419 GLY A CA   1 
ATOM   570  C C    . GLY A 1 71  ? 5.678   -5.068  -2.835  1.00 11.05 ? 419 GLY A C    1 
ATOM   571  O O    . GLY A 1 71  ? 5.532   -4.339  -1.847  1.00 12.82 ? 419 GLY A O    1 
ATOM   572  N N    . ALA A 1 72  ? 6.622   -4.844  -3.754  1.00 11.21 ? 420 ALA A N    1 
ATOM   573  C CA   . ALA A 1 72  ? 7.514   -3.689  -3.603  1.00 10.43 ? 420 ALA A CA   1 
ATOM   574  C C    . ALA A 1 72  ? 6.726   -2.384  -3.606  1.00 12.63 ? 420 ALA A C    1 
ATOM   575  O O    . ALA A 1 72  ? 7.041   -1.464  -2.841  1.00 14.26 ? 420 ALA A O    1 
ATOM   576  C CB   . ALA A 1 72  ? 8.584   -3.680  -4.699  1.00 15.57 ? 420 ALA A CB   1 
ATOM   577  N N    . ASP A 1 73  ? 5.696   -2.276  -4.456  1.00 12.44 ? 421 ASP A N    1 
ATOM   578  C CA   . ASP A 1 73  ? 4.846   -1.081  -4.443  1.00 11.33 ? 421 ASP A CA   1 
ATOM   579  C C    . ASP A 1 73  ? 4.074   -0.956  -3.139  1.00 11.88 ? 421 ASP A C    1 
ATOM   580  O O    . ASP A 1 73  ? 4.015   0.125   -2.537  1.00 11.85 ? 421 ASP A O    1 
ATOM   581  C CB   . ASP A 1 73  ? 3.859   -1.104  -5.616  1.00 14.32 ? 421 ASP A CB   1 
ATOM   582  C CG   . ASP A 1 73  ? 4.359   -0.330  -6.834  1.00 18.49 ? 421 ASP A CG   1 
ATOM   583  O OD1  . ASP A 1 73  ? 5.483   0.220   -6.797  1.00 18.34 ? 421 ASP A OD1  1 
ATOM   584  O OD2  . ASP A 1 73  ? 3.620   -0.285  -7.842  1.00 20.03 ? 421 ASP A OD2  1 
ATOM   585  N N    . VAL A 1 74  ? 3.424   -2.030  -2.700  1.00 11.21 ? 422 VAL A N    1 
ATOM   586  C CA   . VAL A 1 74  ? 2.660   -1.915  -1.463  1.00 9.20  ? 422 VAL A CA   1 
ATOM   587  C C    . VAL A 1 74  ? 3.581   -1.521  -0.306  1.00 11.19 ? 422 VAL A C    1 
ATOM   588  O O    . VAL A 1 74  ? 3.230   -0.671  0.524   1.00 11.68 ? 422 VAL A O    1 
ATOM   589  C CB   . VAL A 1 74  ? 1.900   -3.215  -1.156  1.00 12.16 ? 422 VAL A CB   1 
ATOM   590  C CG1  . VAL A 1 74  ? 1.232   -3.094  0.187   1.00 14.48 ? 422 VAL A CG1  1 
ATOM   591  C CG2  . VAL A 1 74  ? 0.858   -3.513  -2.230  1.00 10.59 ? 422 VAL A CG2  1 
ATOM   592  N N    . ARG A 1 75  ? 4.769   -2.126  -0.231  1.00 9.84  ? 423 ARG A N    1 
ATOM   593  C CA   . ARG A 1 75  ? 5.690   -1.789  0.854   1.00 10.49 ? 423 ARG A CA   1 
ATOM   594  C C    . ARG A 1 75  ? 6.198   -0.364  0.723   1.00 11.16 ? 423 ARG A C    1 
ATOM   595  O O    . ARG A 1 75  ? 6.432   0.311   1.735   1.00 12.71 ? 423 ARG A O    1 
ATOM   596  C CB   . ARG A 1 75  ? 6.889   -2.740  0.871   1.00 11.90 ? 423 ARG A CB   1 
ATOM   597  C CG   . ARG A 1 75  ? 6.714   -4.044  1.679   1.00 17.40 ? 423 ARG A CG   1 
ATOM   598  C CD   . ARG A 1 75  ? 7.029   -5.249  0.832   1.00 16.94 ? 423 ARG A CD   1 
ATOM   599  N NE   . ARG A 1 75  ? 6.862   -6.515  1.543   1.00 14.71 ? 423 ARG A NE   1 
ATOM   600  C CZ   . ARG A 1 75  ? 7.427   -7.661  1.182   1.00 18.87 ? 423 ARG A CZ   1 
ATOM   601  N NH1  . ARG A 1 75  ? 8.259   -7.734  0.149   1.00 16.55 ? 423 ARG A NH1  1 
ATOM   602  N NH2  . ARG A 1 75  ? 7.121   -8.776  1.844   1.00 18.71 ? 423 ARG A NH2  1 
ATOM   603  N N    . LEU A 1 76  ? 6.388   0.114   -0.507  1.00 13.21 ? 424 LEU A N    1 
ATOM   604  C CA   . LEU A 1 76  ? 6.786   1.502   -0.698  1.00 13.59 ? 424 LEU A CA   1 
ATOM   605  C C    . LEU A 1 76  ? 5.769   2.450   -0.069  1.00 12.14 ? 424 LEU A C    1 
ATOM   606  O O    . LEU A 1 76  ? 6.139   3.469   0.538   1.00 11.47 ? 424 LEU A O    1 
ATOM   607  C CB   . LEU A 1 76  ? 6.940   1.766   -2.192  1.00 16.42 ? 424 LEU A CB   1 
ATOM   608  C CG   . LEU A 1 76  ? 7.115   3.200   -2.676  1.00 14.70 ? 424 LEU A CG   1 
ATOM   609  C CD1  . LEU A 1 76  ? 8.396   3.818   -2.087  1.00 14.72 ? 424 LEU A CD1  1 
ATOM   610  C CD2  . LEU A 1 76  ? 7.141   3.232   -4.206  1.00 18.30 ? 424 LEU A CD2  1 
ATOM   611  N N    . MET A 1 77  ? 4.479   2.128   -0.208  1.00 10.24 ? 425 MET A N    1 
ATOM   612  C CA   . MET A 1 77  ? 3.432   2.968   0.365   1.00 9.16  ? 425 MET A CA   1 
ATOM   613  C C    . MET A 1 77  ? 3.605   3.085   1.874   1.00 10.98 ? 425 MET A C    1 
ATOM   614  O O    . MET A 1 77  ? 3.515   4.181   2.440   1.00 12.09 ? 425 MET A O    1 
ATOM   615  C CB   . MET A 1 77  ? 2.063   2.380   0.010   1.00 11.39 ? 425 MET A CB   1 
ATOM   616  C CG   . MET A 1 77  ? 0.863   3.200   0.438   1.00 14.32 ? 425 MET A CG   1 
ATOM   617  S SD   . MET A 1 77  ? -0.637  2.224   0.212   1.00 15.38 ? 425 MET A SD   1 
ATOM   618  C CE   . MET A 1 77  ? -0.309  0.900   1.367   1.00 16.88 ? 425 MET A CE   1 
ATOM   619  N N    . PHE A 1 78  ? 3.903   1.971   2.541   1.00 11.11 ? 426 PHE A N    1 
ATOM   620  C CA   . PHE A 1 78  ? 4.059   2.019   3.990   1.00 10.07 ? 426 PHE A CA   1 
ATOM   621  C C    . PHE A 1 78  ? 5.340   2.746   4.357   1.00 11.49 ? 426 PHE A C    1 
ATOM   622  O O    . PHE A 1 78  ? 5.358   3.568   5.280   1.00 12.28 ? 426 PHE A O    1 
ATOM   623  C CB   . PHE A 1 78  ? 4.070   0.602   4.558   1.00 12.71 ? 426 PHE A CB   1 
ATOM   624  C CG   . PHE A 1 78  ? 2.765   -0.112  4.406   1.00 15.01 ? 426 PHE A CG   1 
ATOM   625  C CD1  . PHE A 1 78  ? 1.575   0.482   4.813   1.00 12.52 ? 426 PHE A CD1  1 
ATOM   626  C CD2  . PHE A 1 78  ? 2.725   -1.363  3.814   1.00 15.94 ? 426 PHE A CD2  1 
ATOM   627  C CE1  . PHE A 1 78  ? 0.358   -0.183  4.648   1.00 16.85 ? 426 PHE A CE1  1 
ATOM   628  C CE2  . PHE A 1 78  ? 1.518   -2.032  3.649   1.00 13.58 ? 426 PHE A CE2  1 
ATOM   629  C CZ   . PHE A 1 78  ? 0.341   -1.437  4.074   1.00 15.66 ? 426 PHE A CZ   1 
ATOM   630  N N    . SER A 1 79  ? 6.414   2.486   3.604   1.00 10.68 ? 427 SER A N    1 
ATOM   631  C CA   . SER A 1 79  ? 7.698   3.122   3.883   1.00 11.06 ? 427 SER A CA   1 
ATOM   632  C C    . SER A 1 79  ? 7.605   4.636   3.769   1.00 12.05 ? 427 SER A C    1 
ATOM   633  O O    . SER A 1 79  ? 8.179   5.357   4.595   1.00 12.47 ? 427 SER A O    1 
ATOM   634  C CB   . SER A 1 79  ? 8.755   2.588   2.911   1.00 13.96 ? 427 SER A CB   1 
ATOM   635  O OG   . SER A 1 79  ? 8.958   1.198   3.113   1.00 15.09 ? 427 SER A OG   1 
ATOM   636  N N    . ASN A 1 80  ? 6.917   5.136   2.737   1.00 11.36 ? 428 ASN A N    1 
ATOM   637  C CA   . ASN A 1 80  ? 6.706   6.583   2.616   1.00 10.86 ? 428 ASN A CA   1 
ATOM   638  C C    . ASN A 1 80  ? 6.062   7.141   3.881   1.00 8.81  ? 428 ASN A C    1 
ATOM   639  O O    . ASN A 1 80  ? 6.450   8.202   4.379   1.00 12.54 ? 428 ASN A O    1 
ATOM   640  C CB   . ASN A 1 80  ? 5.834   6.886   1.394   1.00 11.59 ? 428 ASN A CB   1 
ATOM   641  C CG   . ASN A 1 80  ? 6.555   6.659   0.084   1.00 12.11 ? 428 ASN A CG   1 
ATOM   642  O OD1  . ASN A 1 80  ? 7.790   6.624   0.026   1.00 13.28 ? 428 ASN A OD1  1 
ATOM   643  N ND2  . ASN A 1 80  ? 5.782   6.517   -0.988  1.00 12.74 ? 428 ASN A ND2  1 
ATOM   644  N N    . CYS A 1 81  ? 5.074   6.420   4.432   1.00 8.32  ? 429 CYS A N    1 
ATOM   645  C CA   . CYS A 1 81  ? 4.424   6.891   5.646   1.00 9.08  ? 429 CYS A CA   1 
ATOM   646  C C    . CYS A 1 81  ? 5.406   6.915   6.814   1.00 15.11 ? 429 CYS A C    1 
ATOM   647  O O    . CYS A 1 81  ? 5.430   7.876   7.601   1.00 10.67 ? 429 CYS A O    1 
ATOM   648  C CB   . CYS A 1 81  ? 3.228   5.990   5.939   1.00 10.68 ? 429 CYS A CB   1 
ATOM   649  S SG   . CYS A 1 81  ? 2.200   6.530   7.260   1.00 14.56 ? 429 CYS A SG   1 
ATOM   650  N N    . TYR A 1 82  ? 6.239   5.863   6.935   1.00 11.50 ? 430 TYR A N    1 
ATOM   651  C CA   . TYR A 1 82  ? 7.235   5.804   8.008   1.00 11.34 ? 430 TYR A CA   1 
ATOM   652  C C    . TYR A 1 82  ? 8.347   6.834   7.809   1.00 12.65 ? 430 TYR A C    1 
ATOM   653  O O    . TYR A 1 82  ? 8.929   7.299   8.791   1.00 15.10 ? 430 TYR A O    1 
ATOM   654  C CB   . TYR A 1 82  ? 7.867   4.409   8.100   1.00 14.45 ? 430 TYR A CB   1 
ATOM   655  C CG   . TYR A 1 82  ? 6.889   3.255   8.194   1.00 11.23 ? 430 TYR A CG   1 
ATOM   656  C CD1  . TYR A 1 82  ? 5.679   3.380   8.889   1.00 11.63 ? 430 TYR A CD1  1 
ATOM   657  C CD2  . TYR A 1 82  ? 7.189   2.023   7.620   1.00 12.17 ? 430 TYR A CD2  1 
ATOM   658  C CE1  . TYR A 1 82  ? 4.782   2.299   8.987   1.00 13.01 ? 430 TYR A CE1  1 
ATOM   659  C CE2  . TYR A 1 82  ? 6.302   0.937   7.698   1.00 12.51 ? 430 TYR A CE2  1 
ATOM   660  C CZ   . TYR A 1 82  ? 5.106   1.079   8.383   1.00 12.06 ? 430 TYR A CZ   1 
ATOM   661  O OH   . TYR A 1 82  ? 4.234   0.011   8.445   1.00 15.93 ? 430 TYR A OH   1 
ATOM   662  N N    . LYS A 1 83  ? 8.724   7.109   6.551   1.00 11.45 ? 431 LYS A N    1 
ATOM   663  C CA   . LYS A 1 83  ? 9.595   8.233   6.190   1.00 15.57 ? 431 LYS A CA   1 
ATOM   664  C C    . LYS A 1 83  ? 9.131   9.562   6.754   1.00 15.85 ? 431 LYS A C    1 
ATOM   665  O O    . LYS A 1 83  ? 9.887   10.286  7.413   1.00 18.25 ? 431 LYS A O    1 
ATOM   666  C CB   . LYS A 1 83  ? 9.626   8.366   4.662   1.00 16.26 ? 431 LYS A CB   1 
ATOM   667  C CG   . LYS A 1 83  ? 10.710  9.239   3.996   1.00 28.86 ? 431 LYS A CG   1 
ATOM   668  C CD   . LYS A 1 83  ? 11.909  8.643   3.317   1.00 30.57 ? 431 LYS A CD   1 
ATOM   669  C CE   . LYS A 1 83  ? 13.024  9.675   3.409   1.00 32.58 ? 431 LYS A CE   1 
ATOM   670  N NZ   . LYS A 1 83  ? 13.937  9.670   2.238   1.00 39.80 ? 431 LYS A NZ   1 
ATOM   671  N N    . TYR A 1 84  ? 7.912   9.943   6.389   1.00 12.63 ? 432 TYR A N    1 
ATOM   672  C CA   . TYR A 1 84  ? 7.492   11.334  6.492   1.00 12.04 ? 432 TYR A CA   1 
ATOM   673  C C    . TYR A 1 84  ? 7.071   11.716  7.908   1.00 14.75 ? 432 TYR A C    1 
ATOM   674  O O    . TYR A 1 84  ? 7.320   12.849  8.342   1.00 17.13 ? 432 TYR A O    1 
ATOM   675  C CB   . TYR A 1 84  ? 6.329   11.601  5.530   1.00 14.58 ? 432 TYR A CB   1 
ATOM   676  C CG   . TYR A 1 84  ? 5.891   13.038  5.619   1.00 14.31 ? 432 TYR A CG   1 
ATOM   677  C CD1  . TYR A 1 84  ? 6.648   14.042  5.036   1.00 15.98 ? 432 TYR A CD1  1 
ATOM   678  C CD2  . TYR A 1 84  ? 4.756   13.397  6.343   1.00 14.29 ? 432 TYR A CD2  1 
ATOM   679  C CE1  . TYR A 1 84  ? 6.267   15.374  5.134   1.00 12.36 ? 432 TYR A CE1  1 
ATOM   680  C CE2  . TYR A 1 84  ? 4.364   14.720  6.452   1.00 14.52 ? 432 TYR A CE2  1 
ATOM   681  C CZ   . TYR A 1 84  ? 5.135   15.711  5.848   1.00 14.24 ? 432 TYR A CZ   1 
ATOM   682  O OH   . TYR A 1 84  ? 4.740   17.026  5.965   1.00 16.91 ? 432 TYR A OH   1 
ATOM   683  N N    . ASN A 1 85  ? 6.432   10.784  8.639   1.00 15.06 ? 433 ASN A N    1 
ATOM   684  C CA   A ASN A 1 85  ? 5.702   11.042  9.877   0.07 15.16 ? 433 ASN A CA   1 
ATOM   685  C CA   B ASN A 1 85  ? 5.712   11.041  9.882   0.93 15.28 ? 433 ASN A CA   1 
ATOM   686  C C    . ASN A 1 85  ? 6.499   10.633  11.107  1.00 17.76 ? 433 ASN A C    1 
ATOM   687  O O    . ASN A 1 85  ? 7.224   9.632   11.074  1.00 17.44 ? 433 ASN A O    1 
ATOM   688  C CB   A ASN A 1 85  ? 4.373   10.285  9.878   0.07 14.44 ? 433 ASN A CB   1 
ATOM   689  C CB   B ASN A 1 85  ? 4.386   10.290  9.877   0.93 14.90 ? 433 ASN A CB   1 
ATOM   690  C CG   A ASN A 1 85  ? 3.474   10.692  8.732   0.07 17.70 ? 433 ASN A CG   1 
ATOM   691  C CG   B ASN A 1 85  ? 3.484   10.772  8.782   0.93 17.80 ? 433 ASN A CG   1 
ATOM   692  O OD1  A ASN A 1 85  ? 2.799   11.722  8.797   0.07 16.17 ? 433 ASN A OD1  1 
ATOM   693  O OD1  B ASN A 1 85  ? 2.860   11.824  8.930   0.93 16.00 ? 433 ASN A OD1  1 
ATOM   694  N ND2  A ASN A 1 85  ? 3.468   9.893   7.667   0.07 15.29 ? 433 ASN A ND2  1 
ATOM   695  N ND2  B ASN A 1 85  ? 3.422   10.036  7.665   0.93 15.31 ? 433 ASN A ND2  1 
ATOM   696  N N    . PRO A 1 86  ? 6.355   11.407  12.181  1.00 19.38 ? 434 PRO A N    1 
ATOM   697  C CA   . PRO A 1 86  ? 6.869   10.975  13.476  1.00 21.31 ? 434 PRO A CA   1 
ATOM   698  C C    . PRO A 1 86  ? 6.264   9.631   13.839  1.00 19.16 ? 434 PRO A C    1 
ATOM   699  O O    . PRO A 1 86  ? 5.073   9.389   13.577  1.00 21.78 ? 434 PRO A O    1 
ATOM   700  C CB   . PRO A 1 86  ? 6.369   12.067  14.430  1.00 25.80 ? 434 PRO A CB   1 
ATOM   701  C CG   . PRO A 1 86  ? 6.205   13.299  13.575  1.00 24.77 ? 434 PRO A CG   1 
ATOM   702  C CD   . PRO A 1 86  ? 6.224   12.872  12.114  1.00 20.84 ? 434 PRO A CD   1 
ATOM   703  N N    . PRO A 1 87  ? 7.033   8.729   14.457  1.00 21.30 ? 435 PRO A N    1 
ATOM   704  C CA   . PRO A 1 87  ? 6.534   7.357   14.642  1.00 21.01 ? 435 PRO A CA   1 
ATOM   705  C C    . PRO A 1 87  ? 5.355   7.240   15.595  1.00 24.01 ? 435 PRO A C    1 
ATOM   706  O O    . PRO A 1 87  ? 4.705   6.186   15.604  1.00 24.49 ? 435 PRO A O    1 
ATOM   707  C CB   . PRO A 1 87  ? 7.763   6.589   15.156  1.00 24.46 ? 435 PRO A CB   1 
ATOM   708  C CG   . PRO A 1 87  ? 8.775   7.622   15.553  1.00 23.86 ? 435 PRO A CG   1 
ATOM   709  C CD   . PRO A 1 87  ? 8.265   8.992   15.219  1.00 27.37 ? 435 PRO A CD   1 
ATOM   710  N N    . ASP A 1 88  ? 5.030   8.281   16.358  1.00 24.38 ? 436 ASP A N    1 
ATOM   711  C CA   . ASP A 1 88  ? 3.915   8.249   17.294  1.00 21.85 ? 436 ASP A CA   1 
ATOM   712  C C    . ASP A 1 88  ? 2.617   8.803   16.713  1.00 26.90 ? 436 ASP A C    1 
ATOM   713  O O    . ASP A 1 88  ? 1.606   8.852   17.426  1.00 27.99 ? 436 ASP A O    1 
ATOM   714  C CB   . ASP A 1 88  ? 4.296   9.033   18.558  1.00 28.28 ? 436 ASP A CB   1 
ATOM   715  C CG   . ASP A 1 88  ? 4.928   10.381  18.233  1.00 38.09 ? 436 ASP A CG   1 
ATOM   716  O OD1  . ASP A 1 88  ? 4.305   11.425  18.532  1.00 43.42 ? 436 ASP A OD1  1 
ATOM   717  O OD2  . ASP A 1 88  ? 6.039   10.395  17.651  1.00 34.34 ? 436 ASP A OD2  1 
ATOM   718  N N    . HIS A 1 89  ? 2.619   9.216   15.448  1.00 20.14 ? 437 HIS A N    1 
ATOM   719  C CA   . HIS A 1 89  ? 1.458   9.819   14.813  1.00 21.14 ? 437 HIS A CA   1 
ATOM   720  C C    . HIS A 1 89  ? 0.432   8.740   14.462  1.00 21.36 ? 437 HIS A C    1 
ATOM   721  O O    . HIS A 1 89  ? 0.785   7.606   14.114  1.00 16.94 ? 437 HIS A O    1 
ATOM   722  C CB   . HIS A 1 89  ? 1.910   10.547  13.549  1.00 20.50 ? 437 HIS A CB   1 
ATOM   723  C CG   . HIS A 1 89  ? 2.177   12.006  13.753  1.00 20.94 ? 437 HIS A CG   1 
ATOM   724  N ND1  . HIS A 1 89  ? 3.022   12.466  14.739  1.00 32.08 ? 437 HIS A ND1  1 
ATOM   725  C CD2  . HIS A 1 89  ? 1.807   13.094  13.039  1.00 24.71 ? 437 HIS A CD2  1 
ATOM   726  C CE1  . HIS A 1 89  ? 3.108   13.781  14.667  1.00 28.01 ? 437 HIS A CE1  1 
ATOM   727  N NE2  . HIS A 1 89  ? 2.385   14.188  13.639  1.00 31.91 ? 437 HIS A NE2  1 
ATOM   728  N N    . GLU A 1 90  ? -0.849  9.110   14.532  1.00 20.16 ? 438 GLU A N    1 
ATOM   729  C CA   . GLU A 1 90  ? -1.916  8.132   14.308  1.00 20.90 ? 438 GLU A CA   1 
ATOM   730  C C    . GLU A 1 90  ? -1.774  7.448   12.953  1.00 19.26 ? 438 GLU A C    1 
ATOM   731  O O    . GLU A 1 90  ? -2.003  6.235   12.835  1.00 17.19 ? 438 GLU A O    1 
ATOM   732  C CB   . GLU A 1 90  ? -3.285  8.812   14.414  1.00 22.40 ? 438 GLU A CB   1 
ATOM   733  C CG   . GLU A 1 90  ? -4.007  8.526   15.724  1.00 32.61 ? 438 GLU A CG   1 
ATOM   734  C CD   . GLU A 1 90  ? -3.159  8.906   16.915  1.00 37.26 ? 438 GLU A CD   1 
ATOM   735  O OE1  . GLU A 1 90  ? -3.054  8.100   17.864  1.00 46.60 ? 438 GLU A OE1  1 
ATOM   736  O OE2  . GLU A 1 90  ? -2.599  10.022  16.909  1.00 45.23 ? 438 GLU A OE2  1 
ATOM   737  N N    . VAL A 1 91  ? -1.410  8.210   11.915  1.00 17.34 ? 439 VAL A N    1 
ATOM   738  C CA   . VAL A 1 91  ? -1.351  7.624   10.576  1.00 14.30 ? 439 VAL A CA   1 
ATOM   739  C C    . VAL A 1 91  ? -0.313  6.516   10.506  1.00 13.18 ? 439 VAL A C    1 
ATOM   740  O O    . VAL A 1 91  ? -0.465  5.562   9.722   1.00 13.80 ? 439 VAL A O    1 
ATOM   741  C CB   . VAL A 1 91  ? -1.100  8.705   9.514   1.00 15.83 ? 439 VAL A CB   1 
ATOM   742  C CG1  . VAL A 1 91  ? 0.361   9.207   9.568   1.00 15.19 ? 439 VAL A CG1  1 
ATOM   743  C CG2  . VAL A 1 91  ? -1.379  8.103   8.166   1.00 14.07 ? 439 VAL A CG2  1 
ATOM   744  N N    . VAL A 1 92  ? 0.743   6.613   11.324  1.00 13.44 ? 440 VAL A N    1 
ATOM   745  C CA   . VAL A 1 92  ? 1.766   5.575   11.357  1.00 13.92 ? 440 VAL A CA   1 
ATOM   746  C C    . VAL A 1 92  ? 1.229   4.332   12.057  1.00 13.47 ? 440 VAL A C    1 
ATOM   747  O O    . VAL A 1 92  ? 1.520   3.201   11.654  1.00 14.94 ? 440 VAL A O    1 
ATOM   748  C CB   . VAL A 1 92  ? 3.052   6.095   12.027  1.00 13.97 ? 440 VAL A CB   1 
ATOM   749  C CG1  . VAL A 1 92  ? 4.019   4.932   12.290  1.00 13.24 ? 440 VAL A CG1  1 
ATOM   750  C CG2  . VAL A 1 92  ? 3.707   7.220   11.189  1.00 14.01 ? 440 VAL A CG2  1 
ATOM   751  N N    . ALA A 1 93  ? 0.446   4.523   13.125  1.00 11.25 ? 441 ALA A N    1 
ATOM   752  C CA   . ALA A 1 93  ? -0.205  3.393   13.769  1.00 15.93 ? 441 ALA A CA   1 
ATOM   753  C C    . ALA A 1 93  ? -1.128  2.675   12.802  1.00 13.15 ? 441 ALA A C    1 
ATOM   754  O O    . ALA A 1 93  ? -1.184  1.442   12.792  1.00 15.99 ? 441 ALA A O    1 
ATOM   755  C CB   . ALA A 1 93  ? -0.996  3.852   14.991  1.00 14.56 ? 441 ALA A CB   1 
ATOM   756  N N    . MET A 1 94  ? -1.853  3.427   11.970  1.00 11.62 ? 442 MET A N    1 
ATOM   757  C CA   . MET A 1 94  ? -2.734  2.789   10.996  1.00 10.73 ? 442 MET A CA   1 
ATOM   758  C C    . MET A 1 94  ? -1.938  2.080   9.903   1.00 12.80 ? 442 MET A C    1 
ATOM   759  O O    . MET A 1 94  ? -2.317  0.982   9.472   1.00 13.44 ? 442 MET A O    1 
ATOM   760  C CB   . MET A 1 94  ? -3.696  3.816   10.388  1.00 14.76 ? 442 MET A CB   1 
ATOM   761  C CG   . MET A 1 94  ? -4.574  4.549   11.423  1.00 15.79 ? 442 MET A CG   1 
ATOM   762  S SD   . MET A 1 94  ? -5.069  6.206   10.900  1.00 21.46 ? 442 MET A SD   1 
ATOM   763  C CE   . MET A 1 94  ? -6.519  5.767   9.987   1.00 17.81 ? 442 MET A CE   1 
ATOM   764  N N    . ALA A 1 95  ? -0.831  2.685   9.444   1.00 11.99 ? 443 ALA A N    1 
ATOM   765  C CA   . ALA A 1 95  ? 0.023   2.017   8.464   1.00 12.76 ? 443 ALA A CA   1 
ATOM   766  C C    . ALA A 1 95  ? 0.561   0.694   9.001   1.00 13.66 ? 443 ALA A C    1 
ATOM   767  O O    . ALA A 1 95  ? 0.567   -0.321  8.290   1.00 13.75 ? 443 ALA A O    1 
ATOM   768  C CB   . ALA A 1 95  ? 1.173   2.942   8.059   1.00 10.79 ? 443 ALA A CB   1 
ATOM   769  N N    . ARG A 1 96  ? 1.011   0.675   10.257  1.00 11.69 ? 444 ARG A N    1 
ATOM   770  C CA   . ARG A 1 96  ? 1.559   -0.554  10.819  1.00 11.45 ? 444 ARG A CA   1 
ATOM   771  C C    . ARG A 1 96  ? 0.518   -1.666  10.852  1.00 15.08 ? 444 ARG A C    1 
ATOM   772  O O    . ARG A 1 96  ? 0.832   -2.829  10.562  1.00 15.44 ? 444 ARG A O    1 
ATOM   773  C CB   . ARG A 1 96  ? 2.094   -0.303  12.226  1.00 16.53 ? 444 ARG A CB   1 
ATOM   774  C CG   . ARG A 1 96  ? 3.351   0.554   12.285  1.00 13.37 ? 444 ARG A CG   1 
ATOM   775  C CD   . ARG A 1 96  ? 3.978   0.382   13.662  1.00 18.37 ? 444 ARG A CD   1 
ATOM   776  N NE   . ARG A 1 96  ? 4.797   1.525   14.031  1.00 31.60 ? 444 ARG A NE   1 
ATOM   777  C CZ   . ARG A 1 96  ? 5.095   1.864   15.277  1.00 35.02 ? 444 ARG A CZ   1 
ATOM   778  N NH1  . ARG A 1 96  ? 4.648   1.163   16.309  1.00 39.72 ? 444 ARG A NH1  1 
ATOM   779  N NH2  . ARG A 1 96  ? 5.854   2.933   15.492  1.00 35.38 ? 444 ARG A NH2  1 
ATOM   780  N N    . LYS A 1 97  ? -0.718  -1.326  11.216  1.00 12.10 ? 445 LYS A N    1 
ATOM   781  C CA   . LYS A 1 97  ? -1.784  -2.325  11.266  1.00 17.32 ? 445 LYS A CA   1 
ATOM   782  C C    . LYS A 1 97  ? -2.093  -2.854  9.875   1.00 12.77 ? 445 LYS A C    1 
ATOM   783  O O    . LYS A 1 97  ? -2.288  -4.062  9.677   1.00 13.96 ? 445 LYS A O    1 
ATOM   784  C CB   . LYS A 1 97  ? -3.026  -1.714  11.910  1.00 16.37 ? 445 LYS A CB   1 
ATOM   785  C CG   . LYS A 1 97  ? -2.878  -1.509  13.397  1.00 16.04 ? 445 LYS A CG   1 
ATOM   786  C CD   . LYS A 1 97  ? -3.977  -0.637  13.972  1.00 22.50 ? 445 LYS A CD   1 
ATOM   787  C CE   . LYS A 1 97  ? -5.331  -1.317  13.991  1.00 18.47 ? 445 LYS A CE   1 
ATOM   788  N NZ   . LYS A 1 97  ? -6.272  -0.461  14.773  1.00 18.90 ? 445 LYS A NZ   1 
ATOM   789  N N    . LEU A 1 98  ? -2.152  -1.965  8.891   1.00 14.24 ? 446 LEU A N    1 
ATOM   790  C CA   . LEU A 1 98  ? -2.468  -2.434  7.544   1.00 13.23 ? 446 LEU A CA   1 
ATOM   791  C C    . LEU A 1 98  ? -1.313  -3.250  6.965   1.00 12.84 ? 446 LEU A C    1 
ATOM   792  O O    . LEU A 1 98  ? -1.554  -4.229  6.247   1.00 13.29 ? 446 LEU A O    1 
ATOM   793  C CB   . LEU A 1 98  ? -2.819  -1.247  6.643   1.00 14.17 ? 446 LEU A CB   1 
ATOM   794  C CG   . LEU A 1 98  ? -3.509  -1.629  5.328   1.00 16.46 ? 446 LEU A CG   1 
ATOM   795  C CD1  . LEU A 1 98  ? -4.879  -2.256  5.595   1.00 15.34 ? 446 LEU A CD1  1 
ATOM   796  C CD2  . LEU A 1 98  ? -3.630  -0.434  4.400   1.00 17.20 ? 446 LEU A CD2  1 
ATOM   797  N N    . GLN A 1 99  ? -0.059  -2.893  7.295   1.00 12.91 ? 447 GLN A N    1 
ATOM   798  C CA   . GLN A 1 99  ? 1.084   -3.694  6.853   1.00 11.86 ? 447 GLN A CA   1 
ATOM   799  C C    . GLN A 1 99  ? 1.078   -5.084  7.475   1.00 14.53 ? 447 GLN A C    1 
ATOM   800  O O    . GLN A 1 99  ? 1.489   -6.055  6.825   1.00 15.44 ? 447 GLN A O    1 
ATOM   801  C CB   . GLN A 1 99  ? 2.415   -3.006  7.166   1.00 14.46 ? 447 GLN A CB   1 
ATOM   802  C CG   . GLN A 1 99  ? 3.555   -3.810  6.550   1.00 13.53 ? 447 GLN A CG   1 
ATOM   803  C CD   . GLN A 1 99  ? 4.843   -3.052  6.332   1.00 22.08 ? 447 GLN A CD   1 
ATOM   804  O OE1  . GLN A 1 99  ? 5.057   -1.970  6.879   1.00 18.57 ? 447 GLN A OE1  1 
ATOM   805  N NE2  . GLN A 1 99  ? 5.725   -3.634  5.514   1.00 18.47 ? 447 GLN A NE2  1 
ATOM   806  N N    . ASP A 1 100 ? 0.608   -5.201  8.718   1.00 13.38 ? 448 ASP A N    1 
ATOM   807  C CA   . ASP A 1 100 ? 0.463   -6.515  9.343   1.00 13.23 ? 448 ASP A CA   1 
ATOM   808  C C    . ASP A 1 100 ? -0.491  -7.395  8.538   1.00 13.67 ? 448 ASP A C    1 
ATOM   809  O O    . ASP A 1 100 ? -0.200  -8.568  8.264   1.00 16.17 ? 448 ASP A O    1 
ATOM   810  C CB   . ASP A 1 100 ? -0.045  -6.348  10.776  1.00 14.60 ? 448 ASP A CB   1 
ATOM   811  C CG   . ASP A 1 100 ? 1.069   -6.060  11.771  1.00 29.57 ? 448 ASP A CG   1 
ATOM   812  O OD1  . ASP A 1 100 ? 2.267   -6.275  11.457  1.00 32.08 ? 448 ASP A OD1  1 
ATOM   813  O OD2  . ASP A 1 100 ? 0.729   -5.600  12.883  1.00 38.91 ? 448 ASP A OD2  1 
ATOM   814  N N    . VAL A 1 101 ? -1.641  -6.838  8.149   1.00 15.63 ? 449 VAL A N    1 
ATOM   815  C CA   . VAL A 1 101 ? -2.590  -7.552  7.292   1.00 14.65 ? 449 VAL A CA   1 
ATOM   816  C C    . VAL A 1 101 ? -1.912  -7.988  6.002   1.00 16.83 ? 449 VAL A C    1 
ATOM   817  O O    . VAL A 1 101 ? -2.013  -9.150  5.582   1.00 13.42 ? 449 VAL A O    1 
ATOM   818  C CB   . VAL A 1 101 ? -3.814  -6.668  6.990   1.00 15.72 ? 449 VAL A CB   1 
ATOM   819  C CG1  . VAL A 1 101 ? -4.688  -7.336  5.936   1.00 17.23 ? 449 VAL A CG1  1 
ATOM   820  C CG2  . VAL A 1 101 ? -4.613  -6.340  8.267   1.00 15.89 ? 449 VAL A CG2  1 
ATOM   821  N N    . PHE A 1 102 ? -1.214  -7.054  5.346   1.00 12.37 ? 450 PHE A N    1 
ATOM   822  C CA   . PHE A 1 102 ? -0.556  -7.367  4.084   1.00 10.14 ? 450 PHE A CA   1 
ATOM   823  C C    . PHE A 1 102 ? 0.505   -8.451  4.263   1.00 12.92 ? 450 PHE A C    1 
ATOM   824  O O    . PHE A 1 102 ? 0.534   -9.432  3.512   1.00 11.46 ? 450 PHE A O    1 
ATOM   825  C CB   . PHE A 1 102 ? 0.079   -6.104  3.483   1.00 12.06 ? 450 PHE A CB   1 
ATOM   826  C CG   . PHE A 1 102 ? 1.004   -6.408  2.351   1.00 14.14 ? 450 PHE A CG   1 
ATOM   827  C CD1  . PHE A 1 102 ? 0.490   -6.719  1.107   1.00 13.08 ? 450 PHE A CD1  1 
ATOM   828  C CD2  . PHE A 1 102 ? 2.383   -6.422  2.531   1.00 16.19 ? 450 PHE A CD2  1 
ATOM   829  C CE1  . PHE A 1 102 ? 1.333   -7.034  0.049   1.00 10.60 ? 450 PHE A CE1  1 
ATOM   830  C CE2  . PHE A 1 102 ? 3.224   -6.729  1.477   1.00 12.10 ? 450 PHE A CE2  1 
ATOM   831  C CZ   . PHE A 1 102 ? 2.684   -7.035  0.232   1.00 12.60 ? 450 PHE A CZ   1 
ATOM   832  N N    . GLU A 1 103 ? 1.424   -8.276  5.224   1.00 12.97 ? 451 GLU A N    1 
ATOM   833  C CA   . GLU A 1 103 ? 2.562   -9.199  5.274   1.00 13.11 ? 451 GLU A CA   1 
ATOM   834  C C    . GLU A 1 103 ? 2.123   -10.622 5.621   1.00 13.67 ? 451 GLU A C    1 
ATOM   835  O O    . GLU A 1 103 ? 2.682   -11.595 5.099   1.00 13.14 ? 451 GLU A O    1 
ATOM   836  C CB   . GLU A 1 103 ? 3.620   -8.717  6.269   1.00 16.07 ? 451 GLU A CB   1 
ATOM   837  C CG   . GLU A 1 103 ? 4.236   -7.350  5.925   1.00 13.91 ? 451 GLU A CG   1 
ATOM   838  C CD   . GLU A 1 103 ? 5.187   -7.392  4.739   1.00 22.45 ? 451 GLU A CD   1 
ATOM   839  O OE1  . GLU A 1 103 ? 5.575   -8.498  4.318   1.00 20.11 ? 451 GLU A OE1  1 
ATOM   840  O OE2  . GLU A 1 103 ? 5.565   -6.303  4.244   1.00 22.57 ? 451 GLU A OE2  1 
ATOM   841  N N    . MET A 1 104 ? 1.119   -10.768 6.482   1.00 11.51 ? 452 MET A N    1 
ATOM   842  C CA   . MET A 1 104 ? 0.702   -12.102 6.885   1.00 14.10 ? 452 MET A CA   1 
ATOM   843  C C    . MET A 1 104 ? 0.036   -12.829 5.720   1.00 13.95 ? 452 MET A C    1 
ATOM   844  O O    . MET A 1 104 ? 0.291   -14.016 5.500   1.00 15.19 ? 452 MET A O    1 
ATOM   845  C CB   . MET A 1 104 ? -0.233  -12.005 8.089   1.00 15.47 ? 452 MET A CB   1 
ATOM   846  C CG   . MET A 1 104 ? 0.523   -11.839 9.422   1.00 24.00 ? 452 MET A CG   1 
ATOM   847  S SD   . MET A 1 104 ? 1.567   -13.194 10.013  1.00 38.79 ? 452 MET A SD   1 
ATOM   848  C CE   . MET A 1 104 ? 2.487   -12.388 11.341  1.00 21.33 ? 452 MET A CE   1 
ATOM   849  N N    . ARG A 1 105 ? -0.757  -12.116 4.916   1.00 13.61 ? 453 ARG A N    1 
ATOM   850  C CA   . ARG A 1 105 ? -1.404  -12.789 3.793   1.00 11.16 ? 453 ARG A CA   1 
ATOM   851  C C    . ARG A 1 105 ? -0.463  -12.951 2.597   1.00 12.19 ? 453 ARG A C    1 
ATOM   852  O O    . ARG A 1 105 ? -0.536  -13.958 1.869   1.00 15.38 ? 453 ARG A O    1 
ATOM   853  C CB   . ARG A 1 105 ? -2.649  -12.031 3.367   1.00 11.69 ? 453 ARG A CB   1 
ATOM   854  C CG   . ARG A 1 105 ? -3.494  -12.907 2.488   1.00 16.42 ? 453 ARG A CG   1 
ATOM   855  C CD   . ARG A 1 105 ? -4.864  -12.365 2.258   1.00 15.30 ? 453 ARG A CD   1 
ATOM   856  N NE   . ARG A 1 105 ? -5.468  -13.124 1.166   1.00 16.31 ? 453 ARG A NE   1 
ATOM   857  C CZ   . ARG A 1 105 ? -6.586  -12.774 0.556   1.00 19.41 ? 453 ARG A CZ   1 
ATOM   858  N NH1  . ARG A 1 105 ? -7.248  -11.685 0.911   1.00 13.56 ? 453 ARG A NH1  1 
ATOM   859  N NH2  . ARG A 1 105 ? -7.032  -13.517 -0.460  1.00 18.69 ? 453 ARG A NH2  1 
ATOM   860  N N    . PHE A 1 106 ? 0.410   -11.968 2.349   1.00 7.89  ? 454 PHE A N    1 
ATOM   861  C CA   . PHE A 1 106 ? 1.394   -12.138 1.289   1.00 9.88  ? 454 PHE A CA   1 
ATOM   862  C C    . PHE A 1 106 ? 2.292   -13.342 1.555   1.00 12.59 ? 454 PHE A C    1 
ATOM   863  O O    . PHE A 1 106 ? 2.714   -14.016 0.606   1.00 14.93 ? 454 PHE A O    1 
ATOM   864  C CB   . PHE A 1 106 ? 2.234   -10.866 1.130   1.00 9.44  ? 454 PHE A CB   1 
ATOM   865  C CG   . PHE A 1 106 ? 3.228   -10.938 0.007   1.00 11.63 ? 454 PHE A CG   1 
ATOM   866  C CD1  . PHE A 1 106 ? 2.804   -10.708 -1.293  1.00 13.59 ? 454 PHE A CD1  1 
ATOM   867  C CD2  . PHE A 1 106 ? 4.564   -11.216 0.233   1.00 17.37 ? 454 PHE A CD2  1 
ATOM   868  C CE1  . PHE A 1 106 ? 3.680   -10.759 -2.348  1.00 12.58 ? 454 PHE A CE1  1 
ATOM   869  C CE2  . PHE A 1 106 ? 5.456   -11.268 -0.829  1.00 18.16 ? 454 PHE A CE2  1 
ATOM   870  C CZ   . PHE A 1 106 ? 5.011   -11.045 -2.118  1.00 21.47 ? 454 PHE A CZ   1 
ATOM   871  N N    . ALA A 1 107 ? 2.586   -13.636 2.827   1.00 13.58 ? 455 ALA A N    1 
ATOM   872  C CA   . ALA A 1 107 ? 3.398   -14.784 3.201   1.00 13.61 ? 455 ALA A CA   1 
ATOM   873  C C    . ALA A 1 107 ? 2.758   -16.089 2.734   1.00 14.72 ? 455 ALA A C    1 
ATOM   874  O O    . ALA A 1 107 ? 3.474   -17.073 2.496   1.00 22.29 ? 455 ALA A O    1 
ATOM   875  C CB   . ALA A 1 107 ? 3.590   -14.761 4.732   1.00 12.30 ? 455 ALA A CB   1 
ATOM   876  N N    . LYS A 1 108 ? 1.428   -16.103 2.573   1.00 13.90 ? 456 LYS A N    1 
ATOM   877  C CA   . LYS A 1 108 ? 0.680   -17.298 2.193   1.00 19.45 ? 456 LYS A CA   1 
ATOM   878  C C    . LYS A 1 108 ? 0.570   -17.485 0.679   1.00 22.94 ? 456 LYS A C    1 
ATOM   879  O O    . LYS A 1 108 ? -0.190  -18.348 0.232   1.00 21.71 ? 456 LYS A O    1 
ATOM   880  C CB   . LYS A 1 108 ? -0.709  -17.255 2.822   1.00 17.64 ? 456 LYS A CB   1 
ATOM   881  C CG   . LYS A 1 108 ? -0.726  -17.145 4.340   1.00 22.24 ? 456 LYS A CG   1 
ATOM   882  C CD   . LYS A 1 108 ? -1.993  -17.761 4.891   1.00 30.90 ? 456 LYS A CD   1 
ATOM   883  C CE   . LYS A 1 108 ? -3.065  -16.750 5.186   1.00 34.21 ? 456 LYS A CE   1 
ATOM   884  N NZ   . LYS A 1 108 ? -3.447  -16.689 6.614   1.00 39.58 ? 456 LYS A NZ   1 
ATOM   885  N N    . MET A 1 109 ? 1.310   -16.701 -0.115  1.00 20.65 ? 457 MET A N    1 
ATOM   886  C CA   . MET A 1 109 ? 1.618   -16.976 -1.532  1.00 23.02 ? 457 MET A CA   1 
ATOM   887  C C    . MET A 1 109 ? 1.741   -18.439 -1.951  1.00 24.06 ? 457 MET A C    1 
ATOM   888  O O    . MET A 1 109 ? 2.605   -19.159 -1.437  1.00 27.38 ? 457 MET A O    1 
ATOM   889  C CB   . MET A 1 109 ? 2.942   -16.296 -1.922  1.00 25.41 ? 457 MET A CB   1 
ATOM   890  C CG   . MET A 1 109 ? 3.116   -15.809 -3.396  1.00 35.39 ? 457 MET A CG   1 
ATOM   891  S SD   . MET A 1 109 ? 2.041   -14.674 -4.283  1.00 30.25 ? 457 MET A SD   1 
ATOM   892  C CE   . MET A 1 109 ? 2.026   -13.261 -3.184  1.00 25.84 ? 457 MET A CE   1 
ATOM   893  N N    . PRO A 1 110 ? 0.962   -18.891 -2.938  1.00 25.75 ? 458 PRO A N    1 
ATOM   894  C CA   . PRO A 1 110 ? 1.347   -20.107 -3.679  1.00 32.08 ? 458 PRO A CA   1 
ATOM   895  C C    . PRO A 1 110 ? 2.727   -19.886 -4.284  1.00 31.67 ? 458 PRO A C    1 
ATOM   896  O O    . PRO A 1 110 ? 2.987   -18.844 -4.888  1.00 38.19 ? 458 PRO A O    1 
ATOM   897  C CB   . PRO A 1 110 ? 0.282   -20.230 -4.778  1.00 32.59 ? 458 PRO A CB   1 
ATOM   898  C CG   . PRO A 1 110 ? -0.716  -19.174 -4.558  1.00 25.59 ? 458 PRO A CG   1 
ATOM   899  C CD   . PRO A 1 110 ? -0.271  -18.261 -3.437  1.00 26.73 ? 458 PRO A CD   1 
ATOM   900  N N    . ASP A 1 111 ? 3.626   -20.862 -4.122  1.00 43.61 ? 459 ASP A N    1 
ATOM   901  C CA   . ASP A 1 111 ? 5.034   -20.632 -4.447  1.00 49.77 ? 459 ASP A CA   1 
ATOM   902  C C    . ASP A 1 111 ? 5.552   -21.542 -5.559  1.00 54.97 ? 459 ASP A C    1 
ATOM   903  O O    . ASP A 1 111 ? 6.740   -21.876 -5.584  1.00 57.59 ? 459 ASP A O    1 
ATOM   904  C CB   . ASP A 1 111 ? 5.910   -20.781 -3.202  1.00 46.81 ? 459 ASP A CB   1 
ATOM   905  C CG   . ASP A 1 111 ? 5.764   -22.138 -2.537  1.00 46.87 ? 459 ASP A CG   1 
ATOM   906  O OD1  . ASP A 1 111 ? 5.230   -23.071 -3.178  1.00 51.73 ? 459 ASP A OD1  1 
ATOM   907  O OD2  . ASP A 1 111 ? 6.184   -22.276 -1.369  1.00 43.30 ? 459 ASP A OD2  1 
ATOM   908  N N    . GLU A 1 112 ? 4.695   -21.928 -6.499  1.00 53.67 ? 460 GLU A N    1 
ATOM   909  C CA   . GLU A 1 112 ? 5.125   -22.795 -7.597  1.00 56.02 ? 460 GLU A CA   1 
ATOM   910  C C    . GLU A 1 112 ? 4.044   -22.966 -8.664  1.00 52.28 ? 460 GLU A C    1 
ATOM   911  O O    . GLU A 1 112 ? 2.991   -22.329 -8.612  1.00 57.91 ? 460 GLU A O    1 
ATOM   912  C CB   . GLU A 1 112 ? 5.545   -24.165 -7.051  1.00 51.90 ? 460 GLU A CB   1 
ATOM   913  C CG   . GLU A 1 112 ? 4.417   -24.923 -6.380  1.00 46.36 ? 460 GLU A CG   1 
ATOM   914  C CD   . GLU A 1 112 ? 4.843   -26.286 -5.875  1.00 36.73 ? 460 GLU A CD   1 
ATOM   915  O OE1  . GLU A 1 112 ? 6.056   -26.590 -5.904  1.00 48.20 ? 460 GLU A OE1  1 
ATOM   916  O OE2  . GLU A 1 112 ? 3.965   -27.044 -5.436  1.00 28.64 ? 460 GLU A OE2  1 
HETATM 917  C C10  . OWO B 2 .   ? -0.816  11.032  5.566   1.00 20.26 ? 501 OWO A C10  1 
HETATM 918  C C17  . OWO B 2 .   ? -1.779  9.298   4.165   1.00 12.09 ? 501 OWO A C17  1 
HETATM 919  C C20  . OWO B 2 .   ? -6.313  13.340  8.505   1.00 26.51 ? 501 OWO A C20  1 
HETATM 920  C C21  . OWO B 2 .   ? -6.601  14.535  7.597   1.00 31.80 ? 501 OWO A C21  1 
HETATM 921  C C24  . OWO B 2 .   ? -6.350  11.491  11.592  1.00 32.02 ? 501 OWO A C24  1 
HETATM 922  C C01  . OWO B 2 .   ? -4.996  9.977   9.399   1.00 22.78 ? 501 OWO A C01  1 
HETATM 923  C C02  . OWO B 2 .   ? -5.608  11.366  9.261   1.00 23.27 ? 501 OWO A C02  1 
HETATM 924  C C03  . OWO B 2 .   ? -5.636  12.178  8.137   1.00 21.49 ? 501 OWO A C03  1 
HETATM 925  C C04  . OWO B 2 .   ? -5.091  11.802  6.751   1.00 18.14 ? 501 OWO A C04  1 
HETATM 926  C C05  . OWO B 2 .   ? -5.955  11.874  5.688   1.00 18.99 ? 501 OWO A C05  1 
HETATM 927  C C06  . OWO B 2 .   ? -5.549  11.508  4.414   1.00 16.14 ? 501 OWO A C06  1 
HETATM 928  C C07  . OWO B 2 .   ? -4.271  11.043  4.185   1.00 21.75 ? 501 OWO A C07  1 
HETATM 929  C C08  . OWO B 2 .   ? -3.373  10.977  5.238   1.00 16.46 ? 501 OWO A C08  1 
HETATM 930  C C09  . OWO B 2 .   ? -1.965  10.434  4.974   1.00 18.30 ? 501 OWO A C09  1 
HETATM 931  C C12  . OWO B 2 .   ? 0.647   12.241  6.630   1.00 19.49 ? 501 OWO A C12  1 
HETATM 932  C C14  . OWO B 2 .   ? 0.405   10.501  5.315   1.00 14.66 ? 501 OWO A C14  1 
HETATM 933  C C16  . OWO B 2 .   ? -0.498  8.807   3.963   1.00 20.29 ? 501 OWO A C16  1 
HETATM 934  C C18  . OWO B 2 .   ? -3.799  11.332  6.529   1.00 17.35 ? 501 OWO A C18  1 
HETATM 935  F F19  . OWO B 2 .   ? -2.954  11.246  7.596   1.00 40.49 ? 501 OWO A F19  1 
HETATM 936  N N11  . OWO B 2 .   ? -0.658  12.115  6.369   1.00 16.57 ? 501 OWO A N11  1 
HETATM 937  N N13  . OWO B 2 .   ? 1.304   11.265  5.988   1.00 19.51 ? 501 OWO A N13  1 
HETATM 938  N N15  . OWO B 2 .   ? 0.541   9.393   4.538   1.00 18.33 ? 501 OWO A N15  1 
HETATM 939  N N22  . OWO B 2 .   ? -6.637  13.234  9.808   1.00 26.57 ? 501 OWO A N22  1 
HETATM 940  N N23  . OWO B 2 .   ? -6.193  12.009  10.239  1.00 26.91 ? 501 OWO A N23  1 
HETATM 941  H H171 . OWO B 2 .   ? -2.629  8.810   3.705   1.00 14.58 ? 501 OWO A H171 1 
HETATM 942  H H211 . OWO B 2 .   ? -6.897  15.386  8.202   1.00 38.24 ? 501 OWO A H211 1 
HETATM 943  H H213 . OWO B 2 .   ? -7.403  14.283  6.910   1.00 38.24 ? 501 OWO A H213 1 
HETATM 944  H H212 . OWO B 2 .   ? -5.707  14.785  7.033   1.00 38.24 ? 501 OWO A H212 1 
HETATM 945  H H241 . OWO B 2 .   ? -5.378  11.205  11.985  1.00 38.50 ? 501 OWO A H241 1 
HETATM 946  H H242 . OWO B 2 .   ? -7.003  10.622  11.572  1.00 38.50 ? 501 OWO A H242 1 
HETATM 947  H H243 . OWO B 2 .   ? -6.787  12.259  12.226  1.00 38.50 ? 501 OWO A H243 1 
HETATM 948  H H013 . OWO B 2 .   ? -4.138  10.024  10.065  1.00 27.41 ? 501 OWO A H013 1 
HETATM 949  H H011 . OWO B 2 .   ? -4.678  9.623   8.424   1.00 27.41 ? 501 OWO A H011 1 
HETATM 950  H H012 . OWO B 2 .   ? -5.735  9.294   9.810   1.00 27.41 ? 501 OWO A H012 1 
HETATM 951  H H051 . OWO B 2 .   ? -6.969  12.221  5.846   1.00 22.86 ? 501 OWO A H051 1 
HETATM 952  H H061 . OWO B 2 .   ? -6.243  11.589  3.588   1.00 19.44 ? 501 OWO A H061 1 
HETATM 953  H H071 . OWO B 2 .   ? -3.972  10.732  3.191   1.00 26.17 ? 501 OWO A H071 1 
HETATM 954  H H121 . OWO B 2 .   ? 1.098   13.004  7.254   1.00 23.46 ? 501 OWO A H121 1 
HETATM 955  H H161 . OWO B 2 .   ? -0.347  7.941   3.331   1.00 24.43 ? 501 OWO A H161 1 
HETATM 956  H H111 . OWO B 2 .   ? -1.388  12.713  6.706   1.00 19.95 ? 501 OWO A H111 1 
HETATM 957  O O    . HOH C 3 .   ? 6.239   -12.461 -8.352  1.00 42.17 ? 601 HOH A O    1 
HETATM 958  O O    . HOH C 3 .   ? -5.730  -16.019 -1.685  1.00 20.05 ? 602 HOH A O    1 
HETATM 959  O O    . HOH C 3 .   ? -4.613  -8.113  -21.319 1.00 32.03 ? 603 HOH A O    1 
HETATM 960  O O    . HOH C 3 .   ? 7.075   -28.625 -6.742  1.00 27.78 ? 604 HOH A O    1 
HETATM 961  O O    . HOH C 3 .   ? -14.860 -6.337  -6.206  1.00 35.35 ? 605 HOH A O    1 
HETATM 962  O O    . HOH C 3 .   ? 1.313   -9.157  -15.641 1.00 31.52 ? 606 HOH A O    1 
HETATM 963  O O    . HOH C 3 .   ? 7.842   -5.284  4.499   0.50 31.58 ? 607 HOH A O    1 
HETATM 964  O O    . HOH C 3 .   ? 7.943   -0.114  -6.207  1.00 24.57 ? 608 HOH A O    1 
HETATM 965  O O    . HOH C 3 .   ? -11.762 -3.078  -4.631  1.00 35.22 ? 609 HOH A O    1 
HETATM 966  O O    . HOH C 3 .   ? 9.667   19.997  -4.423  1.00 34.45 ? 610 HOH A O    1 
HETATM 967  O O    . HOH C 3 .   ? -10.071 -1.017  3.676   1.00 13.97 ? 611 HOH A O    1 
HETATM 968  O O    . HOH C 3 .   ? -14.936 -0.970  8.984   1.00 28.39 ? 612 HOH A O    1 
HETATM 969  O O    . HOH C 3 .   ? 13.315  18.952  -3.026  1.00 24.78 ? 613 HOH A O    1 
HETATM 970  O O    . HOH C 3 .   ? 3.054   8.733   3.293   1.00 14.66 ? 614 HOH A O    1 
HETATM 971  O O    . HOH C 3 .   ? 8.241   7.248   11.545  1.00 26.47 ? 615 HOH A O    1 
HETATM 972  O O    . HOH C 3 .   ? 2.203   6.367   1.771   1.00 21.20 ? 616 HOH A O    1 
HETATM 973  O O    . HOH C 3 .   ? -12.416 -4.560  -1.778  1.00 27.18 ? 617 HOH A O    1 
HETATM 974  O O    . HOH C 3 .   ? -0.463  -20.009 -12.408 1.00 35.80 ? 618 HOH A O    1 
HETATM 975  O O    . HOH C 3 .   ? 5.031   -11.164 3.906   1.00 18.79 ? 619 HOH A O    1 
HETATM 976  O O    . HOH C 3 .   ? -1.553  11.946  15.380  1.00 32.72 ? 620 HOH A O    1 
HETATM 977  O O    . HOH C 3 .   ? 5.774   6.882   -7.373  1.00 30.11 ? 621 HOH A O    1 
HETATM 978  O O    . HOH C 3 .   ? 7.507   17.648  8.187   1.00 21.93 ? 622 HOH A O    1 
HETATM 979  O O    . HOH C 3 .   ? -0.573  7.068   17.816  1.00 33.69 ? 623 HOH A O    1 
HETATM 980  O O    . HOH C 3 .   ? 9.929   5.292   1.034   1.00 23.14 ? 624 HOH A O    1 
HETATM 981  O O    . HOH C 3 .   ? 4.769   -13.607 -9.642  1.00 23.61 ? 625 HOH A O    1 
HETATM 982  O O    . HOH C 3 .   ? 6.446   -1.319  -10.524 1.00 26.02 ? 626 HOH A O    1 
HETATM 983  O O    . HOH C 3 .   ? -0.469  0.326   15.173  1.00 24.54 ? 627 HOH A O    1 
HETATM 984  O O    . HOH C 3 .   ? 2.938   8.008   -0.641  1.00 14.10 ? 628 HOH A O    1 
HETATM 985  O O    . HOH C 3 .   ? 1.797   -7.696  -17.991 1.00 27.53 ? 629 HOH A O    1 
HETATM 986  O O    . HOH C 3 .   ? 6.373   2.206   -8.447  1.00 26.15 ? 630 HOH A O    1 
HETATM 987  O O    . HOH C 3 .   ? 0.311   8.012   -4.732  1.00 22.05 ? 631 HOH A O    1 
HETATM 988  O O    . HOH C 3 .   ? 7.856   -20.683 0.091   1.00 27.08 ? 632 HOH A O    1 
HETATM 989  O O    . HOH C 3 .   ? 3.431   -3.662  10.785  1.00 31.54 ? 633 HOH A O    1 
HETATM 990  O O    . HOH C 3 .   ? 6.481   15.367  9.049   1.00 31.87 ? 634 HOH A O    1 
HETATM 991  O O    . HOH C 3 .   ? 9.526   7.628   -1.861  1.00 17.05 ? 635 HOH A O    1 
HETATM 992  O O    . HOH C 3 .   ? 2.085   5.375   15.851  1.00 30.02 ? 636 HOH A O    1 
HETATM 993  O O    . HOH C 3 .   ? -8.859  3.370   -3.381  1.00 28.54 ? 637 HOH A O    1 
HETATM 994  O O    . HOH C 3 .   ? -9.706  7.983   1.915   1.00 34.12 ? 638 HOH A O    1 
HETATM 995  O O    . HOH C 3 .   ? 7.056   13.352  -4.994  1.00 17.08 ? 639 HOH A O    1 
HETATM 996  O O    . HOH C 3 .   ? -2.347  7.876   0.808   1.00 13.25 ? 640 HOH A O    1 
HETATM 997  O O    . HOH C 3 .   ? 14.316  16.940  -1.940  1.00 30.85 ? 641 HOH A O    1 
HETATM 998  O O    . HOH C 3 .   ? 4.035   -10.337 -18.562 1.00 32.64 ? 642 HOH A O    1 
HETATM 999  O O    . HOH C 3 .   ? 1.959   22.240  -1.568  1.00 31.63 ? 643 HOH A O    1 
HETATM 1000 O O    . HOH C 3 .   ? 9.919   -7.809  -10.247 1.00 28.04 ? 644 HOH A O    1 
HETATM 1001 O O    . HOH C 3 .   ? 9.878   0.229   0.667   1.00 14.75 ? 645 HOH A O    1 
HETATM 1002 O O    . HOH C 3 .   ? -11.944 -1.476  9.986   1.00 17.77 ? 646 HOH A O    1 
HETATM 1003 O O    . HOH C 3 .   ? -3.627  -10.972 6.977   1.00 17.04 ? 647 HOH A O    1 
HETATM 1004 O O    . HOH C 3 .   ? -0.262  6.261   0.710   1.00 19.97 ? 648 HOH A O    1 
HETATM 1005 O O    . HOH C 3 .   ? 6.312   -0.389  -15.781 1.00 22.59 ? 649 HOH A O    1 
HETATM 1006 O O    . HOH C 3 .   ? -10.988 5.469   11.593  1.00 34.22 ? 650 HOH A O    1 
HETATM 1007 O O    . HOH C 3 .   ? 0.916   11.832  -3.346  1.00 16.38 ? 651 HOH A O    1 
HETATM 1008 O O    . HOH C 3 .   ? 8.887   -12.871 -19.756 1.00 31.66 ? 652 HOH A O    1 
HETATM 1009 O O    . HOH C 3 .   ? 9.523   -1.237  -1.468  1.00 18.65 ? 653 HOH A O    1 
HETATM 1010 O O    . HOH C 3 .   ? 6.717   19.380  -1.525  1.00 25.57 ? 654 HOH A O    1 
HETATM 1011 O O    . HOH C 3 .   ? -3.137  -13.846 6.791   1.00 28.58 ? 655 HOH A O    1 
HETATM 1012 O O    . HOH C 3 .   ? 7.338   -2.176  -8.030  1.00 19.07 ? 656 HOH A O    1 
HETATM 1013 O O    . HOH C 3 .   ? 8.297   -9.086  5.052   1.00 22.86 ? 657 HOH A O    1 
HETATM 1014 O O    . HOH C 3 .   ? -5.904  12.550  -3.634  1.00 30.49 ? 658 HOH A O    1 
HETATM 1015 O O    . HOH C 3 .   ? 9.779   -7.940  -15.620 1.00 30.55 ? 659 HOH A O    1 
HETATM 1016 O O    . HOH C 3 .   ? -4.710  12.820  1.054   1.00 27.00 ? 660 HOH A O    1 
HETATM 1017 O O    . HOH C 3 .   ? -6.027  -10.960 7.055   1.00 27.86 ? 661 HOH A O    1 
HETATM 1018 O O    . HOH C 3 .   ? 0.644   9.256   -2.316  1.00 16.62 ? 662 HOH A O    1 
HETATM 1019 O O    . HOH C 3 .   ? -6.664  8.290   0.994   1.00 25.90 ? 663 HOH A O    1 
HETATM 1020 O O    . HOH C 3 .   ? -0.732  -6.937  -13.150 1.00 24.95 ? 664 HOH A O    1 
HETATM 1021 O O    . HOH C 3 .   ? -1.560  11.156  11.894  1.00 22.46 ? 665 HOH A O    1 
HETATM 1022 O O    . HOH C 3 .   ? 4.428   -23.931 0.371   1.00 34.13 ? 666 HOH A O    1 
HETATM 1023 O O    . HOH C 3 .   ? 0.716   -16.441 7.177   1.00 29.73 ? 667 HOH A O    1 
HETATM 1024 O O    . HOH C 3 .   ? 5.486   -14.636 -0.321  1.00 21.98 ? 668 HOH A O    1 
HETATM 1025 O O    . HOH C 3 .   ? 3.002   -11.474 -16.086 1.00 33.21 ? 669 HOH A O    1 
HETATM 1026 O O    . HOH C 3 .   ? 4.714   -12.195 -20.274 1.00 36.00 ? 670 HOH A O    1 
HETATM 1027 O O    . HOH C 3 .   ? 4.552   18.872  -0.844  1.00 25.03 ? 671 HOH A O    1 
HETATM 1028 O O    . HOH C 3 .   ? 10.792  10.008  10.414  1.00 39.18 ? 672 HOH A O    1 
HETATM 1029 O O    . HOH C 3 .   ? -5.119  -14.302 5.377   1.00 33.82 ? 673 HOH A O    1 
HETATM 1030 O O    . HOH C 3 .   ? 10.239  -5.787  -1.383  0.50 5.92  ? 674 HOH A O    1 
HETATM 1031 O O    . HOH C 3 .   ? 9.408   -1.877  -12.579 1.00 29.27 ? 675 HOH A O    1 
HETATM 1032 O O    . HOH C 3 .   ? -7.451  -5.376  -9.855  1.00 32.37 ? 676 HOH A O    1 
HETATM 1033 O O    . HOH C 3 .   ? 8.165   15.162  -6.355  1.00 38.94 ? 677 HOH A O    1 
HETATM 1034 O O    . HOH C 3 .   ? -5.275  22.269  -2.515  1.00 34.27 ? 678 HOH A O    1 
HETATM 1035 O O    . HOH C 3 .   ? 11.170  2.635   0.335   1.00 30.84 ? 679 HOH A O    1 
HETATM 1036 O O    . HOH C 3 .   ? 7.108   -14.556 -10.882 1.00 35.95 ? 680 HOH A O    1 
HETATM 1037 O O    . HOH C 3 .   ? 10.873  7.090   12.512  1.00 30.68 ? 681 HOH A O    1 
HETATM 1038 O O    . HOH C 3 .   ? -7.955  21.163  -1.793  1.00 34.65 ? 682 HOH A O    1 
HETATM 1039 O O    . HOH C 3 .   ? -12.209 -8.392  3.188   1.00 26.00 ? 683 HOH A O    1 
HETATM 1040 O O    . HOH C 3 .   ? 0.752   9.472   -6.950  1.00 30.69 ? 684 HOH A O    1 
HETATM 1041 O O    . HOH C 3 .   ? 0.975   11.830  -5.937  1.00 27.05 ? 685 HOH A O    1 
HETATM 1042 O O    . HOH C 3 .   ? -10.094 20.138  2.158   1.00 38.71 ? 686 HOH A O    1 
# 
